data_7M74
#
_entry.id   7M74
#
_cell.length_a   1.00
_cell.length_b   1.00
_cell.length_c   1.00
_cell.angle_alpha   90.00
_cell.angle_beta   90.00
_cell.angle_gamma   90.00
#
_symmetry.space_group_name_H-M   'P 1'
#
loop_
_entity.id
_entity.type
_entity.pdbx_description
1 polymer "5'-AMP-activated protein kinase catalytic subunit alpha-1"
2 polymer "5'-AMP-activated protein kinase subunit beta-2"
3 polymer "5'-AMP-activated protein kinase subunit gamma-1"
4 polymer 'Maltose/maltodextrin ABC transporter substrate-binding protein MalE'
5 polymer 'Fab light chain'
6 polymer 'Fab heavy chain'
7 polymer Nanobody
8 branched alpha-D-glucopyranose-(1-4)-alpha-D-glucopyranose
9 non-polymer 6-[4-(2-piperidin-1-ylethoxy)phenyl]-3-pyridin-4-ylpyrazolo[1,5-a]pyrimidine
10 non-polymer "ADENOSINE-5'-TRIPHOSPHATE"
11 non-polymer "ADENOSINE-5'-DIPHOSPHATE"
12 non-polymer 'ADENOSINE MONOPHOSPHATE'
#
loop_
_entity_poly.entity_id
_entity_poly.type
_entity_poly.pdbx_seq_one_letter_code
_entity_poly.pdbx_strand_id
1 'polypeptide(L)'
;VKIGHYILGDTLGVGTFGKVKVGKHELTGHKVAVKILNRQKIRSLDVVGKIRREIQNLKLFRHPHIIKLYQVISTPSDIF
MVMEYVSGGELFDYICKNGRLDEKESRRLFQQILSGVDYCHRHMVVHRDLKPENVLLDAHMNAKIADFGLSNMMSDGEFL
RTSCGSPNYAAPEVISGRLYAGPEVDIWSSGVILYALLCGTLPFDDDHVPTLFKKICDGIFYTPQYLNPSVISLLKHMLQ
VDPMKRATIKDIREHEWFKQDLPKYLFPEDPSYSSTMIDDEALKEVCEKFECSEEEVLSCLYNRNHQDPLAVAYHLIIDN
RRIMNEAKDFYLATSPPDSFLDDHHLTRPHPERVPFLVAETPRARHTLDELNPQKSKHQGVRKAKWHLGIRSQSRPNDIM
AEVCRAIKQLDYEWKVVNPYYLRVRRKNPVTSTYSKMSLQLYQVDSRTYLLDFRSIDDELTPRPGSHTIEFFEMCANLIK
ILAQ
;
A
2 'polypeptide(L)'
;MARPTVIRWSEGGKEVFISGSFNNWSTKIPLIKSHNDFVAILDLPEGEHQYKFFVDGQWVHDPSEPVVTSQLGTINNLIH
VKKSDFEVFDALKLDSMESSETSCRDLSSSPPGPYGQEMYAFRSAARFKSPPILPPHLLQVILNKDTNISCDPALLPEPN
HVMLNHLYALSIKDSVMVLSATHRYKKKYVTTLLYKPI
;
B
3 'polypeptide(L)'
;MGSNNSVYTSFMKSHRCYDLIPTSSKLVVFDTSLQVKKAFFALVTNGVRAAPLWDSKKQSFVGMLTITDFINILHRYYKS
ALVQIYELEEHKIETWREVYLQDSFKPLVCISPNASLFDAVSSLIRNKIHRLPVIDPESGNTLYILTHKRILKFLKLFIT
EFPKPEFMSKSLEELQIGTYANIAMVRTTTPVYVALGIFVQHRVSALPVVDEKGRVVDIYSKFDVINLAAEKTYNNLDVS
VTKALQHRSHYFEGVLKCYLHETLETIINRLVEAEVHRLVVVDENDVVKGIVSLSDILQALVLTGG
;
G
4 'polypeptide(L)'
;MAKIEEGKLVIWINGDKGYNGLAEVGKKFEKDTGIKVTVEHPDKLEEKFPQVAATGDGPDIIFWAHDRFGGYAQSGLLAE
ITPAAAFQDKLYPFTWDAVRYNGKLIAYPIAVEALSLIYNKDLLPNPPKTWEEIPALDKELKAKGKSALMFNLQEPYFTW
PLIAADGGYAFKYENGKYDIKDVGVDNAGAKAGLTFLVDLIKNKHMNADTDYSIAEAAFNKGETAMTINGPWAWSNIDTS
AVNYGVTVLPTFKGQPSKPFVGVLSAGINAASPNKELAKEFLENYLLTDEGLEAVNKDKPLGAVALKSYEEELAKDPRIA
ATMENAQKGEIMPNIPQMSAFWYAVRTAVINAASGRQTVDEALKDAQTNAAEF
;
M
5 'polypeptide(L)'
;QMTQSPSSLSASVGDRVTITCRASQSVSSAVAWYQQKPGKAPKLLIYSASSLYSGVPSRFSGSRSGTDFTLTISSLQPED
FATYYCQQSSSGPITFGQGTKVEIKRTVAAPSVFIFPPSDSQLKSGTASVVCLLNNFYPREAKVQWKVDNALQSGNSQES
VTEQDSKDSTYSLSSTLTLSKADYEKHKVYACEVTHQGLSSPVTKSFNRGE
;
L
6 'polypeptide(L)'
;EVQLVESGGGLVQPGGSLRLSCAASGFNIYYYSIHWVRQAPGKGLEWVASIYPYSGSTSYADSVKGRFTISADTSKNTAY
LQMNSLRAEDTAVYYCARYYPYFISYYSKMEAMDYWGQGTLVTVSSASTKGPSVFPLAPSSKSTSGGTAALGCLVKDYFP
EPVTVSWNSGALTSGVHTFPAVLQSSGLYSLSSVVTVPSSSLGTQTYICNVNHKPSNTKVDKKVEPKS
;
H
7 'polypeptide(L)'
;QVQLQESGGGLVQPGGSLRLSCAASGRTISRYAMSWFRQAPGKEREFVAVARRSGDGAFYADSVQGRFTVSRDDAKNTVY
LQMNSLKPEDTAVYYCAIDSDTFYSGSYDYWGQGTQVTVS
;
N
#
# COMPACT_ATOMS: atom_id res chain seq x y z
N VAL A 1 -20.80 5.82 17.17
CA VAL A 1 -21.80 5.52 16.15
C VAL A 1 -21.80 6.54 15.00
N LYS A 2 -20.70 7.23 14.80
CA LYS A 2 -20.60 8.24 13.75
C LYS A 2 -19.27 8.09 13.02
N ILE A 3 -19.34 7.71 11.74
CA ILE A 3 -18.17 7.63 10.87
C ILE A 3 -18.47 8.40 9.59
N GLY A 4 -17.59 9.34 9.26
CA GLY A 4 -17.78 10.21 8.11
C GLY A 4 -18.99 11.10 8.21
N HIS A 5 -20.01 10.80 7.39
CA HIS A 5 -21.30 11.45 7.46
C HIS A 5 -22.41 10.42 7.68
N TYR A 6 -22.07 9.30 8.32
CA TYR A 6 -22.98 8.18 8.48
C TYR A 6 -23.20 7.93 9.96
N ILE A 7 -24.46 7.96 10.40
CA ILE A 7 -24.82 7.48 11.72
C ILE A 7 -25.07 5.98 11.64
N LEU A 8 -24.98 5.30 12.78
CA LEU A 8 -25.12 3.85 12.83
C LEU A 8 -26.45 3.46 13.47
N GLY A 9 -26.83 2.20 13.24
CA GLY A 9 -28.08 1.68 13.75
C GLY A 9 -27.95 0.32 14.39
N ASP A 10 -28.73 -0.65 13.93
CA ASP A 10 -28.76 -1.98 14.52
C ASP A 10 -27.62 -2.84 13.96
N THR A 11 -27.65 -4.12 14.27
CA THR A 11 -26.62 -5.07 13.86
C THR A 11 -27.19 -5.99 12.78
N LEU A 12 -26.53 -6.03 11.62
CA LEU A 12 -27.02 -6.85 10.51
C LEU A 12 -26.78 -8.34 10.77
N GLY A 13 -25.57 -8.69 11.21
CA GLY A 13 -25.26 -10.09 11.47
C GLY A 13 -24.05 -10.20 12.38
N VAL A 14 -23.70 -11.45 12.69
CA VAL A 14 -22.59 -11.75 13.59
C VAL A 14 -21.47 -12.39 12.79
N GLY A 15 -20.28 -11.82 12.91
CA GLY A 15 -19.09 -12.34 12.25
C GLY A 15 -18.01 -12.68 13.26
N THR A 16 -17.29 -13.78 13.01
CA THR A 16 -16.20 -14.17 13.90
C THR A 16 -15.08 -13.14 13.94
N PHE A 17 -14.82 -12.47 12.81
CA PHE A 17 -13.84 -11.39 12.80
C PHE A 17 -14.38 -10.16 13.52
N GLY A 18 -15.59 -9.75 13.18
CA GLY A 18 -16.19 -8.59 13.80
C GLY A 18 -17.66 -8.49 13.49
N LYS A 19 -18.36 -7.66 14.27
CA LYS A 19 -19.79 -7.46 14.10
C LYS A 19 -20.05 -6.51 12.95
N VAL A 20 -20.99 -6.88 12.07
CA VAL A 20 -21.37 -6.08 10.92
C VAL A 20 -22.61 -5.28 11.28
N LYS A 21 -22.52 -3.96 11.16
CA LYS A 21 -23.64 -3.07 11.44
C LYS A 21 -24.01 -2.27 10.20
N VAL A 22 -25.21 -1.70 10.22
CA VAL A 22 -25.73 -0.90 9.11
C VAL A 22 -25.55 0.58 9.45
N GLY A 23 -25.19 1.38 8.45
CA GLY A 23 -25.07 2.81 8.60
C GLY A 23 -25.97 3.54 7.63
N LYS A 24 -26.45 4.71 8.06
CA LYS A 24 -27.36 5.52 7.26
C LYS A 24 -26.82 6.93 7.12
N HIS A 25 -26.88 7.46 5.91
CA HIS A 25 -26.46 8.83 5.67
C HIS A 25 -27.51 9.80 6.21
N GLU A 26 -27.05 10.87 6.88
CA GLU A 26 -27.96 11.75 7.60
C GLU A 26 -28.76 12.66 6.68
N LEU A 27 -28.32 12.86 5.44
CA LEU A 27 -29.01 13.73 4.50
C LEU A 27 -29.72 12.96 3.40
N THR A 28 -29.00 12.13 2.65
CA THR A 28 -29.60 11.41 1.53
C THR A 28 -30.41 10.21 2.02
N GLY A 29 -29.94 9.51 3.04
CA GLY A 29 -30.58 8.29 3.49
C GLY A 29 -30.03 7.02 2.88
N HIS A 30 -28.90 7.09 2.19
CA HIS A 30 -28.29 5.91 1.60
C HIS A 30 -27.74 5.00 2.68
N LYS A 31 -27.86 3.68 2.45
CA LYS A 31 -27.47 2.68 3.43
C LYS A 31 -26.10 2.11 3.08
N VAL A 32 -25.19 2.14 4.04
CA VAL A 32 -23.83 1.63 3.88
C VAL A 32 -23.56 0.66 5.02
N ALA A 33 -23.17 -0.56 4.70
CA ALA A 33 -22.93 -1.61 5.68
C ALA A 33 -21.45 -1.64 6.04
N VAL A 34 -21.14 -1.35 7.28
CA VAL A 34 -19.75 -1.26 7.75
C VAL A 34 -19.45 -2.46 8.65
N LYS A 35 -18.35 -3.15 8.36
CA LYS A 35 -17.84 -4.19 9.23
C LYS A 35 -16.92 -3.57 10.27
N ILE A 36 -17.13 -3.92 11.53
CA ILE A 36 -16.41 -3.32 12.64
C ILE A 36 -15.56 -4.42 13.28
N LEU A 37 -14.24 -4.30 13.18
CA LEU A 37 -13.33 -5.30 13.70
C LEU A 37 -12.77 -4.86 15.04
N ASN A 38 -12.78 -5.75 16.01
CA ASN A 38 -12.30 -5.45 17.36
C ASN A 38 -10.78 -5.66 17.38
N ARG A 39 -10.04 -4.57 17.63
CA ARG A 39 -8.58 -4.63 17.67
C ARG A 39 -8.09 -5.43 18.87
N GLN A 40 -8.81 -5.36 19.99
CA GLN A 40 -8.41 -6.07 21.21
C GLN A 40 -8.47 -7.59 21.05
N LYS A 41 -9.30 -8.08 20.12
CA LYS A 41 -9.38 -9.51 19.90
C LYS A 41 -8.17 -10.03 19.11
N ILE A 42 -7.97 -9.51 17.89
CA ILE A 42 -6.92 -9.99 17.00
C ILE A 42 -6.18 -8.78 16.43
N ARG A 43 -4.86 -8.74 16.64
CA ARG A 43 -4.00 -7.77 15.96
C ARG A 43 -2.61 -8.38 15.85
N SER A 44 -2.20 -8.72 14.62
CA SER A 44 -0.89 -9.29 14.41
C SER A 44 0.21 -8.25 14.57
N LEU A 45 0.09 -7.12 13.87
CA LEU A 45 1.12 -6.09 13.88
C LEU A 45 0.45 -4.73 14.06
N ASP A 46 1.20 -3.81 14.66
CA ASP A 46 0.73 -2.46 14.95
C ASP A 46 1.39 -1.43 14.04
N VAL A 47 2.11 -1.86 13.01
CA VAL A 47 2.80 -0.95 12.12
C VAL A 47 1.79 -0.27 11.19
N VAL A 48 1.85 1.05 11.11
CA VAL A 48 0.93 1.81 10.26
C VAL A 48 1.25 1.65 8.78
N GLY A 49 2.50 1.26 8.44
CA GLY A 49 2.84 1.06 7.05
C GLY A 49 2.13 -0.11 6.41
N LYS A 50 1.92 -1.18 7.18
CA LYS A 50 1.12 -2.31 6.69
C LYS A 50 -0.34 -1.91 6.51
N ILE A 51 -0.86 -1.02 7.36
CA ILE A 51 -2.20 -0.48 7.17
C ILE A 51 -2.27 0.34 5.88
N ARG A 52 -1.21 1.12 5.60
CA ARG A 52 -1.14 1.89 4.36
C ARG A 52 -1.09 0.98 3.13
N ARG A 53 -0.34 -0.12 3.22
CA ARG A 53 -0.33 -1.10 2.13
C ARG A 53 -1.67 -1.79 1.97
N GLU A 54 -2.39 -2.03 3.06
CA GLU A 54 -3.73 -2.60 2.99
C GLU A 54 -4.72 -1.65 2.32
N ILE A 55 -4.62 -0.35 2.64
CA ILE A 55 -5.46 0.67 2.02
C ILE A 55 -5.14 0.79 0.53
N GLN A 56 -3.86 0.69 0.17
CA GLN A 56 -3.46 0.73 -1.23
C GLN A 56 -3.92 -0.52 -1.98
N ASN A 57 -3.94 -1.67 -1.31
CA ASN A 57 -4.22 -2.93 -2.00
C ASN A 57 -5.73 -3.14 -2.19
N LEU A 58 -6.52 -3.01 -1.12
CA LEU A 58 -7.89 -3.50 -1.16
C LEU A 58 -8.85 -2.61 -1.96
N LYS A 59 -8.52 -1.33 -2.16
CA LYS A 59 -9.45 -0.43 -2.82
C LYS A 59 -9.54 -0.65 -4.33
N LEU A 60 -8.47 -1.15 -4.95
CA LEU A 60 -8.38 -1.25 -6.40
C LEU A 60 -9.04 -2.49 -6.98
N PHE A 61 -9.80 -3.24 -6.19
CA PHE A 61 -10.44 -4.49 -6.63
C PHE A 61 -11.91 -4.22 -6.91
N ARG A 62 -12.21 -3.83 -8.14
CA ARG A 62 -13.56 -3.52 -8.58
C ARG A 62 -14.10 -4.64 -9.47
N HIS A 63 -15.27 -5.17 -9.12
CA HIS A 63 -15.92 -6.23 -9.86
C HIS A 63 -17.43 -6.11 -9.67
N PRO A 64 -18.23 -6.34 -10.71
CA PRO A 64 -19.69 -6.15 -10.59
C PRO A 64 -20.41 -7.19 -9.73
N HIS A 65 -19.72 -8.22 -9.24
CA HIS A 65 -20.32 -9.19 -8.34
C HIS A 65 -19.52 -9.38 -7.06
N ILE A 66 -18.43 -8.64 -6.88
CA ILE A 66 -17.70 -8.58 -5.62
C ILE A 66 -18.11 -7.28 -4.93
N ILE A 67 -18.39 -7.35 -3.64
CA ILE A 67 -18.76 -6.17 -2.86
C ILE A 67 -17.58 -5.22 -2.78
N LYS A 68 -17.78 -4.01 -3.31
CA LYS A 68 -16.71 -3.03 -3.40
C LYS A 68 -16.42 -2.41 -2.04
N LEU A 69 -15.14 -2.17 -1.77
CA LEU A 69 -14.70 -1.51 -0.55
C LEU A 69 -14.51 -0.02 -0.82
N TYR A 70 -15.05 0.82 0.05
CA TYR A 70 -15.03 2.26 -0.18
C TYR A 70 -13.80 2.92 0.45
N GLN A 71 -13.66 2.80 1.77
CA GLN A 71 -12.47 3.29 2.45
C GLN A 71 -12.29 2.51 3.74
N VAL A 72 -11.08 2.60 4.30
CA VAL A 72 -10.73 1.94 5.55
C VAL A 72 -10.45 3.04 6.56
N ILE A 73 -11.37 3.22 7.50
CA ILE A 73 -11.26 4.26 8.51
C ILE A 73 -10.48 3.69 9.70
N SER A 74 -9.38 4.35 10.04
CA SER A 74 -8.56 3.94 11.17
C SER A 74 -9.12 4.51 12.47
N THR A 75 -8.92 3.76 13.56
CA THR A 75 -9.46 4.09 14.87
C THR A 75 -8.56 3.42 15.89
N PRO A 76 -8.21 4.10 16.99
CA PRO A 76 -7.41 3.45 18.04
C PRO A 76 -8.11 2.29 18.75
N SER A 77 -9.45 2.24 18.72
CA SER A 77 -10.18 1.15 19.38
C SER A 77 -10.58 0.04 18.42
N ASP A 78 -11.04 0.36 17.22
CA ASP A 78 -11.54 -0.66 16.29
C ASP A 78 -10.95 -0.49 14.90
N ILE A 79 -11.45 -1.28 13.95
CA ILE A 79 -11.10 -1.19 12.53
C ILE A 79 -12.39 -1.12 11.74
N PHE A 80 -12.57 -0.06 10.97
CA PHE A 80 -13.79 0.17 10.21
C PHE A 80 -13.53 0.03 8.71
N MET A 81 -14.40 -0.70 8.03
CA MET A 81 -14.38 -0.80 6.57
C MET A 81 -15.81 -0.70 6.07
N VAL A 82 -16.08 0.28 5.23
CA VAL A 82 -17.43 0.59 4.77
C VAL A 82 -17.66 -0.11 3.43
N MET A 83 -18.43 -1.19 3.47
CA MET A 83 -18.86 -1.92 2.28
C MET A 83 -20.25 -1.47 1.84
N GLU A 84 -20.64 -1.88 0.64
CA GLU A 84 -21.97 -1.53 0.16
C GLU A 84 -23.02 -2.42 0.81
N TYR A 85 -24.25 -1.94 0.79
CA TYR A 85 -25.37 -2.60 1.45
C TYR A 85 -26.29 -3.25 0.41
N VAL A 86 -26.82 -4.42 0.75
CA VAL A 86 -27.77 -5.14 -0.10
C VAL A 86 -29.01 -5.46 0.73
N SER A 87 -30.15 -5.51 0.04
CA SER A 87 -31.44 -5.70 0.69
C SER A 87 -32.00 -7.11 0.53
N GLY A 88 -31.20 -8.06 0.07
CA GLY A 88 -31.69 -9.40 -0.17
C GLY A 88 -31.31 -10.42 0.88
N GLY A 89 -30.33 -10.07 1.73
CA GLY A 89 -29.92 -10.96 2.79
C GLY A 89 -28.97 -12.06 2.32
N GLU A 90 -28.67 -12.96 3.25
CA GLU A 90 -27.75 -14.05 2.99
C GLU A 90 -28.41 -15.12 2.11
N LEU A 91 -27.56 -15.91 1.46
CA LEU A 91 -28.06 -16.99 0.61
C LEU A 91 -28.64 -18.13 1.45
N PHE A 92 -28.05 -18.41 2.60
CA PHE A 92 -28.52 -19.51 3.45
C PHE A 92 -29.89 -19.21 4.05
N ASP A 93 -30.16 -17.95 4.37
CA ASP A 93 -31.50 -17.56 4.81
C ASP A 93 -32.51 -17.69 3.68
N TYR A 94 -32.09 -17.43 2.43
CA TYR A 94 -32.96 -17.61 1.28
C TYR A 94 -33.26 -19.08 1.04
N ILE A 95 -32.28 -19.95 1.25
CA ILE A 95 -32.46 -21.39 1.13
C ILE A 95 -33.40 -21.90 2.23
N CYS A 96 -33.22 -21.43 3.46
CA CYS A 96 -34.11 -21.82 4.55
C CYS A 96 -35.52 -21.26 4.37
N LYS A 97 -35.66 -20.13 3.68
CA LYS A 97 -36.97 -19.54 3.46
C LYS A 97 -37.73 -20.26 2.33
N ASN A 98 -37.06 -20.55 1.21
CA ASN A 98 -37.76 -21.03 0.03
C ASN A 98 -37.48 -22.49 -0.31
N GLY A 99 -36.54 -23.14 0.37
CA GLY A 99 -36.30 -24.56 0.13
C GLY A 99 -35.63 -24.81 -1.22
N ARG A 100 -36.24 -25.72 -1.98
CA ARG A 100 -35.72 -26.08 -3.30
C ARG A 100 -35.89 -24.93 -4.28
N LEU A 101 -34.92 -24.78 -5.18
CA LEU A 101 -34.91 -23.73 -6.17
C LEU A 101 -34.85 -24.33 -7.57
N ASP A 102 -35.23 -23.52 -8.56
CA ASP A 102 -35.15 -23.90 -9.96
C ASP A 102 -33.69 -24.00 -10.39
N GLU A 103 -33.44 -24.88 -11.37
CA GLU A 103 -32.09 -25.06 -11.89
C GLU A 103 -31.59 -23.84 -12.65
N LYS A 104 -32.49 -23.15 -13.36
CA LYS A 104 -32.11 -22.00 -14.16
C LYS A 104 -31.72 -20.79 -13.30
N GLU A 105 -32.21 -20.71 -12.07
CA GLU A 105 -31.76 -19.68 -11.14
C GLU A 105 -30.50 -20.08 -10.38
N SER A 106 -30.36 -21.38 -10.08
CA SER A 106 -29.17 -21.86 -9.40
C SER A 106 -27.94 -21.75 -10.29
N ARG A 107 -28.10 -22.02 -11.60
CA ARG A 107 -26.97 -21.83 -12.52
C ARG A 107 -26.64 -20.34 -12.68
N ARG A 108 -27.65 -19.46 -12.60
CA ARG A 108 -27.40 -18.02 -12.73
C ARG A 108 -26.66 -17.49 -11.51
N LEU A 109 -26.96 -18.03 -10.33
CA LEU A 109 -26.20 -17.66 -9.14
C LEU A 109 -24.80 -18.27 -9.16
N PHE A 110 -24.69 -19.50 -9.67
CA PHE A 110 -23.41 -20.22 -9.65
C PHE A 110 -22.41 -19.61 -10.62
N GLN A 111 -22.88 -19.14 -11.79
CA GLN A 111 -21.99 -18.48 -12.74
C GLN A 111 -21.45 -17.17 -12.19
N GLN A 112 -22.28 -16.42 -11.44
CA GLN A 112 -21.81 -15.17 -10.85
C GLN A 112 -20.84 -15.41 -9.71
N ILE A 113 -21.09 -16.46 -8.90
CA ILE A 113 -20.17 -16.82 -7.82
C ILE A 113 -18.84 -17.29 -8.41
N LEU A 114 -18.87 -18.06 -9.50
CA LEU A 114 -17.64 -18.51 -10.13
C LEU A 114 -16.91 -17.36 -10.80
N SER A 115 -17.64 -16.39 -11.36
CA SER A 115 -17.00 -15.22 -11.95
C SER A 115 -16.40 -14.29 -10.90
N GLY A 116 -16.89 -14.33 -9.66
CA GLY A 116 -16.22 -13.61 -8.59
C GLY A 116 -15.03 -14.34 -8.02
N VAL A 117 -15.12 -15.67 -7.91
CA VAL A 117 -14.01 -16.46 -7.38
C VAL A 117 -12.85 -16.50 -8.38
N ASP A 118 -13.15 -16.57 -9.68
CA ASP A 118 -12.09 -16.52 -10.68
C ASP A 118 -11.46 -15.13 -10.76
N TYR A 119 -12.24 -14.07 -10.49
CA TYR A 119 -11.66 -12.73 -10.41
C TYR A 119 -10.70 -12.62 -9.22
N CYS A 120 -11.08 -13.22 -8.09
CA CYS A 120 -10.18 -13.25 -6.93
C CYS A 120 -8.94 -14.08 -7.20
N HIS A 121 -9.08 -15.18 -7.96
CA HIS A 121 -7.93 -16.00 -8.30
C HIS A 121 -7.01 -15.31 -9.30
N ARG A 122 -7.57 -14.52 -10.21
CA ARG A 122 -6.73 -13.73 -11.11
C ARG A 122 -6.05 -12.60 -10.38
N HIS A 123 -6.66 -12.08 -9.31
CA HIS A 123 -5.98 -11.13 -8.44
C HIS A 123 -5.35 -11.79 -7.23
N MET A 124 -5.04 -13.09 -7.32
CA MET A 124 -4.10 -13.81 -6.45
C MET A 124 -4.58 -13.89 -5.00
N VAL A 125 -5.88 -13.89 -4.76
CA VAL A 125 -6.43 -13.92 -3.41
C VAL A 125 -7.49 -15.01 -3.34
N VAL A 126 -7.53 -15.71 -2.21
CA VAL A 126 -8.46 -16.82 -2.01
C VAL A 126 -9.35 -16.53 -0.81
N HIS A 127 -10.52 -17.16 -0.81
CA HIS A 127 -11.51 -17.04 0.25
C HIS A 127 -11.65 -18.41 0.91
N ARG A 128 -10.82 -18.66 1.92
CA ARG A 128 -10.78 -19.97 2.56
C ARG A 128 -12.04 -20.25 3.36
N ASP A 129 -12.63 -19.23 3.98
CA ASP A 129 -13.87 -19.39 4.73
C ASP A 129 -15.04 -18.98 3.83
N LEU A 130 -15.33 -19.83 2.85
CA LEU A 130 -16.41 -19.61 1.90
C LEU A 130 -17.57 -20.53 2.23
N LYS A 131 -18.78 -19.95 2.27
CA LYS A 131 -19.98 -20.66 2.65
C LYS A 131 -21.18 -19.87 2.14
N PRO A 132 -22.37 -20.48 2.07
CA PRO A 132 -23.57 -19.70 1.70
C PRO A 132 -23.98 -18.63 2.72
N GLU A 133 -23.42 -18.63 3.92
CA GLU A 133 -23.65 -17.54 4.87
C GLU A 133 -22.72 -16.36 4.66
N ASN A 134 -21.76 -16.47 3.74
CA ASN A 134 -20.87 -15.36 3.41
C ASN A 134 -21.05 -14.85 1.99
N VAL A 135 -22.14 -15.22 1.32
CA VAL A 135 -22.50 -14.66 0.03
C VAL A 135 -23.90 -14.05 0.15
N LEU A 136 -24.11 -12.94 -0.55
CA LEU A 136 -25.30 -12.13 -0.36
C LEU A 136 -26.05 -11.97 -1.67
N LEU A 137 -27.31 -11.56 -1.56
CA LEU A 137 -28.17 -11.26 -2.69
C LEU A 137 -28.55 -9.78 -2.66
N ASP A 138 -28.67 -9.19 -3.85
CA ASP A 138 -29.12 -7.81 -3.97
C ASP A 138 -30.64 -7.78 -4.19
N ALA A 139 -31.15 -6.61 -4.59
CA ALA A 139 -32.56 -6.51 -4.97
C ALA A 139 -32.82 -7.18 -6.32
N HIS A 140 -31.80 -7.26 -7.17
CA HIS A 140 -31.94 -7.82 -8.51
C HIS A 140 -31.58 -9.31 -8.56
N MET A 141 -31.59 -9.99 -7.40
CA MET A 141 -31.42 -11.44 -7.28
C MET A 141 -30.08 -11.93 -7.83
N ASN A 142 -29.04 -11.15 -7.63
CA ASN A 142 -27.69 -11.51 -8.04
C ASN A 142 -26.94 -12.12 -6.86
N ALA A 143 -25.64 -12.32 -7.02
CA ALA A 143 -24.80 -12.91 -5.99
C ALA A 143 -23.65 -11.96 -5.68
N LYS A 144 -23.41 -11.73 -4.38
CA LYS A 144 -22.36 -10.82 -3.93
C LYS A 144 -21.53 -11.52 -2.87
N ILE A 145 -20.23 -11.64 -3.12
CA ILE A 145 -19.32 -12.25 -2.15
C ILE A 145 -18.88 -11.19 -1.15
N ALA A 146 -19.00 -11.50 0.14
CA ALA A 146 -18.83 -10.49 1.18
C ALA A 146 -17.36 -10.18 1.43
N ASP A 147 -16.58 -11.18 1.86
CA ASP A 147 -15.20 -10.98 2.28
C ASP A 147 -14.27 -11.86 1.45
N PHE A 148 -13.52 -11.24 0.54
CA PHE A 148 -12.65 -12.01 -0.35
C PHE A 148 -11.30 -12.30 0.28
N GLY A 149 -10.74 -11.35 1.03
CA GLY A 149 -9.40 -11.49 1.56
C GLY A 149 -9.31 -11.51 3.07
N LEU A 150 -10.44 -11.30 3.74
CA LEU A 150 -10.45 -11.20 5.20
C LEU A 150 -10.24 -12.54 5.90
N SER A 151 -10.37 -13.66 5.18
CA SER A 151 -10.10 -14.97 5.74
C SER A 151 -8.61 -15.24 5.93
N ASN A 152 -7.75 -14.38 5.37
CA ASN A 152 -6.30 -14.54 5.54
C ASN A 152 -5.87 -14.34 6.99
N MET A 153 -6.58 -13.50 7.74
CA MET A 153 -6.31 -13.35 9.17
C MET A 153 -6.67 -14.63 9.93
N MET A 154 -7.72 -15.33 9.50
CA MET A 154 -8.06 -16.61 10.10
C MET A 154 -7.04 -17.68 9.71
N SER A 155 -6.50 -17.59 8.49
CA SER A 155 -5.46 -18.51 8.07
C SER A 155 -4.10 -18.21 8.71
N ASP A 156 -3.86 -16.95 9.08
CA ASP A 156 -2.55 -16.54 9.58
C ASP A 156 -2.29 -17.11 10.98
N GLY A 157 -3.30 -17.13 11.84
CA GLY A 157 -3.14 -17.54 13.22
C GLY A 157 -2.83 -19.02 13.42
N GLU A 158 -3.81 -19.88 13.12
CA GLU A 158 -3.64 -21.32 13.27
C GLU A 158 -4.68 -22.03 12.43
N PHE A 159 -4.34 -23.24 11.98
CA PHE A 159 -5.28 -24.07 11.24
C PHE A 159 -6.33 -24.70 12.14
N LEU A 160 -6.07 -24.78 13.45
CA LEU A 160 -7.06 -25.31 14.38
C LEU A 160 -8.25 -24.37 14.54
N ARG A 161 -8.04 -23.06 14.32
CA ARG A 161 -9.14 -22.10 14.34
C ARG A 161 -10.09 -22.32 13.17
N THR A 162 -9.56 -22.76 12.03
CA THR A 162 -10.40 -23.03 10.86
C THR A 162 -11.30 -24.24 11.09
N SER A 163 -10.77 -25.29 11.72
CA SER A 163 -11.57 -26.48 11.99
C SER A 163 -12.56 -26.26 13.12
N CYS A 164 -12.12 -25.63 14.21
CA CYS A 164 -12.99 -25.45 15.37
C CYS A 164 -13.99 -24.32 15.16
N GLY A 165 -13.55 -23.23 14.53
CA GLY A 165 -14.45 -22.10 14.34
C GLY A 165 -15.51 -22.36 13.28
N SER A 166 -15.14 -23.08 12.22
CA SER A 166 -16.06 -23.45 11.15
C SER A 166 -16.04 -24.96 11.00
N PRO A 167 -16.82 -25.68 11.81
CA PRO A 167 -16.81 -27.15 11.71
C PRO A 167 -17.55 -27.67 10.48
N ASN A 168 -18.62 -27.01 10.05
CA ASN A 168 -19.39 -27.47 8.90
C ASN A 168 -18.63 -27.21 7.60
N TYR A 169 -18.10 -26.00 7.44
CA TYR A 169 -17.42 -25.58 6.22
C TYR A 169 -15.91 -25.60 6.49
N ALA A 170 -15.29 -26.74 6.19
CA ALA A 170 -13.85 -26.91 6.37
C ALA A 170 -13.36 -27.91 5.34
N ALA A 171 -12.26 -27.56 4.67
CA ALA A 171 -11.72 -28.39 3.61
C ALA A 171 -11.15 -29.69 4.16
N PRO A 172 -11.11 -30.76 3.35
CA PRO A 172 -10.43 -31.98 3.79
C PRO A 172 -8.93 -31.82 3.98
N GLU A 173 -8.29 -30.95 3.22
CA GLU A 173 -6.85 -30.71 3.40
C GLU A 173 -6.57 -29.99 4.71
N VAL A 174 -7.42 -29.04 5.09
CA VAL A 174 -7.21 -28.27 6.32
C VAL A 174 -7.39 -29.15 7.55
N ILE A 175 -8.43 -29.99 7.55
CA ILE A 175 -8.63 -30.92 8.65
C ILE A 175 -7.67 -32.10 8.58
N SER A 176 -7.06 -32.34 7.43
CA SER A 176 -5.99 -33.34 7.31
C SER A 176 -4.63 -32.76 7.64
N GLY A 177 -4.54 -31.46 7.88
CA GLY A 177 -3.33 -30.86 8.39
C GLY A 177 -2.46 -30.12 7.39
N ARG A 178 -3.00 -29.77 6.22
CA ARG A 178 -2.26 -28.92 5.30
C ARG A 178 -2.24 -27.49 5.83
N LEU A 179 -1.03 -26.95 5.98
CA LEU A 179 -0.88 -25.63 6.59
C LEU A 179 -1.37 -24.51 5.68
N TYR A 180 -1.21 -24.67 4.37
CA TYR A 180 -1.52 -23.62 3.40
C TYR A 180 -2.62 -24.10 2.47
N ALA A 181 -3.70 -23.34 2.39
CA ALA A 181 -4.89 -23.70 1.63
C ALA A 181 -4.98 -22.84 0.38
N GLY A 182 -5.12 -23.50 -0.78
CA GLY A 182 -5.14 -22.81 -2.04
C GLY A 182 -6.51 -22.71 -2.68
N PRO A 183 -6.54 -22.56 -4.01
CA PRO A 183 -7.83 -22.46 -4.73
C PRO A 183 -8.64 -23.73 -4.75
N GLU A 184 -8.07 -24.88 -4.37
CA GLU A 184 -8.85 -26.12 -4.29
C GLU A 184 -9.94 -26.03 -3.23
N VAL A 185 -9.66 -25.31 -2.14
CA VAL A 185 -10.67 -25.03 -1.12
C VAL A 185 -11.78 -24.17 -1.70
N ASP A 186 -11.42 -23.23 -2.58
CA ASP A 186 -12.43 -22.40 -3.25
C ASP A 186 -13.31 -23.23 -4.18
N ILE A 187 -12.71 -24.16 -4.91
CA ILE A 187 -13.48 -25.04 -5.81
C ILE A 187 -14.40 -25.95 -5.02
N TRP A 188 -13.90 -26.50 -3.89
CA TRP A 188 -14.72 -27.38 -3.06
C TRP A 188 -15.86 -26.63 -2.40
N SER A 189 -15.60 -25.41 -1.92
CA SER A 189 -16.66 -24.61 -1.29
C SER A 189 -17.68 -24.15 -2.33
N SER A 190 -17.24 -23.85 -3.55
CA SER A 190 -18.17 -23.51 -4.62
C SER A 190 -19.01 -24.71 -5.03
N GLY A 191 -18.45 -25.92 -4.95
CA GLY A 191 -19.24 -27.11 -5.18
C GLY A 191 -20.27 -27.35 -4.08
N VAL A 192 -19.90 -27.05 -2.83
CA VAL A 192 -20.86 -27.14 -1.72
C VAL A 192 -21.98 -26.13 -1.89
N ILE A 193 -21.65 -24.91 -2.33
CA ILE A 193 -22.66 -23.88 -2.59
C ILE A 193 -23.57 -24.29 -3.74
N LEU A 194 -22.99 -24.92 -4.78
CA LEU A 194 -23.80 -25.39 -5.91
C LEU A 194 -24.74 -26.53 -5.49
N TYR A 195 -24.26 -27.43 -4.63
CA TYR A 195 -25.13 -28.50 -4.13
C TYR A 195 -26.23 -27.93 -3.23
N ALA A 196 -25.92 -26.88 -2.46
CA ALA A 196 -26.93 -26.23 -1.64
C ALA A 196 -27.97 -25.52 -2.49
N LEU A 197 -27.56 -24.96 -3.63
CA LEU A 197 -28.51 -24.34 -4.54
C LEU A 197 -29.37 -25.38 -5.25
N LEU A 198 -28.78 -26.52 -5.59
CA LEU A 198 -29.53 -27.53 -6.35
C LEU A 198 -30.43 -28.39 -5.47
N CYS A 199 -30.11 -28.54 -4.18
CA CYS A 199 -30.86 -29.46 -3.33
C CYS A 199 -31.44 -28.84 -2.06
N GLY A 200 -30.91 -27.71 -1.59
CA GLY A 200 -31.41 -27.09 -0.37
C GLY A 200 -30.76 -27.58 0.92
N THR A 201 -30.54 -28.89 1.02
CA THR A 201 -29.94 -29.47 2.21
C THR A 201 -28.41 -29.42 2.10
N LEU A 202 -27.76 -29.68 3.24
CA LEU A 202 -26.30 -29.68 3.27
C LEU A 202 -25.77 -31.03 2.77
N PRO A 203 -24.62 -31.03 2.10
CA PRO A 203 -24.05 -32.32 1.65
C PRO A 203 -23.51 -33.16 2.80
N PHE A 204 -22.83 -32.54 3.77
CA PHE A 204 -22.23 -33.27 4.89
C PHE A 204 -22.75 -32.64 6.18
N ASP A 205 -23.61 -33.35 6.89
CA ASP A 205 -24.24 -32.81 8.10
C ASP A 205 -24.52 -33.94 9.09
N ASP A 206 -23.79 -33.93 10.20
CA ASP A 206 -23.92 -34.92 11.26
C ASP A 206 -24.05 -34.22 12.60
N ASP A 207 -24.75 -34.88 13.52
CA ASP A 207 -24.84 -34.37 14.89
C ASP A 207 -23.49 -34.46 15.60
N HIS A 208 -22.83 -35.62 15.50
CA HIS A 208 -21.52 -35.79 16.10
C HIS A 208 -20.47 -35.19 15.16
N VAL A 209 -19.67 -34.27 15.70
CA VAL A 209 -18.77 -33.43 14.89
C VAL A 209 -17.56 -34.21 14.34
N PRO A 210 -16.88 -35.12 15.09
CA PRO A 210 -15.88 -35.97 14.40
C PRO A 210 -16.48 -36.92 13.37
N THR A 211 -17.73 -37.35 13.56
CA THR A 211 -18.42 -38.10 12.50
C THR A 211 -18.66 -37.21 11.28
N LEU A 212 -18.90 -35.91 11.50
CA LEU A 212 -19.04 -34.97 10.39
C LEU A 212 -17.72 -34.79 9.64
N PHE A 213 -16.59 -34.72 10.37
CA PHE A 213 -15.29 -34.64 9.71
C PHE A 213 -14.96 -35.94 8.96
N LYS A 214 -15.35 -37.08 9.54
CA LYS A 214 -15.13 -38.37 8.85
C LYS A 214 -15.98 -38.46 7.59
N LYS A 215 -17.19 -37.90 7.62
CA LYS A 215 -18.03 -37.92 6.42
C LYS A 215 -17.51 -36.95 5.36
N ILE A 216 -16.92 -35.81 5.78
CA ILE A 216 -16.26 -34.93 4.83
C ILE A 216 -15.05 -35.61 4.20
N CYS A 217 -14.27 -36.36 5.01
CA CYS A 217 -13.17 -37.15 4.48
C CYS A 217 -13.65 -38.25 3.54
N ASP A 218 -14.84 -38.80 3.78
CA ASP A 218 -15.42 -39.78 2.87
C ASP A 218 -15.87 -39.10 1.58
N GLY A 219 -15.57 -39.75 0.45
CA GLY A 219 -15.93 -39.19 -0.84
C GLY A 219 -17.41 -39.26 -1.17
N ILE A 220 -18.10 -40.27 -0.65
CA ILE A 220 -19.48 -40.53 -1.04
C ILE A 220 -20.42 -39.46 -0.49
N PHE A 221 -21.46 -39.14 -1.25
CA PHE A 221 -22.48 -38.18 -0.84
C PHE A 221 -23.81 -38.60 -1.46
N TYR A 222 -24.90 -38.19 -0.81
CA TYR A 222 -26.24 -38.56 -1.26
C TYR A 222 -26.60 -37.85 -2.54
N THR A 223 -27.28 -38.56 -3.45
CA THR A 223 -27.69 -38.03 -4.74
C THR A 223 -29.19 -38.26 -4.92
N PRO A 224 -29.98 -37.20 -5.08
CA PRO A 224 -31.41 -37.37 -5.38
C PRO A 224 -31.64 -37.58 -6.87
N GLN A 225 -32.90 -37.82 -7.22
CA GLN A 225 -33.31 -38.03 -8.60
C GLN A 225 -33.82 -36.76 -9.27
N TYR A 226 -33.78 -35.61 -8.58
CA TYR A 226 -34.29 -34.37 -9.15
C TYR A 226 -33.41 -33.83 -10.26
N LEU A 227 -32.10 -34.08 -10.19
CA LEU A 227 -31.14 -33.45 -11.07
C LEU A 227 -30.69 -34.41 -12.16
N ASN A 228 -30.53 -33.88 -13.38
CA ASN A 228 -30.07 -34.66 -14.51
C ASN A 228 -28.61 -35.07 -14.31
N PRO A 229 -28.17 -36.21 -14.89
CA PRO A 229 -26.85 -36.76 -14.52
C PRO A 229 -25.64 -35.95 -14.98
N SER A 230 -25.81 -34.96 -15.85
CA SER A 230 -24.66 -34.15 -16.29
C SER A 230 -24.15 -33.27 -15.16
N VAL A 231 -25.04 -32.61 -14.43
CA VAL A 231 -24.59 -31.72 -13.37
C VAL A 231 -24.16 -32.52 -12.13
N ILE A 232 -24.69 -33.73 -11.91
CA ILE A 232 -24.16 -34.53 -10.81
C ILE A 232 -22.82 -35.16 -11.21
N SER A 233 -22.58 -35.36 -12.51
CA SER A 233 -21.23 -35.75 -12.95
C SER A 233 -20.26 -34.61 -12.74
N LEU A 234 -20.71 -33.37 -12.99
CA LEU A 234 -19.90 -32.20 -12.68
C LEU A 234 -19.62 -32.07 -11.20
N LEU A 235 -20.62 -32.37 -10.35
CA LEU A 235 -20.42 -32.31 -8.91
C LEU A 235 -19.49 -33.40 -8.41
N LYS A 236 -19.57 -34.60 -9.00
CA LYS A 236 -18.62 -35.67 -8.63
C LYS A 236 -17.21 -35.34 -9.08
N HIS A 237 -17.06 -34.70 -10.24
CA HIS A 237 -15.73 -34.27 -10.68
C HIS A 237 -15.22 -33.09 -9.86
N MET A 238 -16.13 -32.28 -9.30
CA MET A 238 -15.76 -31.07 -8.59
C MET A 238 -15.53 -31.28 -7.10
N LEU A 239 -16.15 -32.30 -6.51
CA LEU A 239 -16.11 -32.51 -5.06
C LEU A 239 -15.20 -33.68 -4.67
N GLN A 240 -14.20 -33.97 -5.49
CA GLN A 240 -13.21 -34.98 -5.14
C GLN A 240 -12.37 -34.52 -3.95
N VAL A 241 -12.15 -35.44 -3.00
CA VAL A 241 -11.40 -35.12 -1.80
C VAL A 241 -9.90 -35.00 -2.04
N ASP A 242 -9.42 -35.45 -3.20
CA ASP A 242 -8.02 -35.32 -3.57
C ASP A 242 -7.87 -34.18 -4.56
N PRO A 243 -6.93 -33.24 -4.35
CA PRO A 243 -6.87 -32.05 -5.20
C PRO A 243 -6.29 -32.28 -6.59
N MET A 244 -5.77 -33.48 -6.88
CA MET A 244 -5.27 -33.75 -8.22
C MET A 244 -6.40 -33.93 -9.22
N LYS A 245 -7.51 -34.52 -8.80
CA LYS A 245 -8.65 -34.78 -9.67
C LYS A 245 -9.77 -33.75 -9.53
N ARG A 246 -9.59 -32.75 -8.68
CA ARG A 246 -10.60 -31.71 -8.50
C ARG A 246 -10.54 -30.73 -9.66
N ALA A 247 -11.71 -30.23 -10.05
CA ALA A 247 -11.85 -29.40 -11.24
C ALA A 247 -11.21 -28.03 -11.06
N THR A 248 -10.90 -27.40 -12.18
CA THR A 248 -10.41 -26.03 -12.25
C THR A 248 -11.46 -25.14 -12.89
N ILE A 249 -11.13 -23.85 -13.02
CA ILE A 249 -12.01 -22.91 -13.72
C ILE A 249 -12.15 -23.30 -15.19
N LYS A 250 -11.04 -23.73 -15.82
CA LYS A 250 -11.10 -24.21 -17.19
C LYS A 250 -11.90 -25.53 -17.28
N ASP A 251 -11.78 -26.38 -16.26
CA ASP A 251 -12.52 -27.63 -16.25
C ASP A 251 -14.03 -27.42 -16.02
N ILE A 252 -14.42 -26.30 -15.41
CA ILE A 252 -15.84 -25.98 -15.33
C ILE A 252 -16.30 -25.32 -16.63
N ARG A 253 -15.47 -24.44 -17.20
CA ARG A 253 -15.85 -23.74 -18.43
C ARG A 253 -15.92 -24.68 -19.63
N GLU A 254 -15.22 -25.82 -19.60
CA GLU A 254 -15.30 -26.78 -20.69
C GLU A 254 -16.45 -27.76 -20.53
N HIS A 255 -17.26 -27.62 -19.47
CA HIS A 255 -18.36 -28.53 -19.23
C HIS A 255 -19.60 -28.07 -20.00
N GLU A 256 -20.47 -29.04 -20.32
CA GLU A 256 -21.62 -28.77 -21.19
C GLU A 256 -22.71 -27.98 -20.46
N TRP A 257 -22.92 -28.28 -19.16
CA TRP A 257 -23.96 -27.60 -18.40
C TRP A 257 -23.62 -26.14 -18.14
N PHE A 258 -22.33 -25.81 -18.03
CA PHE A 258 -21.92 -24.44 -17.75
C PHE A 258 -22.07 -23.53 -18.98
N LYS A 259 -22.07 -24.09 -20.18
CA LYS A 259 -22.10 -23.32 -21.41
C LYS A 259 -23.50 -23.18 -21.99
N GLN A 260 -24.55 -23.55 -21.24
CA GLN A 260 -25.91 -23.51 -21.77
C GLN A 260 -26.43 -22.08 -21.82
N ASP A 261 -26.40 -21.39 -20.68
CA ASP A 261 -26.87 -20.00 -20.58
C ASP A 261 -25.75 -19.19 -19.93
N LEU A 262 -24.87 -18.62 -20.75
CA LEU A 262 -23.69 -17.92 -20.25
C LEU A 262 -23.69 -16.47 -20.72
N PRO A 263 -23.88 -15.50 -19.83
CA PRO A 263 -23.72 -14.10 -20.21
C PRO A 263 -22.27 -13.75 -20.50
N LYS A 264 -22.09 -12.83 -21.44
CA LYS A 264 -20.75 -12.51 -21.94
C LYS A 264 -19.96 -11.61 -21.01
N TYR A 265 -20.61 -10.87 -20.12
CA TYR A 265 -19.92 -9.91 -19.26
C TYR A 265 -19.36 -10.53 -17.98
N LEU A 266 -19.51 -11.84 -17.79
CA LEU A 266 -19.02 -12.46 -16.55
C LEU A 266 -17.50 -12.62 -16.58
N PHE A 267 -16.94 -13.07 -17.71
CA PHE A 267 -15.51 -13.30 -17.80
C PHE A 267 -14.86 -12.16 -18.56
N PRO A 268 -13.91 -11.42 -17.97
CA PRO A 268 -13.30 -10.29 -18.68
C PRO A 268 -12.37 -10.70 -19.81
N GLU A 269 -11.82 -11.90 -19.78
CA GLU A 269 -10.87 -12.36 -20.79
C GLU A 269 -11.54 -13.39 -21.68
N ASP A 270 -11.53 -13.13 -23.00
CA ASP A 270 -12.16 -14.06 -23.94
C ASP A 270 -11.39 -15.37 -24.09
N PRO A 271 -10.05 -15.40 -24.29
CA PRO A 271 -9.38 -16.72 -24.31
C PRO A 271 -9.25 -17.30 -22.91
N SER A 272 -9.41 -18.62 -22.83
CA SER A 272 -9.32 -19.32 -21.55
C SER A 272 -7.88 -19.67 -21.20
N LYS A 377 -15.53 34.95 -17.82
CA LYS A 377 -14.67 35.65 -16.87
C LYS A 377 -14.38 34.77 -15.65
N HIS A 378 -15.45 34.35 -14.97
CA HIS A 378 -15.29 33.47 -13.81
C HIS A 378 -14.92 32.06 -14.25
N GLN A 379 -15.61 31.54 -15.25
CA GLN A 379 -15.39 30.16 -15.70
C GLN A 379 -14.14 30.08 -16.57
N GLY A 380 -13.54 28.89 -16.59
CA GLY A 380 -12.39 28.66 -17.44
C GLY A 380 -12.79 28.51 -18.90
N VAL A 381 -12.01 29.13 -19.78
CA VAL A 381 -12.25 29.10 -21.22
C VAL A 381 -11.03 28.51 -21.89
N ARG A 382 -11.24 27.51 -22.75
CA ARG A 382 -10.17 26.83 -23.46
C ARG A 382 -10.36 27.01 -24.96
N LYS A 383 -9.30 27.43 -25.64
CA LYS A 383 -9.35 27.60 -27.09
C LYS A 383 -9.26 26.25 -27.80
N ALA A 384 -9.85 26.19 -28.99
CA ALA A 384 -9.87 24.97 -29.80
C ALA A 384 -9.41 25.31 -31.21
N LYS A 385 -8.44 24.54 -31.71
CA LYS A 385 -7.94 24.71 -33.07
C LYS A 385 -8.90 24.01 -34.03
N TRP A 386 -9.86 24.76 -34.55
CA TRP A 386 -10.88 24.21 -35.42
C TRP A 386 -10.31 23.91 -36.81
N HIS A 387 -10.88 22.89 -37.44
CA HIS A 387 -10.49 22.46 -38.78
C HIS A 387 -11.61 22.73 -39.77
N LEU A 388 -11.25 23.24 -40.95
CA LEU A 388 -12.25 23.59 -41.95
C LEU A 388 -12.88 22.34 -42.56
N GLY A 389 -12.06 21.42 -43.06
CA GLY A 389 -12.57 20.25 -43.73
C GLY A 389 -11.83 18.97 -43.46
N ILE A 390 -11.47 18.26 -44.53
CA ILE A 390 -10.81 16.95 -44.44
C ILE A 390 -9.53 17.02 -45.26
N ARG A 391 -8.40 16.76 -44.61
CA ARG A 391 -7.09 16.78 -45.25
C ARG A 391 -6.73 15.34 -45.64
N SER A 392 -6.87 15.03 -46.93
CA SER A 392 -6.62 13.69 -47.44
C SER A 392 -5.42 13.71 -48.37
N GLN A 393 -4.45 12.84 -48.08
CA GLN A 393 -3.23 12.72 -48.89
C GLN A 393 -3.41 11.62 -49.94
N SER A 394 -4.27 11.91 -50.92
CA SER A 394 -4.59 10.98 -51.99
C SER A 394 -4.77 11.75 -53.29
N ARG A 395 -5.04 10.99 -54.36
CA ARG A 395 -5.35 11.59 -55.65
C ARG A 395 -6.69 12.34 -55.57
N PRO A 396 -6.76 13.57 -56.12
CA PRO A 396 -8.02 14.32 -56.04
C PRO A 396 -9.17 13.71 -56.83
N ASN A 397 -8.87 13.00 -57.93
CA ASN A 397 -9.93 12.28 -58.64
C ASN A 397 -10.46 11.13 -57.81
N ASP A 398 -9.59 10.46 -57.04
CA ASP A 398 -10.04 9.39 -56.16
C ASP A 398 -10.85 9.92 -54.99
N ILE A 399 -10.48 11.09 -54.46
CA ILE A 399 -11.27 11.74 -53.41
C ILE A 399 -12.63 12.17 -53.96
N MET A 400 -12.66 12.67 -55.20
CA MET A 400 -13.92 13.04 -55.83
C MET A 400 -14.81 11.82 -56.06
N ALA A 401 -14.20 10.68 -56.43
CA ALA A 401 -14.96 9.44 -56.57
C ALA A 401 -15.48 8.94 -55.22
N GLU A 402 -14.69 9.13 -54.15
CA GLU A 402 -15.14 8.74 -52.81
C GLU A 402 -16.31 9.60 -52.33
N VAL A 403 -16.23 10.92 -52.55
CA VAL A 403 -17.32 11.82 -52.20
C VAL A 403 -18.56 11.52 -53.04
N CYS A 404 -18.35 11.18 -54.32
CA CYS A 404 -19.47 10.81 -55.20
C CYS A 404 -20.13 9.51 -54.75
N ARG A 405 -19.34 8.54 -54.29
CA ARG A 405 -19.90 7.29 -53.76
C ARG A 405 -20.66 7.55 -52.47
N ALA A 406 -20.16 8.46 -51.63
CA ALA A 406 -20.83 8.78 -50.37
C ALA A 406 -22.17 9.48 -50.61
N ILE A 407 -22.19 10.46 -51.51
CA ILE A 407 -23.44 11.16 -51.80
C ILE A 407 -24.39 10.32 -52.64
N LYS A 408 -23.87 9.29 -53.33
CA LYS A 408 -24.76 8.33 -53.97
C LYS A 408 -25.41 7.40 -52.95
N GLN A 409 -24.63 6.95 -51.96
CA GLN A 409 -25.20 6.10 -50.91
C GLN A 409 -26.07 6.87 -49.94
N LEU A 410 -25.96 8.20 -49.89
CA LEU A 410 -26.84 9.00 -49.05
C LEU A 410 -28.04 9.55 -49.81
N ASP A 411 -28.20 9.14 -51.08
CA ASP A 411 -29.35 9.47 -51.94
C ASP A 411 -29.50 10.98 -52.10
N TYR A 412 -28.50 11.59 -52.73
CA TYR A 412 -28.48 13.03 -52.96
C TYR A 412 -28.66 13.32 -54.44
N GLU A 413 -29.18 14.50 -54.74
CA GLU A 413 -29.33 15.01 -56.10
C GLU A 413 -28.31 16.12 -56.31
N TRP A 414 -27.44 15.96 -57.30
CA TRP A 414 -26.30 16.84 -57.42
C TRP A 414 -25.96 17.10 -58.88
N LYS A 415 -25.40 18.27 -59.13
CA LYS A 415 -24.96 18.70 -60.45
C LYS A 415 -23.63 19.40 -60.32
N VAL A 416 -22.78 19.22 -61.33
CA VAL A 416 -21.41 19.73 -61.30
C VAL A 416 -21.21 20.74 -62.43
N VAL A 417 -20.74 21.93 -62.07
CA VAL A 417 -20.27 22.89 -63.06
C VAL A 417 -18.84 22.59 -63.45
N ASN A 418 -17.96 22.50 -62.46
CA ASN A 418 -16.59 22.01 -62.57
C ASN A 418 -16.50 20.60 -61.99
N PRO A 419 -15.46 19.83 -62.33
CA PRO A 419 -15.28 18.52 -61.67
C PRO A 419 -15.01 18.63 -60.17
N TYR A 420 -14.39 19.71 -59.71
CA TYR A 420 -14.14 19.91 -58.29
C TYR A 420 -15.26 20.65 -57.58
N TYR A 421 -16.21 21.21 -58.32
CA TYR A 421 -17.28 22.05 -57.78
C TYR A 421 -18.58 21.26 -57.81
N LEU A 422 -19.00 20.78 -56.64
CA LEU A 422 -20.11 19.84 -56.52
C LEU A 422 -21.22 20.49 -55.71
N ARG A 423 -22.33 20.83 -56.37
CA ARG A 423 -23.50 21.41 -55.72
C ARG A 423 -24.50 20.28 -55.48
N VAL A 424 -24.63 19.86 -54.23
CA VAL A 424 -25.50 18.75 -53.88
C VAL A 424 -26.79 19.30 -53.28
N ARG A 425 -27.82 18.47 -53.26
CA ARG A 425 -29.16 18.90 -52.85
C ARG A 425 -29.96 17.68 -52.44
N ARG A 426 -30.63 17.75 -51.29
CA ARG A 426 -31.45 16.67 -50.79
C ARG A 426 -32.80 17.19 -50.34
N LYS A 427 -33.80 16.32 -50.42
CA LYS A 427 -35.13 16.59 -49.87
C LYS A 427 -35.29 15.86 -48.55
N ASN A 428 -35.75 16.58 -47.53
CA ASN A 428 -35.90 16.00 -46.21
C ASN A 428 -37.09 15.03 -46.19
N PRO A 429 -37.01 13.94 -45.40
CA PRO A 429 -38.14 13.00 -45.33
C PRO A 429 -39.37 13.57 -44.63
N VAL A 430 -39.19 14.15 -43.44
CA VAL A 430 -40.34 14.65 -42.69
C VAL A 430 -40.64 16.12 -43.03
N THR A 431 -39.64 16.89 -43.47
CA THR A 431 -39.82 18.29 -43.81
C THR A 431 -39.97 18.42 -45.32
N SER A 432 -40.98 19.17 -45.76
CA SER A 432 -41.33 19.22 -47.17
C SER A 432 -40.33 20.02 -48.01
N THR A 433 -39.58 20.93 -47.40
CA THR A 433 -38.67 21.77 -48.17
C THR A 433 -37.36 21.03 -48.46
N TYR A 434 -36.54 21.62 -49.32
CA TYR A 434 -35.26 21.07 -49.72
C TYR A 434 -34.13 22.05 -49.39
N SER A 435 -32.94 21.50 -49.17
CA SER A 435 -31.78 22.28 -48.78
C SER A 435 -30.70 22.20 -49.86
N LYS A 436 -29.95 23.30 -50.00
CA LYS A 436 -28.99 23.45 -51.08
C LYS A 436 -27.63 23.86 -50.51
N MET A 437 -26.57 23.18 -50.95
CA MET A 437 -25.21 23.53 -50.57
C MET A 437 -24.28 23.19 -51.73
N SER A 438 -22.99 23.41 -51.53
CA SER A 438 -22.00 23.25 -52.59
C SER A 438 -20.67 22.84 -52.00
N LEU A 439 -20.05 21.83 -52.59
CA LEU A 439 -18.75 21.32 -52.14
C LEU A 439 -17.65 21.79 -53.09
N GLN A 440 -16.48 22.08 -52.52
CA GLN A 440 -15.32 22.51 -53.28
C GLN A 440 -14.06 21.94 -52.65
N LEU A 441 -13.16 21.41 -53.49
CA LEU A 441 -11.91 20.83 -53.05
C LEU A 441 -10.79 21.85 -53.20
N TYR A 442 -9.86 21.85 -52.25
CA TYR A 442 -8.77 22.82 -52.19
C TYR A 442 -7.42 22.11 -52.25
N GLN A 443 -6.45 22.79 -52.87
CA GLN A 443 -5.08 22.29 -52.97
C GLN A 443 -4.20 23.18 -52.09
N VAL A 444 -3.90 22.70 -50.88
CA VAL A 444 -2.97 23.43 -50.03
C VAL A 444 -1.52 23.06 -50.36
N ASP A 445 -1.28 21.83 -50.82
CA ASP A 445 0.04 21.39 -51.25
C ASP A 445 -0.15 20.24 -52.25
N SER A 446 0.98 19.73 -52.74
CA SER A 446 0.93 18.66 -53.73
C SER A 446 0.54 17.31 -53.12
N ARG A 447 0.69 17.15 -51.80
CA ARG A 447 0.40 15.89 -51.15
C ARG A 447 -1.05 15.80 -50.66
N THR A 448 -1.49 16.79 -49.89
CA THR A 448 -2.81 16.75 -49.25
C THR A 448 -3.79 17.66 -49.96
N TYR A 449 -5.07 17.32 -49.85
CA TYR A 449 -6.15 18.10 -50.43
C TYR A 449 -7.25 18.30 -49.40
N LEU A 450 -7.82 19.51 -49.37
CA LEU A 450 -8.80 19.91 -48.38
C LEU A 450 -10.16 20.07 -49.05
N LEU A 451 -11.17 19.38 -48.52
CA LEU A 451 -12.53 19.48 -49.01
C LEU A 451 -13.30 20.48 -48.16
N ASP A 452 -13.99 21.42 -48.81
CA ASP A 452 -14.68 22.49 -48.11
C ASP A 452 -16.17 22.46 -48.47
N PHE A 453 -16.99 22.84 -47.50
CA PHE A 453 -18.44 22.84 -47.63
C PHE A 453 -18.93 24.27 -47.64
N ARG A 454 -19.82 24.61 -48.57
CA ARG A 454 -20.38 25.95 -48.66
C ARG A 454 -21.85 25.87 -48.99
N SER A 455 -22.70 26.34 -48.07
CA SER A 455 -24.13 26.39 -48.30
C SER A 455 -24.52 27.65 -49.05
N ILE A 456 -25.73 27.63 -49.61
CA ILE A 456 -26.38 28.80 -50.18
C ILE A 456 -27.73 28.97 -49.51
N ASP A 457 -28.07 30.20 -49.18
CA ASP A 457 -29.30 30.48 -48.42
C ASP A 457 -30.54 30.38 -49.31
N ASP A 458 -31.68 30.24 -48.67
CA ASP A 458 -32.96 30.19 -49.37
C ASP A 458 -33.42 31.61 -49.66
N GLU A 459 -33.74 31.88 -50.93
CA GLU A 459 -33.95 33.27 -51.37
C GLU A 459 -35.34 33.77 -51.01
N LEU A 460 -36.38 33.08 -51.48
CA LEU A 460 -37.74 33.58 -51.39
C LEU A 460 -38.70 32.73 -50.58
N THR A 461 -38.39 31.47 -50.33
CA THR A 461 -39.34 30.55 -49.70
C THR A 461 -39.16 30.57 -48.20
N PRO A 462 -40.22 30.86 -47.41
CA PRO A 462 -40.13 30.69 -45.96
C PRO A 462 -40.17 29.22 -45.58
N ARG A 463 -39.02 28.56 -45.63
CA ARG A 463 -38.96 27.12 -45.47
C ARG A 463 -39.20 26.72 -44.01
N PRO A 464 -39.89 25.60 -43.77
CA PRO A 464 -40.06 25.12 -42.40
C PRO A 464 -38.79 24.49 -41.87
N GLY A 465 -38.73 24.36 -40.54
CA GLY A 465 -37.53 23.87 -39.88
C GLY A 465 -36.43 24.92 -39.90
N SER A 466 -35.25 24.48 -39.49
CA SER A 466 -34.08 25.35 -39.33
C SER A 466 -33.12 25.12 -40.49
N HIS A 467 -32.71 26.19 -41.15
CA HIS A 467 -31.84 26.07 -42.31
C HIS A 467 -30.43 25.62 -41.91
N THR A 468 -29.86 26.25 -40.88
CA THR A 468 -28.49 25.93 -40.51
C THR A 468 -28.37 24.59 -39.78
N ILE A 469 -29.40 24.18 -39.03
CA ILE A 469 -29.32 22.88 -38.35
C ILE A 469 -29.50 21.76 -39.36
N GLU A 470 -30.34 21.96 -40.39
CA GLU A 470 -30.39 21.00 -41.48
C GLU A 470 -29.11 21.04 -42.32
N PHE A 471 -28.41 22.18 -42.35
CA PHE A 471 -27.09 22.19 -42.97
C PHE A 471 -26.08 21.36 -42.18
N PHE A 472 -26.17 21.38 -40.86
CA PHE A 472 -25.32 20.49 -40.07
C PHE A 472 -25.75 19.03 -40.20
N GLU A 473 -27.05 18.78 -40.45
CA GLU A 473 -27.53 17.43 -40.68
C GLU A 473 -27.15 16.91 -42.06
N MET A 474 -26.88 17.80 -43.02
CA MET A 474 -26.37 17.35 -44.31
C MET A 474 -24.90 16.94 -44.26
N CYS A 475 -24.21 17.17 -43.13
CA CYS A 475 -22.82 16.78 -42.98
C CYS A 475 -22.57 15.81 -41.85
N ALA A 476 -23.45 15.75 -40.84
CA ALA A 476 -23.29 14.78 -39.77
C ALA A 476 -23.54 13.35 -40.24
N ASN A 477 -24.29 13.17 -41.33
CA ASN A 477 -24.44 11.87 -41.96
C ASN A 477 -23.37 11.62 -43.02
N LEU A 478 -22.66 12.65 -43.46
CA LEU A 478 -21.64 12.52 -44.50
C LEU A 478 -20.26 12.22 -43.93
N ILE A 479 -19.91 12.85 -42.80
CA ILE A 479 -18.62 12.60 -42.16
C ILE A 479 -18.54 11.17 -41.62
N LYS A 480 -19.68 10.63 -41.17
CA LYS A 480 -19.71 9.24 -40.70
C LYS A 480 -19.46 8.26 -41.84
N ILE A 481 -19.96 8.56 -43.04
CA ILE A 481 -19.72 7.68 -44.18
C ILE A 481 -18.29 7.85 -44.69
N LEU A 482 -17.78 9.08 -44.74
CA LEU A 482 -16.42 9.31 -45.23
C LEU A 482 -15.38 8.81 -44.23
N ALA A 483 -15.55 9.17 -42.95
CA ALA A 483 -14.69 8.73 -41.83
C ALA A 483 -13.22 9.10 -42.06
N GLN A 484 -12.98 10.32 -42.52
CA GLN A 484 -11.61 10.77 -42.79
C GLN A 484 -11.43 12.23 -42.38
N ASP B 106 -31.54 23.00 -58.24
CA ASP B 106 -31.63 24.44 -58.01
C ASP B 106 -32.37 25.10 -59.16
N LEU B 107 -33.48 25.77 -58.85
CA LEU B 107 -34.31 26.38 -59.89
C LEU B 107 -33.72 27.70 -60.38
N SER B 108 -33.13 28.49 -59.48
CA SER B 108 -32.56 29.78 -59.86
C SER B 108 -31.25 29.62 -60.62
N SER B 109 -30.54 28.52 -60.43
CA SER B 109 -29.26 28.33 -61.09
C SER B 109 -29.43 28.02 -62.57
N SER B 110 -28.39 28.31 -63.35
CA SER B 110 -28.32 27.96 -64.77
C SER B 110 -27.10 27.09 -64.98
N PRO B 111 -27.18 25.79 -64.71
CA PRO B 111 -26.01 24.92 -64.79
C PRO B 111 -25.76 24.49 -66.23
N PRO B 112 -24.56 23.96 -66.51
CA PRO B 112 -24.37 23.28 -67.81
C PRO B 112 -25.18 22.00 -67.91
N GLY B 113 -25.29 21.24 -66.82
CA GLY B 113 -26.10 20.05 -66.79
C GLY B 113 -27.28 20.18 -65.84
N PRO B 114 -28.49 20.25 -66.39
CA PRO B 114 -29.69 20.41 -65.54
C PRO B 114 -30.28 19.10 -65.06
N TYR B 115 -29.51 18.01 -65.13
CA TYR B 115 -30.04 16.70 -64.78
C TYR B 115 -30.24 16.57 -63.28
N GLY B 116 -29.15 16.63 -62.51
CA GLY B 116 -29.21 16.44 -61.08
C GLY B 116 -29.58 15.02 -60.67
N GLN B 117 -28.84 14.04 -61.20
CA GLN B 117 -29.09 12.64 -60.93
C GLN B 117 -27.82 11.97 -60.45
N GLU B 118 -27.92 11.20 -59.37
CA GLU B 118 -26.76 10.53 -58.79
C GLU B 118 -26.22 9.43 -59.70
N MET B 119 -27.07 8.79 -60.50
CA MET B 119 -26.63 7.71 -61.38
C MET B 119 -25.72 8.22 -62.49
N TYR B 120 -26.02 9.40 -63.04
CA TYR B 120 -25.25 9.97 -64.15
C TYR B 120 -24.00 10.65 -63.59
N ALA B 121 -23.02 9.82 -63.25
CA ALA B 121 -21.74 10.28 -62.70
C ALA B 121 -20.61 9.77 -63.58
N PHE B 122 -19.75 10.69 -64.02
CA PHE B 122 -18.62 10.34 -64.87
C PHE B 122 -17.34 10.89 -64.26
N ARG B 123 -16.44 10.00 -63.85
CA ARG B 123 -15.14 10.37 -63.34
C ARG B 123 -14.04 10.18 -64.38
N SER B 124 -14.41 9.86 -65.62
CA SER B 124 -13.47 9.58 -66.69
C SER B 124 -13.13 10.81 -67.52
N ALA B 125 -13.33 12.01 -66.96
CA ALA B 125 -13.06 13.26 -67.66
C ALA B 125 -11.58 13.39 -68.03
N ALA B 126 -11.33 13.85 -69.26
CA ALA B 126 -9.97 13.96 -69.76
C ALA B 126 -9.17 15.04 -69.04
N ARG B 127 -9.85 16.11 -68.60
CA ARG B 127 -9.19 17.23 -67.94
C ARG B 127 -8.56 16.82 -66.61
N PHE B 128 -7.28 17.16 -66.46
CA PHE B 128 -6.51 16.87 -65.25
C PHE B 128 -6.11 18.13 -64.51
N LYS B 129 -6.79 19.24 -64.78
CA LYS B 129 -6.47 20.54 -64.19
C LYS B 129 -6.61 20.54 -62.68
N SER B 130 -5.71 21.26 -62.02
CA SER B 130 -5.67 21.34 -60.57
C SER B 130 -6.85 22.14 -60.04
N PRO B 131 -7.28 21.89 -58.79
CA PRO B 131 -8.35 22.70 -58.22
C PRO B 131 -7.89 24.12 -57.94
N PRO B 132 -8.78 25.11 -58.03
CA PRO B 132 -8.40 26.50 -57.78
C PRO B 132 -7.89 26.75 -56.36
N ILE B 133 -6.81 27.54 -56.28
CA ILE B 133 -6.20 27.88 -54.99
C ILE B 133 -7.13 28.76 -54.17
N LEU B 134 -7.19 28.48 -52.88
CA LEU B 134 -8.03 29.19 -51.93
C LEU B 134 -7.38 30.52 -51.53
N PRO B 135 -8.17 31.55 -51.21
CA PRO B 135 -7.59 32.87 -50.88
C PRO B 135 -6.92 32.87 -49.52
N PRO B 136 -5.96 33.78 -49.29
CA PRO B 136 -5.23 33.80 -48.01
C PRO B 136 -6.09 34.11 -46.79
N HIS B 137 -7.19 34.85 -46.95
CA HIS B 137 -8.07 35.16 -45.82
C HIS B 137 -8.67 33.89 -45.23
N LEU B 138 -9.00 32.91 -46.08
CA LEU B 138 -9.45 31.61 -45.59
C LEU B 138 -8.36 30.90 -44.81
N LEU B 139 -7.10 31.00 -45.26
CA LEU B 139 -5.97 30.44 -44.52
C LEU B 139 -5.84 31.08 -43.15
N GLN B 140 -6.03 32.40 -43.07
CA GLN B 140 -5.93 33.12 -41.81
C GLN B 140 -7.03 32.69 -40.84
N VAL B 141 -8.28 32.61 -41.33
CA VAL B 141 -9.38 32.28 -40.43
C VAL B 141 -9.33 30.82 -40.00
N ILE B 142 -8.83 29.92 -40.85
CA ILE B 142 -8.73 28.52 -40.38
C ILE B 142 -7.53 28.35 -39.46
N LEU B 143 -6.44 29.09 -39.70
CA LEU B 143 -5.25 28.97 -38.87
C LEU B 143 -5.49 29.52 -37.47
N ASN B 144 -6.12 30.69 -37.38
CA ASN B 144 -6.38 31.29 -36.08
C ASN B 144 -7.86 31.61 -35.97
N LYS B 145 -8.50 31.07 -34.93
CA LYS B 145 -9.89 31.37 -34.61
C LYS B 145 -9.92 32.31 -33.40
N ASP B 146 -10.63 33.42 -33.53
CA ASP B 146 -10.68 34.42 -32.48
C ASP B 146 -11.44 33.91 -31.26
N THR B 147 -10.76 33.86 -30.12
CA THR B 147 -11.36 33.48 -28.84
C THR B 147 -10.99 34.61 -27.86
N ASN B 148 -11.90 35.56 -27.72
CA ASN B 148 -11.65 36.73 -26.88
C ASN B 148 -11.66 36.33 -25.40
N ILE B 149 -10.69 36.82 -24.64
CA ILE B 149 -10.56 36.49 -23.24
C ILE B 149 -10.78 37.70 -22.33
N SER B 150 -10.54 38.93 -22.83
CA SER B 150 -10.72 40.12 -21.99
C SER B 150 -12.19 40.44 -21.78
N CYS B 151 -13.04 40.12 -22.74
CA CYS B 151 -14.47 40.36 -22.67
C CYS B 151 -15.18 39.09 -22.24
N ASP B 152 -16.51 39.10 -22.34
CA ASP B 152 -17.31 37.93 -22.02
C ASP B 152 -17.04 36.81 -23.03
N PRO B 153 -17.09 35.55 -22.58
CA PRO B 153 -16.84 34.42 -23.51
C PRO B 153 -17.89 34.28 -24.61
N ALA B 154 -19.10 34.79 -24.41
CA ALA B 154 -20.14 34.77 -25.44
C ALA B 154 -20.00 35.94 -26.42
N LEU B 155 -18.97 36.77 -26.29
CA LEU B 155 -18.75 37.91 -27.16
C LEU B 155 -17.52 37.64 -28.02
N LEU B 156 -17.66 37.83 -29.32
CA LEU B 156 -16.61 37.58 -30.29
C LEU B 156 -16.50 38.78 -31.22
N PRO B 157 -15.32 39.01 -31.81
CA PRO B 157 -15.20 40.05 -32.83
C PRO B 157 -15.93 39.66 -34.12
N GLU B 158 -16.16 40.67 -34.95
CA GLU B 158 -16.94 40.52 -36.17
C GLU B 158 -16.27 39.56 -37.16
N PRO B 159 -16.98 38.57 -37.68
CA PRO B 159 -16.37 37.67 -38.67
C PRO B 159 -16.19 38.34 -40.02
N ASN B 160 -15.24 37.82 -40.78
CA ASN B 160 -14.94 38.38 -42.10
C ASN B 160 -16.03 38.05 -43.10
N HIS B 161 -16.14 38.89 -44.13
CA HIS B 161 -17.14 38.72 -45.18
C HIS B 161 -16.85 37.52 -46.05
N VAL B 162 -15.58 37.15 -46.19
CA VAL B 162 -15.15 36.12 -47.15
C VAL B 162 -15.73 34.75 -46.82
N MET B 163 -15.79 34.39 -45.55
CA MET B 163 -16.31 33.10 -45.13
C MET B 163 -17.63 33.30 -44.38
N LEU B 164 -18.69 32.68 -44.87
CA LEU B 164 -19.99 32.79 -44.24
C LEU B 164 -20.66 31.42 -44.05
N ASN B 165 -20.59 30.57 -45.06
CA ASN B 165 -21.30 29.30 -45.06
C ASN B 165 -20.36 28.10 -44.92
N HIS B 166 -19.21 28.27 -44.27
CA HIS B 166 -18.21 27.23 -44.19
C HIS B 166 -18.28 26.51 -42.84
N LEU B 167 -18.09 25.20 -42.86
CA LEU B 167 -18.12 24.39 -41.65
C LEU B 167 -16.77 24.44 -40.95
N TYR B 168 -16.79 24.27 -39.64
CA TYR B 168 -15.58 24.30 -38.82
C TYR B 168 -15.61 23.12 -37.86
N ALA B 169 -14.94 22.03 -38.23
CA ALA B 169 -14.92 20.83 -37.42
C ALA B 169 -13.74 20.85 -36.45
N LEU B 170 -13.72 19.85 -35.57
CA LEU B 170 -12.69 19.72 -34.55
C LEU B 170 -12.36 18.24 -34.37
N SER B 171 -11.21 17.96 -33.76
CA SER B 171 -10.78 16.60 -33.50
C SER B 171 -11.67 15.95 -32.43
N ILE B 172 -11.42 14.67 -32.17
CA ILE B 172 -12.31 13.85 -31.36
C ILE B 172 -11.53 13.25 -30.19
N LYS B 173 -11.81 13.74 -28.98
CA LYS B 173 -11.28 13.12 -27.77
C LYS B 173 -12.17 11.96 -27.34
N ASP B 174 -13.42 12.26 -26.99
CA ASP B 174 -14.45 11.27 -26.74
C ASP B 174 -15.28 11.15 -28.02
N SER B 175 -16.44 10.48 -27.95
CA SER B 175 -17.26 10.17 -29.11
C SER B 175 -18.15 11.34 -29.57
N VAL B 176 -17.87 12.57 -29.15
CA VAL B 176 -18.62 13.73 -29.63
C VAL B 176 -18.12 14.13 -31.00
N MET B 177 -18.85 15.03 -31.67
CA MET B 177 -18.45 15.56 -32.98
C MET B 177 -18.70 17.06 -32.98
N VAL B 178 -17.65 17.84 -32.78
CA VAL B 178 -17.74 19.29 -32.74
C VAL B 178 -17.71 19.83 -34.17
N LEU B 179 -18.73 20.62 -34.53
CA LEU B 179 -18.80 21.24 -35.84
C LEU B 179 -19.63 22.51 -35.72
N SER B 180 -19.23 23.56 -36.45
CA SER B 180 -19.86 24.86 -36.31
C SER B 180 -19.85 25.59 -37.64
N ALA B 181 -20.68 26.64 -37.70
CA ALA B 181 -20.76 27.50 -38.87
C ALA B 181 -21.27 28.87 -38.42
N THR B 182 -20.68 29.93 -38.98
CA THR B 182 -21.00 31.30 -38.59
C THR B 182 -22.08 31.83 -39.54
N HIS B 183 -23.33 31.52 -39.22
CA HIS B 183 -24.45 31.88 -40.07
C HIS B 183 -24.70 33.38 -40.06
N ARG B 184 -25.25 33.89 -41.15
CA ARG B 184 -25.41 35.33 -41.36
C ARG B 184 -26.89 35.68 -41.50
N TYR B 185 -27.33 36.65 -40.71
CA TYR B 185 -28.68 37.19 -40.80
C TYR B 185 -28.64 38.39 -41.76
N LYS B 186 -29.69 39.19 -41.80
CA LYS B 186 -29.68 40.42 -42.61
C LYS B 186 -28.68 41.43 -42.09
N LYS B 187 -28.59 41.58 -40.76
CA LYS B 187 -27.65 42.51 -40.16
C LYS B 187 -26.84 41.83 -39.06
N LYS B 188 -27.45 40.87 -38.38
CA LYS B 188 -26.81 40.23 -37.23
C LYS B 188 -25.95 39.05 -37.66
N TYR B 189 -24.99 38.71 -36.81
CA TYR B 189 -24.06 37.61 -37.04
C TYR B 189 -24.19 36.61 -35.90
N VAL B 190 -24.48 35.35 -36.24
CA VAL B 190 -24.63 34.30 -35.24
C VAL B 190 -23.61 33.20 -35.53
N THR B 191 -23.32 32.41 -34.50
CA THR B 191 -22.38 31.29 -34.60
C THR B 191 -22.98 30.12 -33.84
N THR B 192 -23.48 29.13 -34.58
CA THR B 192 -24.23 28.01 -34.00
C THR B 192 -23.28 26.85 -33.77
N LEU B 193 -22.83 26.69 -32.53
CA LEU B 193 -22.11 25.49 -32.13
C LEU B 193 -23.08 24.32 -32.00
N LEU B 194 -22.78 23.21 -32.67
CA LEU B 194 -23.59 22.01 -32.60
C LEU B 194 -22.72 20.84 -32.16
N TYR B 195 -23.16 20.15 -31.11
CA TYR B 195 -22.43 19.04 -30.52
C TYR B 195 -23.27 17.78 -30.67
N LYS B 196 -22.71 16.75 -31.30
CA LYS B 196 -23.44 15.53 -31.63
C LYS B 196 -22.57 14.32 -31.36
N PRO B 197 -23.11 13.28 -30.73
CA PRO B 197 -22.33 12.06 -30.54
C PRO B 197 -22.20 11.26 -31.82
N ILE B 198 -21.07 10.60 -31.98
CA ILE B 198 -20.81 9.77 -33.14
C ILE B 198 -21.59 8.47 -33.04
N ASN C 4 -47.47 56.79 -14.38
CA ASN C 4 -46.94 55.61 -13.72
C ASN C 4 -46.04 54.81 -14.66
N ASN C 5 -46.58 53.71 -15.20
CA ASN C 5 -45.85 52.84 -16.11
C ASN C 5 -46.14 53.16 -17.57
N SER C 6 -46.72 54.33 -17.86
CA SER C 6 -47.09 54.67 -19.23
C SER C 6 -45.88 55.04 -20.08
N VAL C 7 -44.74 55.35 -19.46
CA VAL C 7 -43.54 55.69 -20.22
C VAL C 7 -42.70 54.46 -20.54
N TYR C 8 -42.85 53.36 -19.79
CA TYR C 8 -42.13 52.13 -20.07
C TYR C 8 -42.94 51.13 -20.88
N THR C 9 -44.26 51.10 -20.70
CA THR C 9 -45.09 50.18 -21.47
C THR C 9 -45.14 50.57 -22.95
N SER C 10 -45.28 51.87 -23.23
CA SER C 10 -45.22 52.35 -24.60
C SER C 10 -43.81 52.21 -25.18
N PHE C 11 -42.78 52.29 -24.33
CA PHE C 11 -41.42 52.03 -24.75
C PHE C 11 -41.24 50.59 -25.22
N MET C 12 -41.75 49.64 -24.43
CA MET C 12 -41.63 48.23 -24.79
C MET C 12 -42.54 47.86 -25.96
N LYS C 13 -43.66 48.57 -26.14
CA LYS C 13 -44.51 48.29 -27.29
C LYS C 13 -43.99 48.92 -28.58
N SER C 14 -43.28 50.05 -28.49
CA SER C 14 -42.76 50.68 -29.69
C SER C 14 -41.42 50.08 -30.11
N HIS C 15 -40.51 49.88 -29.17
CA HIS C 15 -39.20 49.31 -29.47
C HIS C 15 -39.27 47.79 -29.41
N ARG C 16 -38.86 47.16 -30.50
CA ARG C 16 -39.01 45.72 -30.68
C ARG C 16 -37.85 44.96 -30.03
N CYS C 17 -38.00 43.64 -30.01
CA CYS C 17 -36.95 42.72 -29.60
C CYS C 17 -35.86 42.55 -30.66
N TYR C 18 -36.10 43.06 -31.87
CA TYR C 18 -35.10 43.02 -32.94
C TYR C 18 -33.84 43.80 -32.59
N ASP C 19 -33.99 44.89 -31.83
CA ASP C 19 -32.83 45.66 -31.37
C ASP C 19 -32.11 45.01 -30.19
N LEU C 20 -32.71 44.02 -29.54
CA LEU C 20 -32.10 43.39 -28.37
C LEU C 20 -30.99 42.42 -28.73
N ILE C 21 -30.89 41.98 -29.97
CA ILE C 21 -29.88 41.01 -30.35
C ILE C 21 -28.58 41.74 -30.67
N PRO C 22 -27.44 41.32 -30.06
CA PRO C 22 -26.17 41.98 -30.36
C PRO C 22 -25.62 41.68 -31.75
N THR C 23 -24.43 42.19 -32.04
CA THR C 23 -23.83 41.99 -33.37
C THR C 23 -23.33 40.55 -33.53
N SER C 24 -22.40 40.13 -32.70
CA SER C 24 -21.92 38.76 -32.67
C SER C 24 -22.40 38.07 -31.40
N SER C 25 -22.69 36.77 -31.52
CA SER C 25 -23.21 36.00 -30.39
C SER C 25 -22.87 34.54 -30.58
N LYS C 26 -22.13 33.97 -29.64
CA LYS C 26 -21.86 32.54 -29.63
C LYS C 26 -23.10 31.79 -29.15
N LEU C 27 -23.47 30.74 -29.87
CA LEU C 27 -24.72 30.03 -29.61
C LEU C 27 -24.47 28.53 -29.71
N VAL C 28 -24.95 27.78 -28.71
CA VAL C 28 -24.78 26.33 -28.67
C VAL C 28 -26.12 25.65 -28.83
N VAL C 29 -26.11 24.50 -29.49
CA VAL C 29 -27.22 23.54 -29.48
C VAL C 29 -26.66 22.17 -29.19
N PHE C 30 -27.46 21.33 -28.52
CA PHE C 30 -27.05 20.00 -28.12
C PHE C 30 -27.92 18.96 -28.81
N ASP C 31 -27.29 17.88 -29.27
CA ASP C 31 -28.02 16.74 -29.80
C ASP C 31 -28.68 15.97 -28.66
N THR C 32 -29.87 15.43 -28.93
CA THR C 32 -30.66 14.80 -27.88
C THR C 32 -30.10 13.43 -27.51
N SER C 33 -29.41 12.77 -28.44
CA SER C 33 -28.81 11.47 -28.16
C SER C 33 -27.44 11.57 -27.49
N LEU C 34 -27.05 12.74 -27.02
CA LEU C 34 -25.80 12.94 -26.32
C LEU C 34 -25.98 12.68 -24.83
N GLN C 35 -24.93 12.15 -24.20
CA GLN C 35 -24.96 11.92 -22.77
C GLN C 35 -24.95 13.23 -22.00
N VAL C 36 -25.60 13.22 -20.82
CA VAL C 36 -25.69 14.42 -20.00
C VAL C 36 -24.41 14.76 -19.26
N LYS C 37 -23.46 13.83 -19.21
CA LYS C 37 -22.19 14.11 -18.54
C LYS C 37 -21.34 15.09 -19.34
N LYS C 38 -21.28 14.90 -20.66
CA LYS C 38 -20.44 15.74 -21.51
C LYS C 38 -21.10 17.07 -21.87
N ALA C 39 -22.42 17.18 -21.73
CA ALA C 39 -23.11 18.42 -22.09
C ALA C 39 -22.76 19.55 -21.12
N PHE C 40 -22.75 19.26 -19.82
CA PHE C 40 -22.39 20.31 -18.87
C PHE C 40 -20.89 20.60 -18.87
N PHE C 41 -20.07 19.63 -19.26
CA PHE C 41 -18.65 19.90 -19.47
C PHE C 41 -18.44 20.81 -20.67
N ALA C 42 -19.25 20.63 -21.71
CA ALA C 42 -19.23 21.53 -22.86
C ALA C 42 -19.75 22.92 -22.48
N LEU C 43 -20.72 22.99 -21.55
CA LEU C 43 -21.16 24.29 -21.05
C LEU C 43 -20.10 24.97 -20.20
N VAL C 44 -19.28 24.18 -19.49
CA VAL C 44 -18.11 24.73 -18.79
C VAL C 44 -17.11 25.27 -19.80
N THR C 45 -16.86 24.51 -20.87
CA THR C 45 -15.87 24.91 -21.87
C THR C 45 -16.30 26.16 -22.64
N ASN C 46 -17.57 26.23 -23.03
CA ASN C 46 -18.06 27.40 -23.76
C ASN C 46 -18.40 28.57 -22.85
N GLY C 47 -18.77 28.30 -21.60
CA GLY C 47 -19.07 29.34 -20.65
C GLY C 47 -20.53 29.75 -20.57
N VAL C 48 -21.33 29.44 -21.59
CA VAL C 48 -22.73 29.82 -21.59
C VAL C 48 -23.54 28.92 -20.65
N ARG C 49 -24.67 29.45 -20.18
CA ARG C 49 -25.49 28.77 -19.19
C ARG C 49 -26.74 28.14 -19.77
N ALA C 50 -26.99 28.29 -21.08
CA ALA C 50 -28.21 27.76 -21.69
C ALA C 50 -27.87 27.11 -23.02
N ALA C 51 -28.70 26.15 -23.42
CA ALA C 51 -28.51 25.42 -24.67
C ALA C 51 -29.85 24.94 -25.21
N PRO C 52 -30.36 25.53 -26.29
CA PRO C 52 -31.59 25.01 -26.92
C PRO C 52 -31.37 23.63 -27.53
N LEU C 53 -32.15 22.66 -27.07
CA LEU C 53 -31.99 21.28 -27.49
C LEU C 53 -32.63 21.05 -28.85
N TRP C 54 -32.05 20.14 -29.62
CA TRP C 54 -32.54 19.77 -30.94
C TRP C 54 -32.74 18.27 -30.99
N ASP C 55 -33.91 17.85 -31.50
CA ASP C 55 -34.24 16.44 -31.63
C ASP C 55 -34.11 16.05 -33.10
N SER C 56 -33.12 15.21 -33.41
CA SER C 56 -32.91 14.79 -34.78
C SER C 56 -33.98 13.82 -35.29
N LYS C 57 -34.64 13.10 -34.39
CA LYS C 57 -35.69 12.17 -34.79
C LYS C 57 -37.02 12.88 -35.07
N LYS C 58 -37.19 14.12 -34.61
CA LYS C 58 -38.40 14.88 -34.86
C LYS C 58 -38.18 16.15 -35.66
N GLN C 59 -36.92 16.59 -35.83
CA GLN C 59 -36.54 17.80 -36.57
C GLN C 59 -37.22 19.05 -36.01
N SER C 60 -37.11 19.23 -34.70
CA SER C 60 -37.70 20.38 -34.03
C SER C 60 -36.95 20.62 -32.73
N PHE C 61 -37.05 21.86 -32.24
CA PHE C 61 -36.46 22.23 -30.95
C PHE C 61 -37.28 21.59 -29.83
N VAL C 62 -36.69 20.60 -29.15
CA VAL C 62 -37.45 19.78 -28.24
C VAL C 62 -37.50 20.35 -26.82
N GLY C 63 -36.48 21.09 -26.39
CA GLY C 63 -36.48 21.59 -25.03
C GLY C 63 -35.25 22.41 -24.71
N MET C 64 -34.99 22.54 -23.41
CA MET C 64 -33.93 23.40 -22.89
C MET C 64 -33.21 22.66 -21.76
N LEU C 65 -31.87 22.70 -21.79
CA LEU C 65 -31.03 22.05 -20.79
C LEU C 65 -30.15 23.12 -20.15
N THR C 66 -30.36 23.37 -18.86
CA THR C 66 -29.68 24.47 -18.17
C THR C 66 -29.18 24.02 -16.81
N ILE C 67 -28.74 25.01 -16.03
CA ILE C 67 -28.19 24.80 -14.69
C ILE C 67 -29.28 24.31 -13.74
N THR C 68 -30.54 24.68 -13.98
CA THR C 68 -31.64 24.14 -13.19
C THR C 68 -31.80 22.65 -13.40
N ASP C 69 -31.64 22.19 -14.65
CA ASP C 69 -31.64 20.75 -14.93
C ASP C 69 -30.42 20.07 -14.33
N PHE C 70 -29.29 20.79 -14.26
CA PHE C 70 -28.11 20.27 -13.56
C PHE C 70 -28.39 20.04 -12.08
N ILE C 71 -29.07 21.01 -11.45
CA ILE C 71 -29.47 20.89 -10.04
C ILE C 71 -30.42 19.72 -9.85
N ASN C 72 -31.39 19.57 -10.76
CA ASN C 72 -32.36 18.49 -10.65
C ASN C 72 -31.71 17.11 -10.82
N ILE C 73 -30.76 16.97 -11.74
CA ILE C 73 -30.16 15.66 -11.92
C ILE C 73 -29.18 15.34 -10.79
N LEU C 74 -28.43 16.34 -10.30
CA LEU C 74 -27.53 16.07 -9.17
C LEU C 74 -28.23 16.05 -7.83
N HIS C 75 -29.52 16.37 -7.77
CA HIS C 75 -30.31 16.11 -6.57
C HIS C 75 -31.06 14.79 -6.63
N ARG C 76 -31.53 14.39 -7.81
CA ARG C 76 -32.26 13.12 -7.91
C ARG C 76 -31.30 11.94 -7.95
N TYR C 77 -30.38 11.90 -8.93
CA TYR C 77 -29.53 10.73 -9.11
C TYR C 77 -28.21 10.87 -8.36
N TYR C 78 -28.29 11.11 -7.05
CA TYR C 78 -27.11 11.24 -6.20
C TYR C 78 -27.33 10.41 -4.93
N LYS C 79 -26.53 9.37 -4.75
CA LYS C 79 -26.64 8.49 -3.59
C LYS C 79 -25.69 8.88 -2.47
N SER C 80 -24.39 8.85 -2.73
CA SER C 80 -23.40 9.10 -1.69
C SER C 80 -22.17 9.74 -2.31
N ALA C 81 -21.33 10.31 -1.44
CA ALA C 81 -20.06 10.89 -1.89
C ALA C 81 -19.03 9.82 -2.17
N LEU C 82 -19.00 8.76 -1.36
CA LEU C 82 -18.06 7.66 -1.59
C LEU C 82 -18.48 6.82 -2.79
N VAL C 83 -19.78 6.64 -2.98
CA VAL C 83 -20.29 5.91 -4.13
C VAL C 83 -20.13 6.78 -5.38
N GLN C 84 -19.52 6.21 -6.42
CA GLN C 84 -19.35 6.92 -7.67
C GLN C 84 -20.70 7.07 -8.37
N ILE C 85 -20.92 8.24 -8.96
CA ILE C 85 -22.18 8.55 -9.63
C ILE C 85 -22.19 7.95 -11.04
N TYR C 86 -22.77 6.76 -11.17
CA TYR C 86 -22.85 6.09 -12.45
C TYR C 86 -24.03 6.57 -13.30
N GLU C 87 -25.05 7.16 -12.66
CA GLU C 87 -26.27 7.54 -13.38
C GLU C 87 -26.01 8.74 -14.30
N LEU C 88 -25.18 9.69 -13.84
CA LEU C 88 -24.81 10.82 -14.68
C LEU C 88 -23.96 10.38 -15.87
N GLU C 89 -23.22 9.29 -15.72
CA GLU C 89 -22.45 8.74 -16.82
C GLU C 89 -23.35 8.01 -17.81
N GLU C 90 -24.27 7.19 -17.31
CA GLU C 90 -25.02 6.29 -18.20
C GLU C 90 -26.26 6.92 -18.82
N HIS C 91 -26.87 7.92 -18.18
CA HIS C 91 -28.06 8.53 -18.75
C HIS C 91 -27.71 9.53 -19.85
N LYS C 92 -28.63 9.64 -20.81
CA LYS C 92 -28.54 10.60 -21.90
C LYS C 92 -29.61 11.68 -21.70
N ILE C 93 -29.70 12.58 -22.68
CA ILE C 93 -30.64 13.70 -22.57
C ILE C 93 -32.07 13.22 -22.76
N GLU C 94 -32.31 12.38 -23.78
CA GLU C 94 -33.66 11.84 -24.01
C GLU C 94 -34.09 10.91 -22.89
N THR C 95 -33.16 10.12 -22.35
CA THR C 95 -33.48 9.18 -21.28
C THR C 95 -33.81 9.91 -19.98
N TRP C 96 -33.11 11.02 -19.71
CA TRP C 96 -33.39 11.77 -18.50
C TRP C 96 -34.64 12.62 -18.65
N ARG C 97 -34.88 13.18 -19.85
CA ARG C 97 -36.03 14.06 -20.03
C ARG C 97 -37.33 13.27 -20.11
N GLU C 98 -37.31 12.02 -20.57
CA GLU C 98 -38.53 11.22 -20.53
C GLU C 98 -38.94 10.85 -19.11
N VAL C 99 -38.00 10.84 -18.17
CA VAL C 99 -38.32 10.63 -16.76
C VAL C 99 -38.70 11.95 -16.09
N TYR C 100 -37.98 13.03 -16.40
CA TYR C 100 -38.18 14.30 -15.72
C TYR C 100 -39.42 15.04 -16.19
N LEU C 101 -39.80 14.90 -17.47
CA LEU C 101 -40.96 15.58 -18.03
C LEU C 101 -42.18 14.67 -18.06
N GLN C 102 -42.32 13.78 -17.09
CA GLN C 102 -43.45 12.86 -17.06
C GLN C 102 -44.73 13.59 -16.64
N ASP C 103 -44.65 14.45 -15.64
CA ASP C 103 -45.82 15.15 -15.12
C ASP C 103 -46.10 16.47 -15.83
N SER C 104 -45.06 17.20 -16.22
CA SER C 104 -45.20 18.52 -16.85
C SER C 104 -44.73 18.43 -18.29
N PHE C 105 -45.66 18.59 -19.22
CA PHE C 105 -45.35 18.62 -20.65
C PHE C 105 -45.30 20.10 -21.07
N LYS C 106 -44.10 20.65 -21.17
CA LYS C 106 -43.90 22.06 -21.47
C LYS C 106 -43.06 22.22 -22.72
N PRO C 107 -43.64 22.66 -23.84
CA PRO C 107 -42.84 22.84 -25.06
C PRO C 107 -41.97 24.08 -24.99
N LEU C 108 -41.09 24.21 -25.98
CA LEU C 108 -40.16 25.32 -26.05
C LEU C 108 -40.91 26.58 -26.49
N VAL C 109 -41.14 27.49 -25.56
CA VAL C 109 -41.80 28.76 -25.87
C VAL C 109 -40.76 29.71 -26.46
N CYS C 110 -41.19 30.54 -27.41
CA CYS C 110 -40.31 31.47 -28.09
C CYS C 110 -41.14 32.67 -28.56
N ILE C 111 -40.50 33.57 -29.30
CA ILE C 111 -41.16 34.74 -29.86
C ILE C 111 -40.41 35.15 -31.12
N SER C 112 -41.15 35.68 -32.10
CA SER C 112 -40.54 36.16 -33.32
C SER C 112 -39.71 37.42 -33.05
N PRO C 113 -38.59 37.61 -33.74
CA PRO C 113 -37.88 38.89 -33.65
C PRO C 113 -38.59 40.03 -34.36
N ASN C 114 -39.53 39.72 -35.26
CA ASN C 114 -40.38 40.74 -35.85
C ASN C 114 -41.48 41.22 -34.91
N ALA C 115 -41.67 40.55 -33.78
CA ALA C 115 -42.60 40.99 -32.74
C ALA C 115 -41.94 42.08 -31.90
N SER C 116 -42.53 42.39 -30.76
CA SER C 116 -42.08 43.50 -29.93
C SER C 116 -41.54 42.96 -28.59
N LEU C 117 -41.22 43.90 -27.70
CA LEU C 117 -40.55 43.56 -26.44
C LEU C 117 -41.54 43.34 -25.30
N PHE C 118 -42.70 44.00 -25.35
CA PHE C 118 -43.72 43.87 -24.29
C PHE C 118 -44.23 42.43 -24.19
N ASP C 119 -44.48 41.79 -25.33
CA ASP C 119 -44.96 40.42 -25.33
C ASP C 119 -43.88 39.46 -24.84
N ALA C 120 -42.61 39.75 -25.17
CA ALA C 120 -41.50 38.91 -24.71
C ALA C 120 -41.32 39.01 -23.20
N VAL C 121 -41.42 40.23 -22.65
CA VAL C 121 -41.30 40.42 -21.21
C VAL C 121 -42.49 39.77 -20.49
N SER C 122 -43.69 39.91 -21.06
CA SER C 122 -44.86 39.29 -20.45
C SER C 122 -44.82 37.77 -20.52
N SER C 123 -44.19 37.21 -21.55
CA SER C 123 -44.04 35.76 -21.62
C SER C 123 -42.94 35.25 -20.70
N LEU C 124 -41.88 36.04 -20.50
CA LEU C 124 -40.86 35.70 -19.51
C LEU C 124 -41.42 35.74 -18.09
N ILE C 125 -42.32 36.68 -17.81
CA ILE C 125 -42.92 36.76 -16.48
C ILE C 125 -43.97 35.67 -16.29
N ARG C 126 -44.80 35.42 -17.30
CA ARG C 126 -45.91 34.48 -17.14
C ARG C 126 -45.43 33.03 -17.17
N ASN C 127 -44.47 32.70 -18.03
CA ASN C 127 -44.04 31.32 -18.19
C ASN C 127 -43.04 30.87 -17.12
N LYS C 128 -42.60 31.78 -16.24
CA LYS C 128 -41.59 31.54 -15.21
C LYS C 128 -40.30 30.99 -15.81
N ILE C 129 -39.87 31.61 -16.91
CA ILE C 129 -38.69 31.21 -17.64
C ILE C 129 -37.70 32.37 -17.61
N HIS C 130 -36.45 32.07 -17.26
CA HIS C 130 -35.42 33.10 -17.25
C HIS C 130 -34.87 33.35 -18.65
N ARG C 131 -34.68 32.29 -19.43
CA ARG C 131 -33.97 32.37 -20.72
C ARG C 131 -34.79 31.67 -21.81
N LEU C 132 -35.67 32.43 -22.47
CA LEU C 132 -36.21 31.79 -23.67
C LEU C 132 -35.59 32.39 -24.92
N PRO C 133 -35.25 31.57 -25.92
CA PRO C 133 -34.65 32.10 -27.15
C PRO C 133 -35.72 32.63 -28.09
N VAL C 134 -35.27 33.12 -29.24
CA VAL C 134 -36.16 33.61 -30.29
C VAL C 134 -35.97 32.73 -31.52
N ILE C 135 -37.04 32.59 -32.30
CA ILE C 135 -37.04 31.82 -33.54
C ILE C 135 -37.65 32.68 -34.63
N ASP C 136 -36.89 32.94 -35.68
CA ASP C 136 -37.40 33.70 -36.81
C ASP C 136 -38.31 32.82 -37.66
N PRO C 137 -39.56 33.22 -37.91
CA PRO C 137 -40.47 32.34 -38.67
C PRO C 137 -40.09 32.17 -40.14
N GLU C 138 -39.49 33.19 -40.76
CA GLU C 138 -39.07 33.08 -42.15
C GLU C 138 -37.94 32.07 -42.32
N SER C 139 -36.97 32.06 -41.41
CA SER C 139 -35.84 31.15 -41.50
C SER C 139 -36.09 29.85 -40.73
N GLY C 140 -36.32 29.96 -39.42
CA GLY C 140 -36.54 28.82 -38.55
C GLY C 140 -35.45 28.61 -37.52
N ASN C 141 -34.25 29.12 -37.77
CA ASN C 141 -33.15 28.96 -36.83
C ASN C 141 -33.31 29.87 -35.62
N THR C 142 -32.61 29.51 -34.55
CA THR C 142 -32.57 30.35 -33.36
C THR C 142 -31.39 31.30 -33.42
N LEU C 143 -31.56 32.47 -32.81
CA LEU C 143 -30.61 33.58 -32.95
C LEU C 143 -29.90 33.92 -31.66
N TYR C 144 -30.64 34.18 -30.58
CA TYR C 144 -30.04 34.67 -29.36
C TYR C 144 -30.87 34.22 -28.17
N ILE C 145 -30.19 33.97 -27.05
CA ILE C 145 -30.82 33.54 -25.81
C ILE C 145 -31.03 34.78 -24.95
N LEU C 146 -32.29 35.18 -24.78
CA LEU C 146 -32.59 36.42 -24.09
C LEU C 146 -32.42 36.28 -22.59
N THR C 147 -31.89 37.34 -21.97
CA THR C 147 -31.61 37.38 -20.54
C THR C 147 -32.17 38.69 -20.00
N HIS C 148 -32.69 38.66 -18.77
CA HIS C 148 -33.25 39.86 -18.14
C HIS C 148 -32.17 40.91 -17.88
N LYS C 149 -30.93 40.48 -17.69
CA LYS C 149 -29.81 41.40 -17.54
C LYS C 149 -29.60 42.24 -18.79
N ARG C 150 -29.70 41.61 -19.97
CA ARG C 150 -29.64 42.35 -21.23
C ARG C 150 -30.84 43.28 -21.39
N ILE C 151 -31.99 42.90 -20.83
CA ILE C 151 -33.17 43.76 -20.88
C ILE C 151 -32.96 45.01 -20.04
N LEU C 152 -32.39 44.88 -18.85
CA LEU C 152 -32.12 46.08 -18.05
C LEU C 152 -30.97 46.90 -18.62
N LYS C 153 -29.99 46.27 -19.27
CA LYS C 153 -28.94 47.05 -19.93
C LYS C 153 -29.47 47.81 -21.14
N PHE C 154 -30.49 47.27 -21.81
CA PHE C 154 -31.14 48.02 -22.89
C PHE C 154 -32.05 49.12 -22.34
N LEU C 155 -32.68 48.88 -21.20
CA LEU C 155 -33.61 49.86 -20.64
C LEU C 155 -32.87 51.05 -20.02
N LYS C 156 -31.75 50.80 -19.33
CA LYS C 156 -31.07 51.85 -18.58
C LYS C 156 -30.43 52.89 -19.49
N LEU C 157 -30.06 52.50 -20.72
CA LEU C 157 -29.49 53.44 -21.68
C LEU C 157 -30.52 54.44 -22.18
N PHE C 158 -31.81 54.11 -22.12
CA PHE C 158 -32.87 54.96 -22.65
C PHE C 158 -33.75 55.56 -21.56
N ILE C 159 -33.19 55.87 -20.40
CA ILE C 159 -33.90 56.61 -19.36
C ILE C 159 -33.15 57.93 -19.18
N THR C 160 -33.54 58.93 -19.97
CA THR C 160 -33.01 60.28 -19.80
C THR C 160 -34.06 61.34 -20.09
N GLU C 161 -35.35 61.01 -20.01
CA GLU C 161 -36.42 61.83 -20.55
C GLU C 161 -37.04 62.70 -19.45
N PHE C 162 -38.11 63.42 -19.84
CA PHE C 162 -38.75 64.34 -18.91
C PHE C 162 -39.62 63.63 -17.86
N PRO C 163 -40.58 62.63 -18.21
CA PRO C 163 -41.34 61.96 -17.13
C PRO C 163 -40.58 60.83 -16.44
N LYS C 164 -39.40 61.15 -15.91
CA LYS C 164 -38.55 60.17 -15.24
C LYS C 164 -38.98 59.90 -13.80
N PRO C 165 -39.28 60.92 -12.92
CA PRO C 165 -39.68 60.47 -11.56
C PRO C 165 -41.17 60.12 -11.44
N GLU C 166 -41.58 59.06 -12.12
CA GLU C 166 -42.94 58.55 -11.94
C GLU C 166 -43.07 57.80 -10.63
N PHE C 167 -42.20 56.80 -10.42
CA PHE C 167 -42.13 56.10 -9.14
C PHE C 167 -40.70 55.78 -8.72
N MET C 168 -39.70 56.24 -9.47
CA MET C 168 -38.30 55.99 -9.10
C MET C 168 -37.90 56.79 -7.87
N SER C 169 -38.52 57.96 -7.66
CA SER C 169 -38.22 58.78 -6.49
C SER C 169 -38.74 58.16 -5.20
N LYS C 170 -39.72 57.26 -5.29
CA LYS C 170 -40.29 56.61 -4.11
C LYS C 170 -39.29 55.64 -3.48
N SER C 171 -39.67 55.10 -2.32
CA SER C 171 -38.81 54.23 -1.56
C SER C 171 -39.01 52.78 -1.99
N LEU C 172 -38.44 51.84 -1.24
CA LEU C 172 -38.52 50.42 -1.54
C LEU C 172 -39.45 49.65 -0.63
N GLU C 173 -39.64 50.12 0.61
CA GLU C 173 -40.47 49.41 1.57
C GLU C 173 -41.96 49.59 1.30
N GLU C 174 -42.35 50.70 0.68
CA GLU C 174 -43.76 51.04 0.51
C GLU C 174 -44.34 50.55 -0.82
N LEU C 175 -43.51 50.18 -1.78
CA LEU C 175 -43.98 49.73 -3.08
C LEU C 175 -44.11 48.20 -3.17
N GLN C 176 -43.78 47.49 -2.10
CA GLN C 176 -43.85 46.02 -1.99
C GLN C 176 -42.99 45.34 -3.06
N ILE C 177 -41.85 45.95 -3.38
CA ILE C 177 -40.93 45.40 -4.36
C ILE C 177 -40.04 44.37 -3.69
N GLY C 178 -40.15 43.13 -4.12
CA GLY C 178 -39.36 42.05 -3.57
C GLY C 178 -40.17 41.15 -2.65
N THR C 179 -39.66 39.94 -2.45
CA THR C 179 -40.30 38.97 -1.57
C THR C 179 -39.90 39.24 -0.12
N TYR C 180 -40.89 39.43 0.75
CA TYR C 180 -40.66 39.71 2.16
C TYR C 180 -41.28 38.68 3.10
N ALA C 181 -42.26 37.91 2.64
CA ALA C 181 -42.98 37.01 3.54
C ALA C 181 -42.14 35.80 3.92
N ASN C 182 -41.52 35.15 2.93
CA ASN C 182 -40.74 33.94 3.17
C ASN C 182 -39.34 34.14 2.57
N ILE C 183 -38.33 33.84 3.38
CA ILE C 183 -36.93 33.92 2.96
C ILE C 183 -36.26 32.57 3.20
N ALA C 184 -35.44 32.15 2.24
CA ALA C 184 -34.68 30.91 2.33
C ALA C 184 -33.22 31.24 2.61
N MET C 185 -32.70 30.73 3.74
CA MET C 185 -31.33 30.97 4.13
C MET C 185 -30.67 29.66 4.55
N VAL C 186 -29.37 29.57 4.33
CA VAL C 186 -28.56 28.42 4.76
C VAL C 186 -27.36 28.93 5.53
N ARG C 187 -26.96 28.17 6.55
CA ARG C 187 -25.77 28.49 7.31
C ARG C 187 -24.52 28.10 6.51
N THR C 188 -23.37 28.64 6.96
CA THR C 188 -22.10 28.29 6.33
C THR C 188 -21.72 26.84 6.59
N THR C 189 -22.09 26.30 7.76
CA THR C 189 -21.78 24.92 8.08
C THR C 189 -22.65 23.93 7.29
N THR C 190 -23.77 24.38 6.74
CA THR C 190 -24.67 23.49 6.02
C THR C 190 -24.03 22.98 4.73
N PRO C 191 -24.22 21.70 4.39
CA PRO C 191 -23.61 21.16 3.17
C PRO C 191 -24.28 21.67 1.91
N VAL C 192 -23.69 21.28 0.77
CA VAL C 192 -24.21 21.66 -0.54
C VAL C 192 -25.57 20.99 -0.80
N TYR C 193 -25.77 19.78 -0.27
CA TYR C 193 -26.94 18.97 -0.62
C TYR C 193 -28.24 19.54 -0.08
N VAL C 194 -28.22 20.20 1.07
CA VAL C 194 -29.45 20.83 1.56
C VAL C 194 -29.78 22.07 0.74
N ALA C 195 -28.76 22.76 0.20
CA ALA C 195 -29.01 23.85 -0.74
C ALA C 195 -29.55 23.33 -2.06
N LEU C 196 -29.11 22.14 -2.48
CA LEU C 196 -29.69 21.50 -3.66
C LEU C 196 -31.15 21.13 -3.42
N GLY C 197 -31.46 20.65 -2.21
CA GLY C 197 -32.83 20.33 -1.89
C GLY C 197 -33.73 21.55 -1.83
N ILE C 198 -33.21 22.67 -1.35
CA ILE C 198 -33.98 23.92 -1.36
C ILE C 198 -34.15 24.44 -2.78
N PHE C 199 -33.12 24.29 -3.62
CA PHE C 199 -33.23 24.67 -5.03
C PHE C 199 -34.23 23.82 -5.80
N VAL C 200 -34.39 22.56 -5.42
CA VAL C 200 -35.37 21.70 -6.10
C VAL C 200 -36.77 21.94 -5.55
N GLN C 201 -36.91 22.13 -4.23
CA GLN C 201 -38.23 22.31 -3.63
C GLN C 201 -38.81 23.67 -3.98
N HIS C 202 -38.08 24.75 -3.70
CA HIS C 202 -38.54 26.08 -4.03
C HIS C 202 -38.12 26.43 -5.46
N ARG C 203 -38.54 27.60 -5.93
CA ARG C 203 -38.15 28.12 -7.23
C ARG C 203 -37.14 29.27 -7.09
N VAL C 204 -36.31 29.21 -6.05
CA VAL C 204 -35.36 30.27 -5.76
C VAL C 204 -34.14 30.13 -6.67
N SER C 205 -33.32 31.18 -6.74
CA SER C 205 -32.16 31.20 -7.60
C SER C 205 -30.85 31.47 -6.88
N ALA C 206 -30.89 31.87 -5.61
CA ALA C 206 -29.68 32.18 -4.85
C ALA C 206 -29.97 32.04 -3.38
N LEU C 207 -28.92 31.75 -2.61
CA LEU C 207 -29.02 31.61 -1.16
C LEU C 207 -27.90 32.41 -0.50
N PRO C 208 -28.20 33.60 0.04
CA PRO C 208 -27.20 34.34 0.81
C PRO C 208 -26.97 33.68 2.16
N VAL C 209 -25.72 33.26 2.41
CA VAL C 209 -25.39 32.57 3.64
C VAL C 209 -25.24 33.58 4.77
N VAL C 210 -25.61 33.15 5.98
CA VAL C 210 -25.52 33.97 7.18
C VAL C 210 -24.85 33.14 8.27
N ASP C 211 -24.45 33.83 9.33
CA ASP C 211 -23.88 33.19 10.51
C ASP C 211 -24.99 32.85 11.49
N GLU C 212 -24.62 32.51 12.73
CA GLU C 212 -25.61 32.24 13.76
C GLU C 212 -26.37 33.50 14.19
N LYS C 213 -25.79 34.69 13.98
CA LYS C 213 -26.49 35.92 14.28
C LYS C 213 -27.37 36.38 13.13
N GLY C 214 -26.95 36.13 11.89
CA GLY C 214 -27.71 36.55 10.73
C GLY C 214 -26.96 37.51 9.82
N ARG C 215 -25.69 37.73 10.11
CA ARG C 215 -24.87 38.64 9.32
C ARG C 215 -24.40 37.96 8.04
N VAL C 216 -24.57 38.63 6.91
CA VAL C 216 -24.17 38.10 5.62
C VAL C 216 -22.67 38.32 5.44
N VAL C 217 -21.94 37.23 5.17
CA VAL C 217 -20.50 37.33 4.95
C VAL C 217 -20.15 36.91 3.53
N ASP C 218 -20.96 36.03 2.94
CA ASP C 218 -20.76 35.56 1.57
C ASP C 218 -22.12 35.40 0.91
N ILE C 219 -22.11 34.98 -0.36
CA ILE C 219 -23.33 34.76 -1.12
C ILE C 219 -23.13 33.51 -1.98
N TYR C 220 -24.19 32.70 -2.09
CA TYR C 220 -24.16 31.47 -2.86
C TYR C 220 -25.29 31.50 -3.89
N SER C 221 -24.95 31.23 -5.14
CA SER C 221 -25.91 31.27 -6.24
C SER C 221 -25.76 30.01 -7.10
N LYS C 222 -26.63 29.89 -8.09
CA LYS C 222 -26.63 28.73 -8.98
C LYS C 222 -25.46 28.74 -9.95
N PHE C 223 -24.89 29.91 -10.23
CA PHE C 223 -23.73 29.99 -11.11
C PHE C 223 -22.49 29.39 -10.45
N ASP C 224 -22.41 29.41 -9.12
CA ASP C 224 -21.28 28.85 -8.41
C ASP C 224 -21.31 27.32 -8.37
N VAL C 225 -22.40 26.69 -8.81
CA VAL C 225 -22.49 25.24 -8.78
C VAL C 225 -21.64 24.62 -9.89
N ILE C 226 -21.55 25.29 -11.04
CA ILE C 226 -20.95 24.68 -12.23
C ILE C 226 -19.43 24.55 -12.11
N ASN C 227 -18.80 25.30 -11.20
CA ASN C 227 -17.36 25.13 -11.00
C ASN C 227 -17.04 23.81 -10.28
N LEU C 228 -18.00 23.27 -9.53
CA LEU C 228 -17.82 21.95 -8.92
C LEU C 228 -17.74 20.87 -9.99
N ALA C 229 -18.53 21.00 -11.06
CA ALA C 229 -18.41 20.11 -12.20
C ALA C 229 -17.18 20.43 -13.04
N ALA C 230 -16.72 21.69 -13.00
CA ALA C 230 -15.51 22.07 -13.74
C ALA C 230 -14.27 21.41 -13.15
N GLU C 231 -14.12 21.47 -11.81
CA GLU C 231 -12.97 20.87 -11.15
C GLU C 231 -13.22 19.42 -10.73
N LYS C 232 -14.25 18.78 -11.29
CA LYS C 232 -14.57 17.36 -11.14
C LYS C 232 -14.91 16.97 -9.70
N THR C 233 -15.29 17.95 -8.85
CA THR C 233 -15.73 17.67 -7.50
C THR C 233 -17.25 17.56 -7.39
N TYR C 234 -17.92 17.18 -8.49
CA TYR C 234 -19.37 17.03 -8.48
C TYR C 234 -19.83 15.78 -7.72
N ASN C 235 -18.93 14.84 -7.46
CA ASN C 235 -19.28 13.66 -6.68
C ASN C 235 -19.20 13.89 -5.17
N ASN C 236 -18.47 14.90 -4.73
CA ASN C 236 -18.34 15.23 -3.31
C ASN C 236 -19.24 16.43 -3.03
N LEU C 237 -20.50 16.16 -2.71
CA LEU C 237 -21.48 17.19 -2.41
C LEU C 237 -21.81 17.27 -0.93
N ASP C 238 -20.98 16.68 -0.08
CA ASP C 238 -21.19 16.70 1.36
C ASP C 238 -20.32 17.73 2.08
N VAL C 239 -19.46 18.44 1.35
CA VAL C 239 -18.65 19.49 1.95
C VAL C 239 -19.51 20.72 2.22
N SER C 240 -19.00 21.60 3.08
CA SER C 240 -19.71 22.82 3.42
C SER C 240 -19.69 23.81 2.26
N VAL C 241 -20.57 24.82 2.34
CA VAL C 241 -20.65 25.81 1.29
C VAL C 241 -19.51 26.82 1.36
N THR C 242 -18.79 26.89 2.48
CA THR C 242 -17.63 27.79 2.57
C THR C 242 -16.49 27.28 1.69
N LYS C 243 -16.22 25.98 1.72
CA LYS C 243 -15.25 25.38 0.81
C LYS C 243 -15.72 25.39 -0.64
N ALA C 244 -17.03 25.46 -0.87
CA ALA C 244 -17.56 25.58 -2.22
C ALA C 244 -17.51 27.02 -2.72
N LEU C 245 -17.44 28.01 -1.83
CA LEU C 245 -17.30 29.41 -2.22
C LEU C 245 -15.86 29.91 -2.15
N GLN C 246 -14.93 29.11 -1.62
CA GLN C 246 -13.50 29.43 -1.71
C GLN C 246 -12.92 29.21 -3.12
N HIS C 247 -13.72 28.81 -4.11
CA HIS C 247 -13.21 28.62 -5.46
C HIS C 247 -12.83 29.94 -6.13
N ARG C 248 -13.50 31.04 -5.75
CA ARG C 248 -13.28 32.35 -6.35
C ARG C 248 -12.88 33.40 -5.33
N SER C 249 -12.29 32.97 -4.20
CA SER C 249 -12.01 33.88 -3.08
C SER C 249 -10.91 34.88 -3.39
N HIS C 250 -10.11 34.67 -4.44
CA HIS C 250 -9.06 35.59 -4.83
C HIS C 250 -9.56 36.70 -5.76
N TYR C 251 -10.86 36.77 -6.03
CA TYR C 251 -11.35 37.69 -7.04
C TYR C 251 -12.40 38.67 -6.54
N PHE C 252 -13.36 38.24 -5.72
CA PHE C 252 -14.47 39.12 -5.39
C PHE C 252 -14.13 39.98 -4.17
N GLU C 253 -14.99 40.97 -3.92
CA GLU C 253 -14.82 41.90 -2.80
C GLU C 253 -15.72 41.54 -1.63
N GLY C 254 -17.03 41.46 -1.87
CA GLY C 254 -17.97 41.15 -0.81
C GLY C 254 -19.38 40.89 -1.31
N VAL C 255 -20.37 41.33 -0.54
CA VAL C 255 -21.78 41.13 -0.86
C VAL C 255 -22.41 42.50 -1.11
N LEU C 256 -23.02 42.67 -2.27
CA LEU C 256 -23.64 43.93 -2.68
C LEU C 256 -24.96 44.08 -1.95
N LYS C 257 -24.92 44.75 -0.81
CA LYS C 257 -26.11 45.00 0.00
C LYS C 257 -26.72 46.35 -0.33
N CYS C 258 -28.04 46.44 -0.17
CA CYS C 258 -28.78 47.67 -0.39
C CYS C 258 -29.72 47.90 0.80
N TYR C 259 -30.40 49.04 0.79
CA TYR C 259 -31.26 49.43 1.89
C TYR C 259 -32.65 49.78 1.38
N LEU C 260 -33.61 49.78 2.31
CA LEU C 260 -35.00 50.05 1.97
C LEU C 260 -35.24 51.55 1.74
N HIS C 261 -34.56 52.40 2.51
CA HIS C 261 -34.80 53.84 2.42
C HIS C 261 -34.24 54.43 1.12
N GLU C 262 -33.26 53.77 0.51
CA GLU C 262 -32.67 54.26 -0.73
C GLU C 262 -33.68 54.16 -1.88
N THR C 263 -33.63 55.13 -2.79
CA THR C 263 -34.56 55.19 -3.91
C THR C 263 -34.32 54.05 -4.88
N LEU C 264 -35.36 53.77 -5.69
CA LEU C 264 -35.33 52.61 -6.58
C LEU C 264 -34.34 52.79 -7.73
N GLU C 265 -34.20 54.03 -8.23
CA GLU C 265 -33.33 54.26 -9.39
C GLU C 265 -31.85 54.07 -9.06
N THR C 266 -31.45 54.37 -7.82
CA THR C 266 -30.07 54.12 -7.41
C THR C 266 -29.81 52.62 -7.30
N ILE C 267 -30.81 51.86 -6.84
CA ILE C 267 -30.72 50.41 -6.80
C ILE C 267 -30.62 49.82 -8.20
N ILE C 268 -31.38 50.37 -9.16
CA ILE C 268 -31.33 49.90 -10.53
C ILE C 268 -29.98 50.25 -11.18
N ASN C 269 -29.42 51.42 -10.85
CA ASN C 269 -28.14 51.82 -11.41
C ASN C 269 -27.00 50.97 -10.86
N ARG C 270 -26.99 50.70 -9.54
CA ARG C 270 -26.00 49.80 -8.97
C ARG C 270 -26.23 48.35 -9.38
N LEU C 271 -27.46 48.01 -9.78
CA LEU C 271 -27.76 46.68 -10.28
C LEU C 271 -27.18 46.48 -11.68
N VAL C 272 -27.35 47.47 -12.56
CA VAL C 272 -26.86 47.33 -13.92
C VAL C 272 -25.36 47.64 -14.03
N GLU C 273 -24.78 48.34 -13.05
CA GLU C 273 -23.36 48.66 -13.13
C GLU C 273 -22.50 47.45 -12.79
N ALA C 274 -22.88 46.68 -11.78
CA ALA C 274 -22.08 45.57 -11.29
C ALA C 274 -22.47 44.23 -11.90
N GLU C 275 -23.37 44.24 -12.90
CA GLU C 275 -23.85 43.08 -13.69
C GLU C 275 -24.22 41.86 -12.82
N VAL C 276 -24.91 42.11 -11.72
CA VAL C 276 -25.39 41.06 -10.83
C VAL C 276 -26.89 40.92 -11.00
N HIS C 277 -27.38 39.70 -10.77
CA HIS C 277 -28.80 39.42 -11.01
C HIS C 277 -29.67 40.00 -9.90
N ARG C 278 -29.29 39.82 -8.64
CA ARG C 278 -30.16 40.20 -7.53
C ARG C 278 -29.33 40.78 -6.39
N LEU C 279 -30.02 41.51 -5.52
CA LEU C 279 -29.44 42.05 -4.30
C LEU C 279 -30.34 41.71 -3.11
N VAL C 280 -29.73 41.61 -1.94
CA VAL C 280 -30.45 41.40 -0.69
C VAL C 280 -30.63 42.75 -0.01
N VAL C 281 -31.68 42.86 0.79
CA VAL C 281 -31.93 44.05 1.60
C VAL C 281 -31.50 43.77 3.03
N VAL C 282 -30.85 44.76 3.65
CA VAL C 282 -30.32 44.64 4.99
C VAL C 282 -30.72 45.86 5.80
N ASP C 283 -30.30 45.87 7.07
CA ASP C 283 -30.47 47.01 7.95
C ASP C 283 -29.14 47.38 8.61
N GLU C 284 -29.17 48.24 9.62
CA GLU C 284 -27.97 48.56 10.38
C GLU C 284 -27.46 47.38 11.20
N ASN C 285 -28.34 46.44 11.55
CA ASN C 285 -27.95 45.22 12.25
C ASN C 285 -27.58 44.08 11.31
N ASP C 286 -27.69 44.32 9.99
CA ASP C 286 -27.23 43.41 8.93
C ASP C 286 -27.94 42.06 8.97
N VAL C 287 -29.27 42.11 9.08
CA VAL C 287 -30.10 40.92 8.99
C VAL C 287 -30.78 40.90 7.63
N VAL C 288 -31.23 39.73 7.22
CA VAL C 288 -31.85 39.55 5.91
C VAL C 288 -33.35 39.81 6.03
N LYS C 289 -33.84 40.78 5.26
CA LYS C 289 -35.26 41.08 5.20
C LYS C 289 -35.92 40.61 3.91
N GLY C 290 -35.16 40.17 2.94
CA GLY C 290 -35.73 39.72 1.67
C GLY C 290 -34.72 39.85 0.54
N ILE C 291 -35.16 39.40 -0.63
CA ILE C 291 -34.34 39.40 -1.85
C ILE C 291 -35.17 40.01 -2.97
N VAL C 292 -34.59 40.98 -3.68
CA VAL C 292 -35.23 41.60 -4.84
C VAL C 292 -34.43 41.24 -6.09
N SER C 293 -35.11 40.62 -7.05
CA SER C 293 -34.49 40.14 -8.28
C SER C 293 -35.01 40.93 -9.48
N LEU C 294 -34.53 40.53 -10.67
CA LEU C 294 -34.94 41.19 -11.90
C LEU C 294 -36.40 40.90 -12.24
N SER C 295 -36.89 39.70 -11.89
CA SER C 295 -38.24 39.29 -12.27
C SER C 295 -39.33 40.04 -11.50
N ASP C 296 -38.99 40.72 -10.42
CA ASP C 296 -39.94 41.55 -9.70
C ASP C 296 -39.83 43.02 -10.05
N ILE C 297 -38.62 43.51 -10.37
CA ILE C 297 -38.45 44.88 -10.84
C ILE C 297 -39.08 45.04 -12.22
N LEU C 298 -38.87 44.06 -13.11
CA LEU C 298 -39.54 44.09 -14.41
C LEU C 298 -41.04 43.85 -14.27
N GLN C 299 -41.47 43.15 -13.21
CA GLN C 299 -42.90 43.02 -12.95
C GLN C 299 -43.51 44.36 -12.52
N ALA C 300 -42.78 45.13 -11.73
CA ALA C 300 -43.23 46.48 -11.37
C ALA C 300 -43.20 47.42 -12.56
N LEU C 301 -42.23 47.24 -13.46
CA LEU C 301 -42.15 48.09 -14.65
C LEU C 301 -43.22 47.76 -15.68
N VAL C 302 -43.62 46.48 -15.78
CA VAL C 302 -44.52 46.07 -16.85
C VAL C 302 -45.97 46.41 -16.54
N LEU C 303 -46.32 46.64 -15.27
CA LEU C 303 -47.69 46.97 -14.90
C LEU C 303 -48.04 48.42 -15.29
N GLY D 7 7.15 -17.18 36.75
CA GLY D 7 7.36 -17.16 38.18
C GLY D 7 7.99 -15.86 38.66
N LYS D 8 7.74 -14.78 37.93
CA LYS D 8 8.28 -13.47 38.28
C LYS D 8 7.20 -12.40 38.20
N LEU D 9 7.60 -11.14 38.38
CA LEU D 9 6.68 -10.01 38.32
C LEU D 9 7.11 -9.08 37.20
N VAL D 10 6.17 -8.74 36.32
CA VAL D 10 6.43 -7.86 35.18
C VAL D 10 5.59 -6.60 35.36
N ILE D 11 6.26 -5.45 35.47
CA ILE D 11 5.62 -4.16 35.68
C ILE D 11 5.72 -3.35 34.40
N TRP D 12 4.57 -2.88 33.90
CA TRP D 12 4.52 -1.94 32.79
C TRP D 12 4.01 -0.61 33.31
N ILE D 13 4.81 0.44 33.12
CA ILE D 13 4.46 1.80 33.53
C ILE D 13 4.94 2.73 32.44
N ASN D 14 4.34 3.91 32.38
CA ASN D 14 4.67 4.90 31.35
C ASN D 14 6.10 5.42 31.55
N GLY D 15 6.72 5.83 30.44
CA GLY D 15 8.12 6.20 30.44
C GLY D 15 8.45 7.47 31.22
N ASP D 16 7.46 8.31 31.48
CA ASP D 16 7.65 9.53 32.25
C ASP D 16 7.41 9.33 33.75
N LYS D 17 7.39 8.09 34.22
CA LYS D 17 7.18 7.76 35.63
C LYS D 17 8.49 7.32 36.28
N GLY D 18 8.44 7.13 37.60
CA GLY D 18 9.60 6.70 38.36
C GLY D 18 9.80 5.21 38.35
N TYR D 19 10.29 4.67 37.22
CA TYR D 19 10.49 3.23 37.10
C TYR D 19 11.72 2.74 37.85
N ASN D 20 12.70 3.60 38.13
CA ASN D 20 13.89 3.16 38.85
C ASN D 20 13.58 2.89 40.32
N GLY D 21 12.62 3.61 40.90
CA GLY D 21 12.19 3.28 42.25
C GLY D 21 11.49 1.94 42.33
N LEU D 22 10.69 1.62 41.30
CA LEU D 22 10.09 0.29 41.21
C LEU D 22 11.15 -0.79 40.98
N ALA D 23 12.22 -0.46 40.25
CA ALA D 23 13.33 -1.40 40.08
C ALA D 23 14.07 -1.61 41.40
N GLU D 24 14.19 -0.57 42.22
CA GLU D 24 14.83 -0.72 43.53
C GLU D 24 13.96 -1.56 44.48
N VAL D 25 12.63 -1.36 44.42
CA VAL D 25 11.73 -2.19 45.23
C VAL D 25 11.75 -3.64 44.76
N GLY D 26 11.88 -3.85 43.44
CA GLY D 26 12.04 -5.20 42.93
C GLY D 26 13.36 -5.85 43.30
N LYS D 27 14.43 -5.05 43.37
CA LYS D 27 15.72 -5.57 43.84
C LYS D 27 15.66 -5.91 45.33
N LYS D 28 14.91 -5.13 46.11
CA LYS D 28 14.72 -5.45 47.52
C LYS D 28 13.88 -6.72 47.68
N PHE D 29 12.90 -6.92 46.79
CA PHE D 29 12.10 -8.15 46.80
C PHE D 29 12.94 -9.36 46.42
N GLU D 30 13.83 -9.20 45.44
CA GLU D 30 14.77 -10.27 45.08
C GLU D 30 15.78 -10.53 46.20
N LYS D 31 16.15 -9.49 46.94
CA LYS D 31 17.02 -9.68 48.10
C LYS D 31 16.29 -10.41 49.22
N ASP D 32 14.98 -10.22 49.33
CA ASP D 32 14.23 -10.81 50.44
C ASP D 32 13.75 -12.23 50.14
N THR D 33 13.43 -12.55 48.88
CA THR D 33 12.95 -13.91 48.60
C THR D 33 13.54 -14.57 47.37
N GLY D 34 14.24 -13.86 46.48
CA GLY D 34 14.90 -14.46 45.34
C GLY D 34 14.19 -14.34 44.02
N ILE D 35 12.95 -13.88 44.00
CA ILE D 35 12.20 -13.72 42.76
C ILE D 35 12.47 -12.32 42.21
N LYS D 36 12.97 -12.26 40.97
CA LYS D 36 13.32 -10.99 40.35
C LYS D 36 12.08 -10.31 39.76
N VAL D 37 12.19 -9.00 39.59
CA VAL D 37 11.13 -8.18 39.01
C VAL D 37 11.70 -7.48 37.79
N THR D 38 11.01 -7.63 36.65
CA THR D 38 11.42 -7.03 35.39
C THR D 38 10.58 -5.78 35.13
N VAL D 39 11.25 -4.65 34.93
CA VAL D 39 10.58 -3.37 34.71
C VAL D 39 10.69 -3.03 33.23
N GLU D 40 9.54 -2.88 32.57
CA GLU D 40 9.46 -2.53 31.17
C GLU D 40 8.55 -1.31 31.03
N HIS D 41 8.86 -0.46 30.06
CA HIS D 41 8.06 0.74 29.77
C HIS D 41 7.61 0.72 28.30
N PRO D 42 6.55 0.00 27.97
CA PRO D 42 6.08 -0.04 26.59
C PRO D 42 5.28 1.20 26.21
N ASP D 43 5.35 1.54 24.93
CA ASP D 43 4.60 2.68 24.41
C ASP D 43 3.15 2.27 24.17
N LYS D 44 2.23 3.15 24.60
CA LYS D 44 0.78 2.95 24.52
C LYS D 44 0.34 1.66 25.20
N LEU D 45 0.65 1.58 26.50
CA LEU D 45 0.39 0.37 27.27
C LEU D 45 -1.10 0.10 27.48
N GLU D 46 -1.94 1.14 27.42
CA GLU D 46 -3.39 0.93 27.50
C GLU D 46 -3.95 0.24 26.27
N GLU D 47 -3.22 0.26 25.15
CA GLU D 47 -3.59 -0.48 23.96
C GLU D 47 -2.93 -1.85 23.90
N LYS D 48 -1.69 -1.95 24.39
CA LYS D 48 -0.96 -3.22 24.39
C LYS D 48 -1.43 -4.16 25.49
N PHE D 49 -2.11 -3.66 26.51
CA PHE D 49 -2.52 -4.50 27.64
C PHE D 49 -3.62 -5.52 27.29
N PRO D 50 -4.77 -5.16 26.69
CA PRO D 50 -5.83 -6.18 26.53
C PRO D 50 -5.54 -7.24 25.47
N GLN D 51 -4.69 -6.94 24.47
CA GLN D 51 -4.42 -7.92 23.43
C GLN D 51 -3.59 -9.09 23.94
N VAL D 52 -2.80 -8.87 24.99
CA VAL D 52 -2.09 -9.96 25.66
C VAL D 52 -2.83 -10.45 26.89
N ALA D 53 -3.67 -9.61 27.50
CA ALA D 53 -4.44 -10.05 28.66
C ALA D 53 -5.57 -10.99 28.25
N ALA D 54 -6.06 -10.88 27.03
CA ALA D 54 -7.08 -11.82 26.54
C ALA D 54 -6.48 -13.18 26.23
N THR D 55 -5.20 -13.22 25.85
CA THR D 55 -4.53 -14.47 25.49
C THR D 55 -3.93 -15.19 26.68
N GLY D 56 -4.04 -14.64 27.89
CA GLY D 56 -3.57 -15.32 29.08
C GLY D 56 -2.11 -15.13 29.40
N ASP D 57 -1.40 -14.27 28.67
CA ASP D 57 0.03 -14.04 28.93
C ASP D 57 0.33 -12.55 29.12
N GLY D 58 1.60 -12.19 29.13
CA GLY D 58 2.00 -10.81 29.25
C GLY D 58 2.34 -10.42 30.67
N PRO D 59 2.09 -9.16 31.03
CA PRO D 59 2.41 -8.69 32.37
C PRO D 59 1.42 -9.20 33.41
N ASP D 60 1.93 -9.41 34.62
CA ASP D 60 1.10 -9.86 35.73
C ASP D 60 0.45 -8.71 36.48
N ILE D 61 1.06 -7.53 36.45
CA ILE D 61 0.57 -6.36 37.17
C ILE D 61 0.70 -5.14 36.26
N ILE D 62 -0.29 -4.26 36.30
CA ILE D 62 -0.30 -3.04 35.51
C ILE D 62 -0.49 -1.85 36.45
N PHE D 63 0.21 -0.75 36.15
CA PHE D 63 0.09 0.50 36.89
C PHE D 63 -0.55 1.53 35.98
N TRP D 64 -1.82 1.83 36.21
CA TRP D 64 -2.55 2.80 35.42
C TRP D 64 -3.72 3.30 36.25
N ALA D 65 -4.26 4.45 35.83
CA ALA D 65 -5.43 5.04 36.50
C ALA D 65 -6.68 4.19 36.27
N HIS D 66 -7.71 4.49 37.06
CA HIS D 66 -8.93 3.70 37.11
C HIS D 66 -9.90 3.98 35.96
N ASP D 67 -9.53 4.85 35.00
CA ASP D 67 -10.44 5.17 33.90
C ASP D 67 -10.56 4.02 32.90
N ARG D 68 -9.48 3.26 32.69
CA ARG D 68 -9.51 2.11 31.81
C ARG D 68 -9.90 0.83 32.54
N PHE D 69 -9.90 0.83 33.88
CA PHE D 69 -10.12 -0.39 34.65
C PHE D 69 -11.57 -0.88 34.58
N GLY D 70 -12.53 0.00 34.29
CA GLY D 70 -13.90 -0.47 34.11
C GLY D 70 -14.07 -1.30 32.85
N GLY D 71 -13.53 -0.80 31.74
CA GLY D 71 -13.51 -1.58 30.51
C GLY D 71 -12.60 -2.78 30.57
N TYR D 72 -11.59 -2.75 31.45
CA TYR D 72 -10.79 -3.96 31.67
C TYR D 72 -11.57 -4.98 32.50
N ALA D 73 -12.38 -4.53 33.44
CA ALA D 73 -13.12 -5.42 34.32
C ALA D 73 -14.34 -6.03 33.64
N GLN D 74 -14.94 -5.32 32.67
CA GLN D 74 -16.09 -5.90 31.96
C GLN D 74 -15.69 -7.04 31.04
N SER D 75 -14.42 -7.10 30.63
CA SER D 75 -13.92 -8.21 29.83
C SER D 75 -13.35 -9.34 30.66
N GLY D 76 -13.38 -9.22 31.98
CA GLY D 76 -12.82 -10.24 32.85
C GLY D 76 -11.30 -10.29 32.85
N LEU D 77 -10.65 -9.13 32.78
CA LEU D 77 -9.20 -9.05 32.71
C LEU D 77 -8.55 -8.63 34.02
N LEU D 78 -9.34 -8.24 35.02
CA LEU D 78 -8.83 -7.82 36.32
C LEU D 78 -9.31 -8.77 37.40
N ALA D 79 -8.43 -9.06 38.36
CA ALA D 79 -8.73 -9.97 39.44
C ALA D 79 -9.38 -9.23 40.61
N GLU D 80 -10.21 -9.95 41.35
CA GLU D 80 -10.84 -9.39 42.54
C GLU D 80 -9.85 -9.32 43.69
N ILE D 81 -9.78 -8.16 44.34
CA ILE D 81 -8.84 -7.92 45.42
C ILE D 81 -9.54 -8.17 46.75
N THR D 82 -8.75 -8.55 47.77
CA THR D 82 -9.24 -8.81 49.12
C THR D 82 -8.46 -7.93 50.10
N PRO D 83 -8.90 -6.69 50.33
CA PRO D 83 -8.19 -5.82 51.27
C PRO D 83 -8.61 -6.07 52.70
N ALA D 84 -7.70 -5.74 53.62
CA ALA D 84 -7.97 -5.84 55.04
C ALA D 84 -8.67 -4.57 55.54
N ALA D 85 -9.16 -4.64 56.78
CA ALA D 85 -9.80 -3.48 57.38
C ALA D 85 -8.80 -2.39 57.72
N ALA D 86 -7.65 -2.77 58.28
CA ALA D 86 -6.59 -1.81 58.54
C ALA D 86 -5.96 -1.30 57.25
N PHE D 87 -5.94 -2.14 56.21
CA PHE D 87 -5.42 -1.71 54.92
C PHE D 87 -6.34 -0.68 54.27
N GLN D 88 -7.65 -0.79 54.50
CA GLN D 88 -8.56 0.26 54.07
C GLN D 88 -8.45 1.48 54.98
N ASP D 89 -8.10 1.28 56.25
CA ASP D 89 -7.98 2.39 57.18
C ASP D 89 -6.75 3.24 56.92
N LYS D 90 -5.69 2.63 56.37
CA LYS D 90 -4.46 3.38 56.10
C LYS D 90 -4.59 4.34 54.92
N LEU D 91 -5.59 4.14 54.05
CA LEU D 91 -5.74 4.93 52.84
C LEU D 91 -6.95 5.84 52.94
N TYR D 92 -7.01 6.81 52.03
CA TYR D 92 -8.12 7.75 52.00
C TYR D 92 -9.39 7.07 51.49
N PRO D 93 -10.57 7.48 51.99
CA PRO D 93 -11.82 6.82 51.56
C PRO D 93 -12.23 7.17 50.14
N PHE D 94 -11.95 8.39 49.66
CA PHE D 94 -12.31 8.72 48.28
C PHE D 94 -11.42 8.01 47.28
N THR D 95 -10.19 7.66 47.69
CA THR D 95 -9.35 6.83 46.83
C THR D 95 -9.90 5.41 46.69
N TRP D 96 -10.55 4.88 47.74
CA TRP D 96 -11.26 3.62 47.60
C TRP D 96 -12.56 3.79 46.81
N ASP D 97 -13.19 4.96 46.90
CA ASP D 97 -14.43 5.20 46.17
C ASP D 97 -14.19 5.33 44.68
N ALA D 98 -13.04 5.88 44.29
CA ALA D 98 -12.72 6.08 42.88
C ALA D 98 -12.39 4.78 42.14
N VAL D 99 -12.14 3.68 42.84
CA VAL D 99 -11.80 2.42 42.19
C VAL D 99 -12.92 1.40 42.38
N ARG D 100 -14.15 1.88 42.55
CA ARG D 100 -15.30 1.01 42.70
C ARG D 100 -15.93 0.76 41.33
N TYR D 101 -16.13 -0.51 41.01
CA TYR D 101 -16.78 -0.94 39.76
C TYR D 101 -17.96 -1.83 40.12
N ASN D 102 -19.17 -1.27 39.99
CA ASN D 102 -20.43 -1.94 40.38
C ASN D 102 -20.42 -2.39 41.84
N GLY D 103 -19.86 -1.55 42.71
CA GLY D 103 -19.77 -1.86 44.12
C GLY D 103 -18.56 -2.68 44.53
N LYS D 104 -17.83 -3.26 43.58
CA LYS D 104 -16.69 -4.11 43.88
C LYS D 104 -15.39 -3.32 43.74
N LEU D 105 -14.43 -3.66 44.59
CA LEU D 105 -13.09 -3.08 44.54
C LEU D 105 -12.22 -3.92 43.62
N ILE D 106 -11.49 -3.26 42.71
CA ILE D 106 -10.75 -3.96 41.67
C ILE D 106 -9.29 -3.54 41.63
N ALA D 107 -8.91 -2.54 42.41
CA ALA D 107 -7.55 -2.02 42.35
C ALA D 107 -7.14 -1.42 43.68
N TYR D 108 -5.82 -1.39 43.90
CA TYR D 108 -5.24 -0.76 45.07
C TYR D 108 -4.89 0.69 44.76
N PRO D 109 -5.37 1.66 45.53
CA PRO D 109 -5.00 3.07 45.28
C PRO D 109 -3.55 3.33 45.66
N ILE D 110 -2.88 4.12 44.83
CA ILE D 110 -1.46 4.43 45.01
C ILE D 110 -1.24 5.91 45.31
N ALA D 111 -1.60 6.79 44.38
CA ALA D 111 -1.36 8.22 44.54
C ALA D 111 -2.37 8.99 43.70
N VAL D 112 -2.50 10.27 44.02
CA VAL D 112 -3.44 11.17 43.36
C VAL D 112 -2.64 12.20 42.57
N GLU D 113 -2.85 12.25 41.26
CA GLU D 113 -2.17 13.18 40.37
C GLU D 113 -3.17 14.24 39.89
N ALA D 114 -2.76 15.50 39.93
CA ALA D 114 -3.59 16.60 39.46
C ALA D 114 -2.71 17.65 38.80
N LEU D 115 -3.24 18.29 37.76
CA LEU D 115 -2.50 19.31 37.02
C LEU D 115 -2.45 20.62 37.80
N SER D 116 -1.34 21.35 37.62
CA SER D 116 -1.17 22.65 38.24
C SER D 116 -0.39 23.54 37.27
N LEU D 117 -0.49 24.85 37.51
CA LEU D 117 0.19 25.82 36.67
C LEU D 117 1.65 25.92 37.11
N ILE D 118 2.57 25.64 36.19
CA ILE D 118 3.99 25.70 36.44
C ILE D 118 4.57 26.84 35.60
N TYR D 119 5.22 27.80 36.27
CA TYR D 119 5.71 28.99 35.62
C TYR D 119 7.19 29.20 35.95
N ASN D 120 7.85 29.99 35.10
CA ASN D 120 9.24 30.36 35.28
C ASN D 120 9.31 31.65 36.09
N LYS D 121 9.95 31.60 37.26
CA LYS D 121 10.06 32.78 38.11
C LYS D 121 11.01 33.82 37.55
N ASP D 122 11.98 33.42 36.72
CA ASP D 122 12.92 34.37 36.16
C ASP D 122 12.27 35.20 35.05
N LEU D 123 11.43 34.58 34.23
CA LEU D 123 10.75 35.28 33.15
C LEU D 123 9.40 35.86 33.56
N LEU D 124 8.80 35.34 34.63
CA LEU D 124 7.48 35.80 35.08
C LEU D 124 7.43 35.69 36.59
N PRO D 125 7.66 36.80 37.31
CA PRO D 125 7.64 36.72 38.78
C PRO D 125 6.24 36.62 39.36
N ASN D 126 5.23 37.21 38.70
CA ASN D 126 3.87 37.19 39.21
C ASN D 126 3.00 36.32 38.31
N PRO D 127 2.43 35.23 38.81
CA PRO D 127 1.59 34.37 37.97
C PRO D 127 0.24 35.02 37.71
N PRO D 128 -0.30 34.85 36.50
CA PRO D 128 -1.60 35.45 36.19
C PRO D 128 -2.75 34.73 36.88
N LYS D 129 -3.79 35.50 37.23
CA LYS D 129 -5.00 34.98 37.82
C LYS D 129 -6.17 34.97 36.85
N THR D 130 -5.92 35.15 35.55
CA THR D 130 -6.97 35.23 34.55
C THR D 130 -6.48 34.55 33.28
N TRP D 131 -7.32 33.69 32.69
CA TRP D 131 -6.96 33.03 31.44
C TRP D 131 -6.97 34.01 30.26
N GLU D 132 -7.83 35.03 30.31
CA GLU D 132 -7.98 35.95 29.18
C GLU D 132 -6.83 36.94 29.04
N GLU D 133 -6.07 37.20 30.11
CA GLU D 133 -4.94 38.11 30.02
C GLU D 133 -3.66 37.43 29.57
N ILE D 134 -3.70 36.14 29.26
CA ILE D 134 -2.55 35.40 28.75
C ILE D 134 -2.17 35.84 27.33
N PRO D 135 -3.09 36.11 26.38
CA PRO D 135 -2.63 36.77 25.13
C PRO D 135 -2.14 38.19 25.34
N ALA D 136 -2.68 38.92 26.33
CA ALA D 136 -2.17 40.25 26.63
C ALA D 136 -0.75 40.21 27.18
N LEU D 137 -0.41 39.15 27.93
CA LEU D 137 0.98 38.95 28.36
C LEU D 137 1.85 38.44 27.22
N ASP D 138 1.28 37.62 26.33
CA ASP D 138 2.04 37.06 25.22
C ASP D 138 2.40 38.13 24.20
N LYS D 139 1.57 39.18 24.08
CA LYS D 139 1.90 40.32 23.22
C LYS D 139 3.17 41.01 23.68
N GLU D 140 3.41 41.07 25.00
CA GLU D 140 4.67 41.59 25.51
C GLU D 140 5.79 40.57 25.40
N LEU D 141 5.49 39.29 25.65
CA LEU D 141 6.54 38.28 25.71
C LEU D 141 7.09 37.89 24.34
N LYS D 142 6.31 38.01 23.27
CA LYS D 142 6.84 37.71 21.94
C LYS D 142 7.82 38.75 21.45
N ALA D 143 7.77 39.98 21.98
CA ALA D 143 8.78 40.98 21.66
C ALA D 143 10.09 40.71 22.39
N LYS D 144 10.09 39.86 23.41
CA LYS D 144 11.29 39.50 24.14
C LYS D 144 11.96 38.25 23.57
N GLY D 145 11.23 37.45 22.79
CA GLY D 145 11.74 36.22 22.25
C GLY D 145 11.34 34.97 23.00
N LYS D 146 10.41 35.06 23.94
CA LYS D 146 9.90 33.92 24.68
C LYS D 146 8.44 33.68 24.30
N SER D 147 7.81 32.73 24.98
CA SER D 147 6.41 32.42 24.77
C SER D 147 5.70 32.34 26.11
N ALA D 148 4.40 32.62 26.10
CA ALA D 148 3.63 32.67 27.34
C ALA D 148 3.28 31.27 27.85
N LEU D 149 2.55 30.51 27.06
CA LEU D 149 2.07 29.20 27.50
C LEU D 149 2.23 28.21 26.35
N MET D 150 2.97 27.12 26.61
CA MET D 150 3.16 26.05 25.65
C MET D 150 3.01 24.73 26.38
N PHE D 151 2.10 23.88 25.92
CA PHE D 151 1.85 22.59 26.53
C PHE D 151 1.38 21.61 25.46
N ASN D 152 1.09 20.38 25.89
CA ASN D 152 0.68 19.31 24.99
C ASN D 152 -0.74 19.57 24.49
N LEU D 153 -0.87 19.86 23.19
CA LEU D 153 -2.17 20.06 22.55
C LEU D 153 -2.68 18.81 21.86
N GLN D 154 -1.82 17.80 21.64
CA GLN D 154 -2.25 16.58 20.98
C GLN D 154 -3.09 15.70 21.89
N GLU D 155 -2.99 15.86 23.21
CA GLU D 155 -3.76 15.05 24.13
C GLU D 155 -4.82 15.90 24.83
N PRO D 156 -6.04 15.37 25.00
CA PRO D 156 -7.11 16.17 25.59
C PRO D 156 -7.01 16.37 27.09
N TYR D 157 -6.09 15.67 27.76
CA TYR D 157 -5.97 15.76 29.21
C TYR D 157 -5.48 17.13 29.67
N PHE D 158 -4.68 17.80 28.84
CA PHE D 158 -4.19 19.14 29.16
C PHE D 158 -5.11 20.25 28.68
N THR D 159 -5.84 20.02 27.59
CA THR D 159 -6.78 20.99 27.06
C THR D 159 -8.16 20.91 27.72
N TRP D 160 -8.41 19.87 28.51
CA TRP D 160 -9.70 19.75 29.21
C TRP D 160 -10.02 20.84 30.23
N PRO D 161 -9.09 21.36 31.06
CA PRO D 161 -9.51 22.45 31.97
C PRO D 161 -9.93 23.73 31.28
N LEU D 162 -9.25 24.11 30.19
CA LEU D 162 -9.61 25.33 29.47
C LEU D 162 -10.97 25.22 28.80
N ILE D 163 -11.40 24.00 28.46
CA ILE D 163 -12.74 23.78 27.92
C ILE D 163 -13.77 23.73 29.05
N ALA D 164 -13.50 22.90 30.05
CA ALA D 164 -14.48 22.57 31.09
C ALA D 164 -14.48 23.55 32.27
N ALA D 165 -13.74 24.66 32.17
CA ALA D 165 -13.77 25.65 33.25
C ALA D 165 -15.12 26.36 33.35
N ASP D 166 -15.79 26.56 32.22
CA ASP D 166 -17.03 27.34 32.18
C ASP D 166 -18.26 26.48 32.42
N GLY D 167 -18.11 25.17 32.62
CA GLY D 167 -19.25 24.33 32.91
C GLY D 167 -19.28 23.01 32.17
N GLY D 168 -18.21 22.69 31.45
CA GLY D 168 -18.16 21.43 30.74
C GLY D 168 -17.94 20.25 31.66
N TYR D 169 -18.52 19.11 31.28
CA TYR D 169 -18.37 17.88 32.04
C TYR D 169 -18.47 16.69 31.11
N ALA D 170 -17.90 15.56 31.54
CA ALA D 170 -17.91 14.36 30.72
C ALA D 170 -19.25 13.61 30.84
N PHE D 171 -19.58 13.16 32.05
CA PHE D 171 -20.82 12.44 32.29
C PHE D 171 -21.44 12.93 33.60
N LYS D 172 -22.76 12.96 33.62
CA LYS D 172 -23.50 13.43 34.78
C LYS D 172 -23.50 12.37 35.88
N TYR D 173 -23.08 12.77 37.08
CA TYR D 173 -22.99 11.88 38.24
C TYR D 173 -24.02 12.33 39.27
N GLU D 174 -25.04 11.50 39.50
CA GLU D 174 -26.10 11.83 40.43
C GLU D 174 -26.08 10.92 41.66
N ASN D 175 -26.22 9.61 41.47
CA ASN D 175 -26.18 8.65 42.58
C ASN D 175 -25.50 7.36 42.12
N GLY D 176 -24.17 7.31 42.27
CA GLY D 176 -23.39 6.12 42.01
C GLY D 176 -23.30 5.66 40.56
N LYS D 177 -23.90 6.38 39.62
CA LYS D 177 -23.93 5.96 38.22
C LYS D 177 -23.75 7.18 37.33
N TYR D 178 -22.89 7.05 36.31
CA TYR D 178 -22.66 8.12 35.35
C TYR D 178 -23.65 7.99 34.20
N ASP D 179 -24.39 9.05 33.93
CA ASP D 179 -25.41 9.05 32.89
C ASP D 179 -24.73 9.15 31.53
N ILE D 180 -24.88 8.10 30.70
CA ILE D 180 -24.21 8.04 29.41
C ILE D 180 -24.86 8.93 28.35
N LYS D 181 -26.07 9.43 28.60
CA LYS D 181 -26.76 10.29 27.64
C LYS D 181 -26.67 11.77 28.00
N ASP D 182 -26.18 12.11 29.18
CA ASP D 182 -26.05 13.50 29.63
C ASP D 182 -24.56 13.84 29.57
N VAL D 183 -24.12 14.36 28.43
CA VAL D 183 -22.74 14.73 28.20
C VAL D 183 -22.68 16.25 27.99
N GLY D 184 -21.80 16.91 28.73
CA GLY D 184 -21.76 18.37 28.70
C GLY D 184 -20.67 18.97 27.84
N VAL D 185 -20.44 18.39 26.65
CA VAL D 185 -19.50 18.95 25.69
C VAL D 185 -20.20 19.77 24.61
N ASP D 186 -21.53 19.84 24.64
CA ASP D 186 -22.30 20.56 23.63
C ASP D 186 -22.94 21.82 24.21
N ASN D 187 -22.54 22.23 25.41
CA ASN D 187 -23.06 23.44 26.03
C ASN D 187 -22.28 24.66 25.53
N ALA D 188 -22.63 25.84 26.06
CA ALA D 188 -22.01 27.08 25.61
C ALA D 188 -20.59 27.23 26.17
N GLY D 189 -20.32 26.65 27.33
CA GLY D 189 -18.99 26.75 27.92
C GLY D 189 -17.94 26.00 27.14
N ALA D 190 -18.29 24.80 26.64
CA ALA D 190 -17.37 24.04 25.80
C ALA D 190 -17.15 24.72 24.46
N LYS D 191 -18.19 25.37 23.93
CA LYS D 191 -18.05 26.13 22.68
C LYS D 191 -17.12 27.33 22.86
N ALA D 192 -17.27 28.06 23.97
CA ALA D 192 -16.40 29.19 24.24
C ALA D 192 -14.97 28.74 24.51
N GLY D 193 -14.79 27.61 25.21
CA GLY D 193 -13.46 27.11 25.47
C GLY D 193 -12.74 26.63 24.22
N LEU D 194 -13.45 25.90 23.36
CA LEU D 194 -12.83 25.45 22.11
C LEU D 194 -12.62 26.61 21.15
N THR D 195 -13.48 27.63 21.19
CA THR D 195 -13.26 28.84 20.39
C THR D 195 -12.01 29.59 20.83
N PHE D 196 -11.82 29.71 22.15
CA PHE D 196 -10.61 30.34 22.66
C PHE D 196 -9.36 29.49 22.37
N LEU D 197 -9.50 28.17 22.39
CA LEU D 197 -8.36 27.29 22.09
C LEU D 197 -7.98 27.38 20.61
N VAL D 198 -8.97 27.56 19.73
CA VAL D 198 -8.66 27.77 18.31
C VAL D 198 -8.06 29.16 18.10
N ASP D 199 -8.59 30.18 18.79
CA ASP D 199 -8.10 31.55 18.63
C ASP D 199 -6.71 31.76 19.20
N LEU D 200 -6.27 30.92 20.16
CA LEU D 200 -4.87 30.95 20.57
C LEU D 200 -3.95 30.47 19.45
N ILE D 201 -4.40 29.56 18.61
CA ILE D 201 -3.57 29.04 17.54
C ILE D 201 -3.62 29.94 16.31
N LYS D 202 -4.81 30.46 15.97
CA LYS D 202 -4.97 31.25 14.77
C LYS D 202 -4.32 32.63 14.89
N ASN D 203 -4.33 33.22 16.08
CA ASN D 203 -3.71 34.52 16.31
C ASN D 203 -2.24 34.42 16.69
N LYS D 204 -1.59 33.29 16.38
CA LYS D 204 -0.15 33.08 16.51
C LYS D 204 0.34 33.21 17.95
N HIS D 205 -0.47 32.81 18.92
CA HIS D 205 -0.03 32.78 20.31
C HIS D 205 0.54 31.42 20.70
N MET D 206 0.12 30.35 20.04
CA MET D 206 0.62 29.02 20.31
C MET D 206 0.88 28.30 19.00
N ASN D 207 1.57 27.16 19.09
CA ASN D 207 1.88 26.32 17.94
C ASN D 207 1.04 25.06 18.03
N ALA D 208 0.38 24.71 16.91
CA ALA D 208 -0.53 23.58 16.90
C ALA D 208 0.20 22.23 16.91
N ASP D 209 1.46 22.19 16.48
CA ASP D 209 2.23 20.96 16.44
C ASP D 209 2.95 20.66 17.76
N THR D 210 2.72 21.46 18.80
CA THR D 210 3.39 21.27 20.07
C THR D 210 2.78 20.09 20.83
N ASP D 211 3.63 19.14 21.19
CA ASP D 211 3.25 17.98 22.00
C ASP D 211 4.03 18.02 23.32
N TYR D 212 3.96 16.91 24.07
CA TYR D 212 4.57 16.84 25.40
C TYR D 212 6.09 16.97 25.35
N SER D 213 6.73 16.34 24.35
CA SER D 213 8.19 16.32 24.29
C SER D 213 8.75 17.68 23.91
N ILE D 214 8.14 18.35 22.93
CA ILE D 214 8.63 19.65 22.47
C ILE D 214 8.38 20.71 23.55
N ALA D 215 7.23 20.66 24.22
CA ALA D 215 6.95 21.60 25.29
C ALA D 215 7.86 21.35 26.51
N GLU D 216 8.17 20.09 26.78
CA GLU D 216 9.11 19.78 27.87
C GLU D 216 10.52 20.26 27.55
N ALA D 217 10.97 20.07 26.30
CA ALA D 217 12.28 20.56 25.90
C ALA D 217 12.33 22.08 25.84
N ALA D 218 11.20 22.73 25.55
CA ALA D 218 11.16 24.19 25.58
C ALA D 218 11.19 24.71 27.01
N PHE D 219 10.54 24.01 27.94
CA PHE D 219 10.54 24.45 29.32
C PHE D 219 11.86 24.18 30.02
N ASN D 220 12.56 23.09 29.68
CA ASN D 220 13.87 22.84 30.26
C ASN D 220 14.93 23.79 29.70
N LYS D 221 14.75 24.27 28.47
CA LYS D 221 15.65 25.26 27.91
C LYS D 221 15.22 26.70 28.21
N GLY D 222 14.09 26.89 28.88
CA GLY D 222 13.64 28.22 29.22
C GLY D 222 12.99 28.99 28.09
N GLU D 223 12.48 28.31 27.08
CA GLU D 223 11.87 28.99 25.94
C GLU D 223 10.46 29.49 26.23
N THR D 224 9.79 28.95 27.24
CA THR D 224 8.44 29.36 27.58
C THR D 224 8.42 29.94 28.99
N ALA D 225 7.38 30.73 29.26
CA ALA D 225 7.21 31.35 30.57
C ALA D 225 6.31 30.52 31.49
N MET D 226 5.31 29.86 30.94
CA MET D 226 4.40 29.02 31.73
C MET D 226 4.20 27.69 31.00
N THR D 227 3.80 26.69 31.76
CA THR D 227 3.47 25.38 31.19
C THR D 227 2.44 24.71 32.09
N ILE D 228 1.74 23.73 31.51
CA ILE D 228 0.74 22.94 32.22
C ILE D 228 1.19 21.50 32.13
N ASN D 229 1.61 20.92 33.26
CA ASN D 229 2.18 19.58 33.27
C ASN D 229 1.98 18.99 34.66
N GLY D 230 2.14 17.68 34.75
CA GLY D 230 1.90 16.97 35.99
C GLY D 230 3.11 16.95 36.91
N PRO D 231 2.95 16.33 38.08
CA PRO D 231 4.06 16.30 39.06
C PRO D 231 5.20 15.37 38.68
N TRP D 232 5.03 14.49 37.69
CA TRP D 232 6.07 13.52 37.35
C TRP D 232 7.27 14.16 36.65
N ALA D 233 7.11 15.34 36.07
CA ALA D 233 8.20 16.02 35.37
C ALA D 233 9.03 16.90 36.29
N TRP D 234 8.83 16.82 37.61
CA TRP D 234 9.56 17.67 38.54
C TRP D 234 11.05 17.31 38.60
N SER D 235 11.40 16.05 38.32
CA SER D 235 12.81 15.68 38.25
C SER D 235 13.48 16.30 37.03
N ASN D 236 12.76 16.35 35.90
CA ASN D 236 13.30 17.00 34.71
C ASN D 236 13.34 18.52 34.87
N ILE D 237 12.44 19.07 35.69
CA ILE D 237 12.51 20.49 36.00
C ILE D 237 13.71 20.79 36.90
N ASP D 238 13.94 19.94 37.91
CA ASP D 238 15.09 20.11 38.80
C ASP D 238 16.42 19.85 38.10
N THR D 239 16.40 19.05 37.03
CA THR D 239 17.62 18.77 36.29
C THR D 239 18.11 20.00 35.53
N SER D 240 17.20 20.74 34.91
CA SER D 240 17.55 21.91 34.12
C SER D 240 17.83 23.16 34.96
N ALA D 241 17.57 23.09 36.28
CA ALA D 241 17.87 24.16 37.25
C ALA D 241 17.16 25.48 36.92
N VAL D 242 15.98 25.40 36.32
CA VAL D 242 15.18 26.58 36.02
C VAL D 242 14.43 27.00 37.28
N ASN D 243 14.43 28.29 37.58
CA ASN D 243 13.73 28.83 38.75
C ASN D 243 12.23 28.71 38.52
N TYR D 244 11.62 27.68 39.12
CA TYR D 244 10.26 27.28 38.82
C TYR D 244 9.33 27.62 39.97
N GLY D 245 8.07 27.85 39.64
CA GLY D 245 7.04 28.03 40.64
C GLY D 245 5.78 27.29 40.24
N VAL D 246 5.07 26.78 41.25
CA VAL D 246 3.83 26.04 41.05
C VAL D 246 2.74 26.77 41.81
N THR D 247 1.66 27.13 41.12
CA THR D 247 0.58 27.90 41.71
C THR D 247 -0.76 27.30 41.26
N VAL D 248 -1.84 27.92 41.74
CA VAL D 248 -3.19 27.48 41.38
C VAL D 248 -3.49 27.90 39.94
N LEU D 249 -4.20 27.03 39.22
CA LEU D 249 -4.66 27.36 37.88
C LEU D 249 -5.60 28.57 37.91
N PRO D 250 -5.50 29.48 36.96
CA PRO D 250 -6.32 30.71 37.00
C PRO D 250 -7.78 30.42 36.65
N THR D 251 -8.61 31.41 36.95
CA THR D 251 -10.04 31.32 36.71
C THR D 251 -10.39 31.80 35.31
N PHE D 252 -11.48 31.25 34.77
CA PHE D 252 -11.94 31.56 33.42
C PHE D 252 -13.36 32.09 33.52
N LYS D 253 -13.53 33.38 33.18
CA LYS D 253 -14.81 34.11 33.23
C LYS D 253 -15.43 34.07 34.63
N GLY D 254 -14.57 34.15 35.66
CA GLY D 254 -15.02 34.06 37.03
C GLY D 254 -15.14 32.65 37.58
N GLN D 255 -14.98 31.63 36.73
CA GLN D 255 -15.08 30.24 37.16
C GLN D 255 -13.71 29.56 37.09
N PRO D 256 -13.34 28.78 38.11
CA PRO D 256 -12.04 28.09 38.08
C PRO D 256 -12.04 26.95 37.08
N SER D 257 -10.83 26.45 36.81
CA SER D 257 -10.66 25.33 35.89
C SER D 257 -11.13 24.03 36.53
N LYS D 258 -11.55 23.09 35.67
CA LYS D 258 -12.01 21.77 36.10
C LYS D 258 -11.15 20.70 35.45
N PRO D 259 -10.01 20.34 36.05
CA PRO D 259 -9.19 19.27 35.49
C PRO D 259 -9.69 17.90 35.93
N PHE D 260 -9.24 16.88 35.20
CA PHE D 260 -9.43 15.51 35.65
C PHE D 260 -8.55 15.24 36.87
N VAL D 261 -9.13 14.64 37.90
CA VAL D 261 -8.37 14.21 39.06
C VAL D 261 -7.93 12.77 38.79
N GLY D 262 -6.63 12.57 38.63
CA GLY D 262 -6.08 11.27 38.29
C GLY D 262 -5.60 10.54 39.53
N VAL D 263 -6.10 9.32 39.71
CA VAL D 263 -5.73 8.46 40.83
C VAL D 263 -5.01 7.25 40.24
N LEU D 264 -3.69 7.19 40.44
CA LEU D 264 -2.91 6.06 39.99
C LEU D 264 -3.25 4.82 40.82
N SER D 265 -3.45 3.69 40.16
CA SER D 265 -3.87 2.47 40.81
C SER D 265 -3.04 1.30 40.30
N ALA D 266 -3.14 0.19 41.01
CA ALA D 266 -2.43 -1.05 40.69
C ALA D 266 -3.44 -2.10 40.24
N GLY D 267 -3.35 -2.50 38.98
CA GLY D 267 -4.23 -3.51 38.43
C GLY D 267 -3.58 -4.89 38.42
N ILE D 268 -4.35 -5.89 38.80
CA ILE D 268 -3.87 -7.27 38.91
C ILE D 268 -4.53 -8.08 37.81
N ASN D 269 -3.71 -8.77 37.01
CA ASN D 269 -4.23 -9.57 35.90
C ASN D 269 -4.91 -10.82 36.43
N ALA D 270 -6.10 -11.11 35.89
CA ALA D 270 -6.86 -12.28 36.33
C ALA D 270 -6.30 -13.59 35.79
N ALA D 271 -5.52 -13.55 34.71
CA ALA D 271 -4.94 -14.74 34.12
C ALA D 271 -3.61 -15.13 34.75
N SER D 272 -3.13 -14.38 35.74
CA SER D 272 -1.83 -14.64 36.35
C SER D 272 -1.97 -15.61 37.52
N PRO D 273 -1.14 -16.65 37.60
CA PRO D 273 -1.13 -17.51 38.79
C PRO D 273 -0.40 -16.91 39.98
N ASN D 274 0.22 -15.74 39.84
CA ASN D 274 1.02 -15.10 40.88
C ASN D 274 0.27 -14.00 41.59
N LYS D 275 -1.03 -14.20 41.84
CA LYS D 275 -1.86 -13.16 42.45
C LYS D 275 -1.48 -12.92 43.91
N GLU D 276 -1.27 -13.99 44.69
CA GLU D 276 -1.03 -13.86 46.12
C GLU D 276 0.33 -13.23 46.40
N LEU D 277 1.36 -13.63 45.64
CA LEU D 277 2.69 -13.04 45.78
C LEU D 277 2.69 -11.57 45.41
N ALA D 278 1.94 -11.19 44.37
CA ALA D 278 1.85 -9.80 43.97
C ALA D 278 1.09 -8.96 45.00
N LYS D 279 0.02 -9.51 45.58
CA LYS D 279 -0.72 -8.79 46.61
C LYS D 279 0.10 -8.60 47.87
N GLU D 280 0.84 -9.64 48.29
CA GLU D 280 1.73 -9.50 49.45
C GLU D 280 2.86 -8.52 49.16
N PHE D 281 3.39 -8.54 47.93
CA PHE D 281 4.40 -7.59 47.49
C PHE D 281 3.92 -6.14 47.61
N LEU D 282 2.74 -5.86 47.06
CA LEU D 282 2.18 -4.51 47.11
C LEU D 282 1.88 -4.08 48.54
N GLU D 283 1.11 -4.89 49.27
CA GLU D 283 0.67 -4.54 50.62
C GLU D 283 1.79 -4.53 51.64
N ASN D 284 2.94 -5.14 51.35
CA ASN D 284 4.05 -5.12 52.29
C ASN D 284 5.16 -4.15 51.90
N TYR D 285 5.28 -3.78 50.62
CA TYR D 285 6.39 -2.95 50.19
C TYR D 285 5.96 -1.60 49.62
N LEU D 286 4.92 -1.56 48.78
CA LEU D 286 4.70 -0.35 48.00
C LEU D 286 3.97 0.72 48.80
N LEU D 287 2.89 0.36 49.48
CA LEU D 287 2.11 1.32 50.27
C LEU D 287 2.61 1.41 51.70
N THR D 288 3.91 1.62 51.87
CA THR D 288 4.55 1.84 53.16
C THR D 288 5.31 3.16 53.13
N ASP D 289 5.95 3.49 54.25
CA ASP D 289 6.72 4.73 54.33
C ASP D 289 8.05 4.63 53.60
N GLU D 290 8.66 3.44 53.55
CA GLU D 290 9.94 3.27 52.89
C GLU D 290 9.82 3.01 51.40
N GLY D 291 8.70 2.42 50.95
CA GLY D 291 8.54 2.13 49.54
C GLY D 291 8.22 3.33 48.69
N LEU D 292 7.50 4.30 49.25
CA LEU D 292 7.14 5.50 48.49
C LEU D 292 8.34 6.43 48.31
N GLU D 293 9.32 6.39 49.22
CA GLU D 293 10.46 7.29 49.13
C GLU D 293 11.39 6.91 47.98
N ALA D 294 11.48 5.62 47.65
CA ALA D 294 12.30 5.19 46.52
C ALA D 294 11.71 5.65 45.20
N VAL D 295 10.39 5.73 45.10
CA VAL D 295 9.75 6.26 43.91
C VAL D 295 9.84 7.79 43.88
N ASN D 296 9.68 8.43 45.04
CA ASN D 296 9.71 9.88 45.13
C ASN D 296 11.11 10.43 44.86
N LYS D 297 12.15 9.65 45.16
CA LYS D 297 13.51 10.09 44.85
C LYS D 297 13.76 10.13 43.34
N ASP D 298 13.15 9.22 42.58
CA ASP D 298 13.28 9.26 41.13
C ASP D 298 12.43 10.38 40.52
N LYS D 299 11.11 10.26 40.65
CA LYS D 299 10.16 11.25 40.11
C LYS D 299 9.00 11.36 41.09
N PRO D 300 8.64 12.57 41.50
CA PRO D 300 7.54 12.75 42.46
C PRO D 300 6.18 12.44 41.83
N LEU D 301 5.37 11.67 42.54
CA LEU D 301 4.04 11.32 42.06
C LEU D 301 2.97 12.32 42.48
N GLY D 302 3.20 13.09 43.55
CA GLY D 302 2.20 14.01 44.04
C GLY D 302 1.59 13.59 45.36
N ALA D 303 0.28 13.78 45.50
CA ALA D 303 -0.43 13.41 46.72
C ALA D 303 -0.58 11.90 46.77
N VAL D 304 0.07 11.26 47.74
CA VAL D 304 -0.01 9.81 47.89
C VAL D 304 -1.26 9.44 48.67
N ALA D 305 -1.69 8.19 48.51
CA ALA D 305 -2.87 7.70 49.22
C ALA D 305 -2.58 7.33 50.66
N LEU D 306 -1.31 7.09 51.01
CA LEU D 306 -0.94 6.77 52.38
C LEU D 306 -0.93 8.04 53.22
N LYS D 307 -1.71 8.05 54.31
CA LYS D 307 -1.84 9.26 55.11
C LYS D 307 -0.61 9.54 55.95
N SER D 308 0.11 8.48 56.36
CA SER D 308 1.27 8.66 57.23
C SER D 308 2.42 9.34 56.49
N TYR D 309 2.65 8.96 55.23
CA TYR D 309 3.66 9.65 54.43
C TYR D 309 3.16 11.02 53.97
N GLU D 310 1.85 11.18 53.77
CA GLU D 310 1.30 12.46 53.35
C GLU D 310 1.38 13.50 54.46
N GLU D 311 1.35 13.06 55.72
CA GLU D 311 1.48 13.97 56.86
C GLU D 311 2.84 14.65 56.88
N GLU D 312 3.90 13.96 56.46
CA GLU D 312 5.20 14.57 56.30
C GLU D 312 5.39 15.22 54.93
N LEU D 313 4.65 14.75 53.92
CA LEU D 313 4.80 15.23 52.56
C LEU D 313 4.08 16.56 52.32
N ALA D 314 3.07 16.89 53.14
CA ALA D 314 2.24 18.06 52.94
C ALA D 314 2.94 19.40 53.19
N LYS D 315 4.22 19.40 53.62
CA LYS D 315 4.94 20.65 53.79
C LYS D 315 5.30 21.30 52.45
N ASP D 316 5.34 20.53 51.37
CA ASP D 316 5.63 21.05 50.04
C ASP D 316 4.45 21.88 49.55
N PRO D 317 4.62 23.17 49.25
CA PRO D 317 3.49 23.96 48.72
C PRO D 317 3.10 23.59 47.30
N ARG D 318 3.99 22.94 46.54
CA ARG D 318 3.62 22.44 45.21
C ARG D 318 2.56 21.35 45.31
N ILE D 319 2.77 20.40 46.22
CA ILE D 319 1.82 19.32 46.43
C ILE D 319 0.54 19.86 47.08
N ALA D 320 0.66 20.92 47.89
CA ALA D 320 -0.51 21.57 48.46
C ALA D 320 -1.36 22.23 47.39
N ALA D 321 -0.73 22.90 46.42
CA ALA D 321 -1.46 23.48 45.30
C ALA D 321 -2.04 22.40 44.40
N THR D 322 -1.34 21.26 44.28
CA THR D 322 -1.86 20.13 43.53
C THR D 322 -3.11 19.56 44.19
N MET D 323 -3.10 19.43 45.52
CA MET D 323 -4.29 18.98 46.24
C MET D 323 -5.42 19.99 46.19
N GLU D 324 -5.08 21.29 46.16
CA GLU D 324 -6.11 22.32 46.03
C GLU D 324 -6.77 22.26 44.65
N ASN D 325 -5.98 22.06 43.59
CA ASN D 325 -6.55 21.89 42.25
C ASN D 325 -7.31 20.57 42.12
N ALA D 326 -6.92 19.55 42.89
CA ALA D 326 -7.67 18.30 42.87
C ALA D 326 -9.01 18.43 43.59
N GLN D 327 -9.04 19.18 44.71
CA GLN D 327 -10.30 19.40 45.40
C GLN D 327 -11.22 20.34 44.63
N LYS D 328 -10.65 21.30 43.89
CA LYS D 328 -11.45 22.12 43.00
C LYS D 328 -11.62 21.52 41.61
N GLY D 329 -11.12 20.31 41.38
CA GLY D 329 -11.24 19.63 40.11
C GLY D 329 -12.43 18.68 40.06
N GLU D 330 -12.28 17.62 39.27
CA GLU D 330 -13.34 16.63 39.11
C GLU D 330 -12.72 15.26 38.93
N ILE D 331 -13.24 14.27 39.67
CA ILE D 331 -12.73 12.91 39.58
C ILE D 331 -13.17 12.29 38.25
N MET D 332 -12.32 11.41 37.72
CA MET D 332 -12.63 10.77 36.44
C MET D 332 -13.70 9.71 36.64
N PRO D 333 -14.60 9.54 35.68
CA PRO D 333 -15.50 8.39 35.71
C PRO D 333 -14.75 7.10 35.39
N ASN D 334 -15.22 6.00 36.00
CA ASN D 334 -14.62 4.69 35.81
C ASN D 334 -15.47 3.77 34.94
N ILE D 335 -16.47 4.32 34.25
CA ILE D 335 -17.34 3.55 33.37
C ILE D 335 -16.58 3.18 32.10
N PRO D 336 -16.95 2.10 31.39
CA PRO D 336 -16.26 1.77 30.13
C PRO D 336 -16.54 2.75 28.99
N GLN D 337 -17.51 3.65 29.13
CA GLN D 337 -17.77 4.65 28.08
C GLN D 337 -16.68 5.72 28.04
N MET D 338 -15.87 5.84 29.10
CA MET D 338 -14.71 6.72 29.06
C MET D 338 -13.70 6.28 28.01
N SER D 339 -13.58 4.96 27.78
CA SER D 339 -12.66 4.44 26.77
C SER D 339 -13.02 4.90 25.37
N ALA D 340 -14.32 5.07 25.10
CA ALA D 340 -14.75 5.71 23.85
C ALA D 340 -14.71 7.23 23.94
N PHE D 341 -14.79 7.78 25.15
CA PHE D 341 -14.77 9.24 25.32
C PHE D 341 -13.40 9.83 25.01
N TRP D 342 -12.32 9.14 25.41
CA TRP D 342 -10.98 9.71 25.36
C TRP D 342 -10.51 10.01 23.94
N TYR D 343 -10.53 9.01 23.05
CA TYR D 343 -10.03 9.26 21.71
C TYR D 343 -11.01 10.06 20.86
N ALA D 344 -12.30 10.07 21.23
CA ALA D 344 -13.25 10.94 20.55
C ALA D 344 -12.96 12.41 20.85
N VAL D 345 -12.73 12.75 22.13
CA VAL D 345 -12.36 14.12 22.47
C VAL D 345 -10.98 14.46 21.92
N ARG D 346 -10.07 13.48 21.87
CA ARG D 346 -8.75 13.70 21.27
C ARG D 346 -8.84 14.00 19.77
N THR D 347 -9.68 13.26 19.06
CA THR D 347 -9.89 13.49 17.63
C THR D 347 -10.58 14.84 17.40
N ALA D 348 -11.49 15.23 18.30
CA ALA D 348 -12.11 16.55 18.20
C ALA D 348 -11.10 17.67 18.40
N VAL D 349 -10.18 17.52 19.36
CA VAL D 349 -9.16 18.53 19.60
C VAL D 349 -8.17 18.60 18.44
N ILE D 350 -7.83 17.45 17.85
CA ILE D 350 -6.93 17.44 16.70
C ILE D 350 -7.59 18.08 15.48
N ASN D 351 -8.89 17.80 15.26
CA ASN D 351 -9.59 18.40 14.13
C ASN D 351 -9.84 19.90 14.32
N ALA D 352 -10.01 20.34 15.58
CA ALA D 352 -10.20 21.76 15.82
C ALA D 352 -8.88 22.54 15.78
N ALA D 353 -7.78 21.92 16.19
CA ALA D 353 -6.49 22.62 16.24
C ALA D 353 -5.87 22.75 14.86
N SER D 354 -6.01 21.73 14.02
CA SER D 354 -5.40 21.75 12.69
C SER D 354 -6.18 22.57 11.68
N GLY D 355 -7.38 23.04 12.02
CA GLY D 355 -8.19 23.80 11.10
C GLY D 355 -8.93 22.98 10.08
N ARG D 356 -8.97 21.65 10.22
CA ARG D 356 -9.68 20.81 9.28
C ARG D 356 -11.19 20.88 9.51
N GLN D 357 -11.62 20.99 10.76
CA GLN D 357 -13.03 21.08 11.10
C GLN D 357 -13.27 22.31 11.97
N THR D 358 -14.53 22.73 12.00
CA THR D 358 -14.93 23.89 12.79
C THR D 358 -15.16 23.50 14.24
N VAL D 359 -15.59 24.47 15.04
CA VAL D 359 -15.87 24.23 16.46
C VAL D 359 -17.14 23.41 16.61
N ASP D 360 -18.20 23.79 15.87
CA ASP D 360 -19.51 23.15 16.03
C ASP D 360 -19.50 21.72 15.51
N GLU D 361 -18.80 21.48 14.39
CA GLU D 361 -18.72 20.13 13.84
C GLU D 361 -17.91 19.21 14.75
N ALA D 362 -16.81 19.71 15.32
CA ALA D 362 -15.99 18.89 16.23
C ALA D 362 -16.74 18.61 17.53
N LEU D 363 -17.48 19.58 18.05
CA LEU D 363 -18.24 19.32 19.27
C LEU D 363 -19.46 18.45 19.01
N LYS D 364 -20.01 18.49 17.79
CA LYS D 364 -21.09 17.57 17.45
C LYS D 364 -20.57 16.15 17.30
N ASP D 365 -19.36 16.00 16.75
CA ASP D 365 -18.73 14.68 16.70
C ASP D 365 -18.36 14.17 18.09
N ALA D 366 -17.98 15.07 19.00
CA ALA D 366 -17.67 14.66 20.36
C ALA D 366 -18.93 14.31 21.15
N GLN D 367 -20.04 15.01 20.90
CA GLN D 367 -21.30 14.70 21.57
C GLN D 367 -21.90 13.40 21.03
N THR D 368 -21.80 13.18 19.72
CA THR D 368 -22.39 11.99 19.12
C THR D 368 -21.59 10.73 19.48
N ASN D 369 -20.26 10.84 19.46
CA ASN D 369 -19.38 9.71 19.77
C ASN D 369 -18.88 9.73 21.21
N ALA D 370 -19.72 10.21 22.14
CA ALA D 370 -19.29 10.32 23.53
C ALA D 370 -19.30 8.97 24.25
N ALA D 371 -20.48 8.34 24.34
CA ALA D 371 -20.61 7.08 25.07
C ALA D 371 -20.26 5.89 24.18
N GLU D 372 -20.97 5.72 23.08
CA GLU D 372 -20.63 4.75 22.06
C GLU D 372 -19.91 5.45 20.91
N PHE D 373 -19.60 4.70 19.87
CA PHE D 373 -18.98 5.30 18.68
C PHE D 373 -19.83 4.96 17.46
N GLN E 1 17.84 -10.35 -14.19
CA GLN E 1 18.29 -9.06 -14.72
C GLN E 1 19.32 -8.43 -13.78
N MET E 2 19.16 -8.68 -12.50
CA MET E 2 20.04 -8.15 -11.46
C MET E 2 20.83 -9.29 -10.83
N THR E 3 21.76 -8.93 -9.95
CA THR E 3 22.60 -9.90 -9.25
C THR E 3 22.49 -9.68 -7.74
N GLN E 4 22.85 -10.71 -6.99
CA GLN E 4 22.87 -10.67 -5.53
C GLN E 4 24.25 -11.04 -5.03
N SER E 5 24.57 -10.63 -3.81
CA SER E 5 25.89 -10.86 -3.22
C SER E 5 25.77 -10.93 -1.70
N PRO E 6 25.64 -12.12 -1.13
CA PRO E 6 25.66 -12.26 0.32
C PRO E 6 27.08 -12.24 0.86
N SER E 7 27.19 -12.29 2.18
CA SER E 7 28.49 -12.34 2.86
C SER E 7 28.87 -13.80 3.11
N SER E 8 29.91 -14.01 3.90
CA SER E 8 30.34 -15.35 4.29
C SER E 8 31.09 -15.26 5.61
N LEU E 9 30.77 -16.13 6.55
CA LEU E 9 31.34 -16.08 7.90
C LEU E 9 31.19 -17.46 8.54
N SER E 10 31.58 -17.54 9.81
CA SER E 10 31.53 -18.77 10.59
C SER E 10 31.60 -18.42 12.06
N ALA E 11 30.82 -19.12 12.88
CA ALA E 11 30.75 -18.82 14.31
C ALA E 11 30.51 -20.11 15.08
N SER E 12 30.29 -19.98 16.39
CA SER E 12 30.15 -21.11 17.29
C SER E 12 28.68 -21.44 17.51
N VAL E 13 28.42 -22.39 18.41
CA VAL E 13 27.06 -22.80 18.73
C VAL E 13 26.42 -21.75 19.64
N GLY E 14 25.25 -21.25 19.23
CA GLY E 14 24.53 -20.27 20.02
C GLY E 14 24.86 -18.84 19.72
N ASP E 15 25.79 -18.57 18.80
CA ASP E 15 26.16 -17.21 18.46
C ASP E 15 25.10 -16.58 17.57
N ARG E 16 25.02 -15.25 17.61
CA ARG E 16 24.08 -14.49 16.80
C ARG E 16 24.80 -14.02 15.54
N VAL E 17 24.43 -14.60 14.40
CA VAL E 17 25.04 -14.28 13.12
C VAL E 17 24.05 -13.47 12.29
N THR E 18 24.56 -12.88 11.21
CA THR E 18 23.72 -12.14 10.27
C THR E 18 24.25 -12.35 8.85
N ILE E 19 23.34 -12.34 7.89
CA ILE E 19 23.66 -12.53 6.48
C ILE E 19 22.96 -11.43 5.70
N THR E 20 23.76 -10.57 5.07
CA THR E 20 23.19 -9.50 4.26
C THR E 20 22.87 -10.01 2.85
N CYS E 21 22.06 -9.22 2.13
CA CYS E 21 21.73 -9.53 0.74
C CYS E 21 21.48 -8.18 0.05
N ARG E 22 22.51 -7.67 -0.62
CA ARG E 22 22.43 -6.35 -1.25
C ARG E 22 21.80 -6.48 -2.63
N ALA E 23 20.56 -6.00 -2.76
CA ALA E 23 19.89 -6.00 -4.05
C ALA E 23 20.46 -4.90 -4.94
N SER E 24 20.50 -5.20 -6.24
CA SER E 24 21.06 -4.26 -7.20
C SER E 24 20.11 -3.09 -7.46
N GLN E 25 18.91 -3.40 -7.96
CA GLN E 25 17.92 -2.38 -8.26
C GLN E 25 17.01 -2.16 -7.05
N SER E 26 15.95 -1.38 -7.23
CA SER E 26 14.98 -1.11 -6.17
C SER E 26 13.92 -2.21 -6.20
N VAL E 27 13.88 -3.02 -5.14
CA VAL E 27 12.98 -4.16 -5.07
C VAL E 27 12.06 -4.00 -3.87
N SER E 28 10.99 -4.80 -3.87
CA SER E 28 10.02 -4.80 -2.78
C SER E 28 10.41 -5.86 -1.75
N SER E 29 9.51 -6.14 -0.81
CA SER E 29 9.74 -7.14 0.23
C SER E 29 9.31 -8.51 -0.28
N ALA E 30 10.12 -9.05 -1.20
CA ALA E 30 9.87 -10.34 -1.83
C ALA E 30 11.14 -11.18 -1.86
N VAL E 31 11.81 -11.27 -0.72
CA VAL E 31 13.08 -11.97 -0.59
C VAL E 31 12.90 -13.13 0.37
N ALA E 32 13.26 -14.33 -0.09
CA ALA E 32 13.18 -15.54 0.71
C ALA E 32 14.57 -16.03 1.09
N TRP E 33 14.60 -17.05 1.95
CA TRP E 33 15.84 -17.63 2.44
C TRP E 33 15.67 -19.15 2.48
N TYR E 34 16.58 -19.86 1.83
CA TYR E 34 16.51 -21.31 1.69
C TYR E 34 17.70 -21.96 2.37
N GLN E 35 17.43 -22.86 3.31
CA GLN E 35 18.46 -23.62 3.99
C GLN E 35 18.62 -24.98 3.30
N GLN E 36 19.78 -25.21 2.70
CA GLN E 36 20.06 -26.45 1.99
C GLN E 36 21.17 -27.20 2.72
N LYS E 37 20.82 -28.36 3.27
CA LYS E 37 21.82 -29.28 3.79
C LYS E 37 22.62 -29.89 2.64
N PRO E 38 23.87 -30.27 2.86
CA PRO E 38 24.66 -30.91 1.80
C PRO E 38 24.10 -32.28 1.45
N GLY E 39 23.72 -32.44 0.18
CA GLY E 39 23.09 -33.67 -0.26
C GLY E 39 21.62 -33.78 0.05
N LYS E 40 20.94 -32.65 0.27
CA LYS E 40 19.51 -32.65 0.60
C LYS E 40 18.79 -31.58 -0.20
N ALA E 41 17.53 -31.31 0.15
CA ALA E 41 16.67 -30.32 -0.49
C ALA E 41 16.69 -29.01 0.28
N PRO E 42 16.65 -27.86 -0.44
CA PRO E 42 16.67 -26.56 0.26
C PRO E 42 15.39 -26.27 1.01
N LYS E 43 15.47 -26.23 2.34
CA LYS E 43 14.29 -25.97 3.16
C LYS E 43 14.03 -24.47 3.28
N LEU E 44 12.76 -24.09 3.15
CA LEU E 44 12.36 -22.70 3.28
C LEU E 44 12.28 -22.31 4.75
N LEU E 45 12.78 -21.12 5.07
CA LEU E 45 12.80 -20.62 6.44
C LEU E 45 11.92 -19.39 6.62
N ILE E 46 12.16 -18.33 5.83
CA ILE E 46 11.41 -17.08 5.90
C ILE E 46 11.10 -16.65 4.47
N TYR E 47 9.84 -16.37 4.17
CA TYR E 47 9.42 -16.19 2.79
C TYR E 47 9.55 -14.75 2.28
N SER E 48 9.17 -13.74 3.06
CA SER E 48 9.23 -12.36 2.62
C SER E 48 10.14 -11.50 3.48
N ALA E 49 11.16 -12.11 4.09
CA ALA E 49 12.25 -11.48 4.85
C ALA E 49 11.78 -10.73 6.10
N SER E 50 10.51 -10.83 6.48
CA SER E 50 10.02 -10.16 7.69
C SER E 50 9.14 -11.03 8.57
N SER E 51 8.48 -12.05 8.05
CA SER E 51 7.56 -12.89 8.83
C SER E 51 7.89 -14.35 8.61
N LEU E 52 7.76 -15.15 9.67
CA LEU E 52 8.28 -16.52 9.66
C LEU E 52 7.35 -17.47 8.91
N TYR E 53 7.95 -18.30 8.06
CA TYR E 53 7.22 -19.40 7.44
C TYR E 53 6.91 -20.47 8.48
N SER E 54 5.71 -21.02 8.41
CA SER E 54 5.25 -21.98 9.41
C SER E 54 5.99 -23.31 9.29
N GLY E 55 6.22 -23.94 10.43
CA GLY E 55 7.15 -25.06 10.47
C GLY E 55 8.26 -24.84 11.47
N VAL E 56 9.47 -24.57 10.96
CA VAL E 56 10.67 -24.21 11.71
C VAL E 56 10.37 -23.08 12.70
N PRO E 57 10.81 -23.20 13.98
CA PRO E 57 10.44 -22.20 14.99
C PRO E 57 11.11 -20.83 14.82
N SER E 58 10.87 -19.94 15.78
CA SER E 58 11.19 -18.52 15.79
C SER E 58 12.67 -18.21 16.00
N ARG E 59 13.60 -19.15 15.90
CA ARG E 59 15.02 -18.82 16.01
C ARG E 59 15.48 -17.99 14.82
N PHE E 60 14.96 -18.27 13.63
CA PHE E 60 15.30 -17.50 12.45
C PHE E 60 14.45 -16.24 12.38
N SER E 61 15.11 -15.10 12.15
CA SER E 61 14.42 -13.82 12.07
C SER E 61 15.12 -12.94 11.03
N GLY E 62 14.33 -12.15 10.32
CA GLY E 62 14.85 -11.29 9.29
C GLY E 62 14.30 -9.88 9.40
N SER E 63 15.11 -8.92 8.96
CA SER E 63 14.73 -7.51 8.96
C SER E 63 14.99 -6.91 7.58
N ARG E 64 14.23 -5.87 7.26
CA ARG E 64 14.34 -5.19 5.97
C ARG E 64 14.77 -3.75 6.20
N SER E 65 15.88 -3.36 5.57
CA SER E 65 16.40 -2.00 5.63
C SER E 65 16.69 -1.54 4.20
N GLY E 66 15.67 -1.02 3.53
CA GLY E 66 15.80 -0.56 2.16
C GLY E 66 16.05 -1.68 1.17
N THR E 67 17.26 -1.73 0.62
CA THR E 67 17.68 -2.82 -0.27
C THR E 67 18.78 -3.66 0.34
N ASP E 68 18.79 -3.77 1.67
CA ASP E 68 19.79 -4.55 2.40
C ASP E 68 19.02 -5.54 3.27
N PHE E 69 18.72 -6.71 2.71
CA PHE E 69 17.92 -7.72 3.39
C PHE E 69 18.81 -8.55 4.30
N THR E 70 18.37 -8.75 5.54
CA THR E 70 19.16 -9.43 6.56
C THR E 70 18.49 -10.71 7.02
N LEU E 71 19.31 -11.65 7.49
CA LEU E 71 18.82 -12.90 8.06
C LEU E 71 19.61 -13.15 9.34
N THR E 72 18.94 -13.03 10.48
CA THR E 72 19.58 -13.15 11.78
C THR E 72 19.21 -14.48 12.41
N ILE E 73 20.22 -15.23 12.85
CA ILE E 73 20.03 -16.54 13.45
C ILE E 73 20.48 -16.44 14.89
N SER E 74 19.52 -16.20 15.80
CA SER E 74 19.80 -16.18 17.22
C SER E 74 19.62 -17.56 17.81
N SER E 75 20.48 -17.90 18.79
CA SER E 75 20.50 -19.17 19.51
C SER E 75 20.66 -20.35 18.53
N LEU E 76 21.84 -20.37 17.90
CA LEU E 76 22.16 -21.35 16.87
C LEU E 76 22.25 -22.75 17.46
N GLN E 77 21.28 -23.60 17.10
CA GLN E 77 21.28 -25.00 17.50
C GLN E 77 22.41 -25.75 16.80
N PRO E 78 22.89 -26.85 17.38
CA PRO E 78 23.94 -27.65 16.72
C PRO E 78 23.46 -28.50 15.56
N GLU E 79 22.19 -28.38 15.14
CA GLU E 79 21.69 -29.06 13.95
C GLU E 79 21.58 -28.14 12.74
N ASP E 80 21.67 -26.83 12.93
CA ASP E 80 21.48 -25.85 11.86
C ASP E 80 22.81 -25.46 11.23
N PHE E 81 23.53 -26.46 10.72
CA PHE E 81 24.78 -26.25 10.00
C PHE E 81 24.54 -26.63 8.54
N ALA E 82 24.16 -25.64 7.73
CA ALA E 82 23.87 -25.86 6.32
C ALA E 82 24.15 -24.57 5.55
N THR E 83 23.86 -24.60 4.26
CA THR E 83 24.13 -23.50 3.36
C THR E 83 22.86 -22.68 3.14
N TYR E 84 22.97 -21.36 3.27
CA TYR E 84 21.83 -20.44 3.19
C TYR E 84 21.90 -19.66 1.88
N TYR E 85 20.73 -19.41 1.29
CA TYR E 85 20.65 -18.80 -0.04
C TYR E 85 19.66 -17.64 -0.03
N CYS E 86 20.10 -16.50 -0.55
CA CYS E 86 19.19 -15.41 -0.83
C CYS E 86 18.45 -15.66 -2.14
N GLN E 87 17.28 -15.05 -2.28
CA GLN E 87 16.40 -15.34 -3.42
C GLN E 87 15.53 -14.12 -3.69
N GLN E 88 15.72 -13.51 -4.86
CA GLN E 88 14.99 -12.32 -5.27
C GLN E 88 14.05 -12.69 -6.43
N SER E 89 12.75 -12.52 -6.22
CA SER E 89 11.75 -12.86 -7.22
C SER E 89 10.82 -11.69 -7.57
N SER E 90 11.12 -10.48 -7.09
CA SER E 90 10.21 -9.35 -7.29
C SER E 90 10.24 -8.86 -8.74
N SER E 91 11.41 -8.91 -9.39
CA SER E 91 11.56 -8.35 -10.73
C SER E 91 10.83 -9.19 -11.78
N GLY E 92 10.89 -10.52 -11.64
CA GLY E 92 10.30 -11.40 -12.62
C GLY E 92 11.22 -12.51 -13.10
N PRO E 93 12.51 -12.19 -13.37
CA PRO E 93 13.50 -13.28 -13.44
C PRO E 93 14.05 -13.63 -12.08
N ILE E 94 13.94 -14.90 -11.70
CA ILE E 94 14.38 -15.36 -10.39
C ILE E 94 15.90 -15.42 -10.37
N THR E 95 16.52 -14.71 -9.43
CA THR E 95 17.96 -14.70 -9.25
C THR E 95 18.30 -15.11 -7.82
N PHE E 96 19.14 -16.13 -7.69
CA PHE E 96 19.56 -16.62 -6.39
C PHE E 96 20.82 -15.91 -5.92
N GLY E 97 21.14 -16.08 -4.64
CA GLY E 97 22.37 -15.55 -4.08
C GLY E 97 23.56 -16.44 -4.36
N GLN E 98 24.72 -15.97 -3.92
CA GLN E 98 25.94 -16.77 -4.07
C GLN E 98 25.98 -17.95 -3.11
N GLY E 99 25.31 -17.84 -1.97
CA GLY E 99 25.25 -18.92 -1.02
C GLY E 99 26.29 -18.82 0.08
N THR E 100 25.84 -18.63 1.31
CA THR E 100 26.72 -18.56 2.46
C THR E 100 26.69 -19.88 3.24
N LYS E 101 27.87 -20.30 3.70
CA LYS E 101 28.01 -21.52 4.48
C LYS E 101 28.43 -21.16 5.91
N VAL E 102 27.83 -21.85 6.87
CA VAL E 102 28.11 -21.62 8.29
C VAL E 102 28.94 -22.77 8.81
N GLU E 103 30.16 -22.47 9.24
CA GLU E 103 31.09 -23.46 9.77
C GLU E 103 31.19 -23.31 11.28
N ILE E 104 31.41 -24.44 11.96
CA ILE E 104 31.51 -24.45 13.41
C ILE E 104 32.87 -23.89 13.83
N LYS E 105 32.89 -23.21 14.97
CA LYS E 105 34.14 -22.65 15.49
C LYS E 105 35.04 -23.76 16.01
N ARG E 106 36.33 -23.67 15.70
CA ARG E 106 37.32 -24.65 16.12
C ARG E 106 38.63 -23.93 16.37
N THR E 107 39.39 -24.43 17.35
CA THR E 107 40.74 -23.93 17.59
C THR E 107 41.64 -24.22 16.39
N VAL E 108 42.58 -23.31 16.15
CA VAL E 108 43.48 -23.44 15.01
C VAL E 108 44.50 -24.52 15.27
N ALA E 109 44.57 -25.49 14.35
CA ALA E 109 45.49 -26.61 14.45
C ALA E 109 46.52 -26.54 13.33
N ALA E 110 47.77 -26.86 13.67
CA ALA E 110 48.84 -26.84 12.69
C ALA E 110 48.66 -27.97 11.68
N PRO E 111 48.82 -27.70 10.38
CA PRO E 111 48.60 -28.75 9.38
C PRO E 111 49.75 -29.75 9.34
N SER E 112 49.41 -30.96 8.91
CA SER E 112 50.39 -32.02 8.69
C SER E 112 50.72 -32.08 7.20
N VAL E 113 52.01 -32.07 6.88
CA VAL E 113 52.48 -32.05 5.50
C VAL E 113 53.01 -33.44 5.15
N PHE E 114 52.48 -34.02 4.08
CA PHE E 114 52.92 -35.32 3.59
C PHE E 114 53.24 -35.21 2.11
N ILE E 115 54.36 -35.80 1.71
CA ILE E 115 54.77 -35.85 0.30
C ILE E 115 54.77 -37.30 -0.13
N PHE E 116 54.37 -37.53 -1.38
CA PHE E 116 54.23 -38.89 -1.91
C PHE E 116 54.94 -39.00 -3.26
N PRO E 117 55.90 -39.89 -3.42
CA PRO E 117 56.52 -40.09 -4.73
C PRO E 117 55.61 -40.86 -5.66
N PRO E 118 55.71 -40.64 -6.97
CA PRO E 118 54.91 -41.41 -7.92
C PRO E 118 55.37 -42.85 -8.01
N SER E 119 54.41 -43.77 -8.04
CA SER E 119 54.71 -45.19 -8.10
C SER E 119 55.18 -45.59 -9.49
N ASP E 120 55.91 -46.72 -9.55
CA ASP E 120 56.43 -47.23 -10.80
C ASP E 120 55.35 -47.85 -11.69
N SER E 121 54.16 -48.11 -11.17
CA SER E 121 53.10 -48.70 -11.98
C SER E 121 52.53 -47.70 -12.98
N GLN E 122 52.45 -46.43 -12.58
CA GLN E 122 51.95 -45.38 -13.47
C GLN E 122 53.05 -44.74 -14.31
N LEU E 123 54.31 -45.08 -14.07
CA LEU E 123 55.39 -44.56 -14.91
C LEU E 123 55.43 -45.25 -16.26
N LYS E 124 55.17 -46.55 -16.30
CA LYS E 124 55.16 -47.28 -17.57
C LYS E 124 53.92 -46.99 -18.39
N SER E 125 52.84 -46.50 -17.77
CA SER E 125 51.63 -46.16 -18.50
C SER E 125 51.72 -44.79 -19.18
N GLY E 126 52.68 -43.96 -18.80
CA GLY E 126 52.88 -42.66 -19.37
C GLY E 126 52.23 -41.52 -18.61
N THR E 127 51.19 -41.81 -17.83
CA THR E 127 50.45 -40.79 -17.08
C THR E 127 50.75 -40.98 -15.59
N ALA E 128 51.60 -40.11 -15.05
CA ALA E 128 51.96 -40.12 -13.64
C ALA E 128 51.63 -38.77 -13.03
N SER E 129 50.97 -38.80 -11.86
CA SER E 129 50.54 -37.59 -11.18
C SER E 129 51.05 -37.61 -9.75
N VAL E 130 51.71 -36.53 -9.33
CA VAL E 130 52.21 -36.39 -7.98
C VAL E 130 51.18 -35.62 -7.17
N VAL E 131 51.08 -35.94 -5.87
CA VAL E 131 50.11 -35.32 -4.98
C VAL E 131 50.76 -35.08 -3.63
N CYS E 132 50.43 -33.95 -3.01
CA CYS E 132 50.81 -33.65 -1.64
C CYS E 132 49.56 -33.58 -0.78
N LEU E 133 49.71 -33.88 0.50
CA LEU E 133 48.57 -34.13 1.39
C LEU E 133 48.59 -33.18 2.58
N LEU E 134 47.42 -32.65 2.91
CA LEU E 134 47.21 -31.82 4.08
C LEU E 134 46.15 -32.46 4.97
N ASN E 135 46.47 -32.66 6.24
CA ASN E 135 45.56 -33.30 7.18
C ASN E 135 45.33 -32.41 8.40
N ASN E 136 44.06 -32.31 8.80
CA ASN E 136 43.63 -31.78 10.09
C ASN E 136 43.98 -30.30 10.27
N PHE E 137 43.70 -29.52 9.22
CA PHE E 137 44.01 -28.09 9.23
C PHE E 137 42.72 -27.28 9.32
N TYR E 138 42.71 -26.31 10.23
CA TYR E 138 41.63 -25.35 10.34
C TYR E 138 42.25 -23.97 10.44
N PRO E 139 41.75 -22.96 9.72
CA PRO E 139 40.57 -22.87 8.83
C PRO E 139 40.71 -23.57 7.49
N ARG E 140 39.57 -23.70 6.79
CA ARG E 140 39.52 -24.29 5.46
C ARG E 140 40.43 -23.59 4.47
N GLU E 141 40.47 -22.26 4.51
CA GLU E 141 41.28 -21.43 3.60
C GLU E 141 42.77 -21.73 3.70
N ALA E 142 43.34 -22.24 2.61
CA ALA E 142 44.77 -22.51 2.53
C ALA E 142 45.23 -22.28 1.11
N LYS E 143 46.53 -22.00 0.96
CA LYS E 143 47.13 -21.70 -0.33
C LYS E 143 48.31 -22.61 -0.56
N VAL E 144 48.17 -23.56 -1.49
CA VAL E 144 49.26 -24.46 -1.86
C VAL E 144 49.89 -23.96 -3.15
N GLN E 145 51.19 -24.24 -3.30
CA GLN E 145 51.92 -23.84 -4.49
C GLN E 145 52.97 -24.90 -4.81
N TRP E 146 53.23 -25.09 -6.10
CA TRP E 146 54.17 -26.09 -6.60
C TRP E 146 55.39 -25.36 -7.15
N LYS E 147 56.37 -25.11 -6.29
CA LYS E 147 57.65 -24.55 -6.70
C LYS E 147 58.59 -25.72 -7.02
N VAL E 148 58.35 -26.33 -8.18
CA VAL E 148 59.16 -27.46 -8.62
C VAL E 148 60.41 -26.95 -9.32
N ASP E 149 61.58 -27.39 -8.83
CA ASP E 149 62.91 -26.93 -9.25
C ASP E 149 63.02 -25.41 -9.15
N ASN E 150 62.51 -24.87 -8.04
CA ASN E 150 62.44 -23.44 -7.73
C ASN E 150 61.71 -22.65 -8.84
N ALA E 151 60.62 -23.23 -9.35
CA ALA E 151 59.83 -22.59 -10.39
C ALA E 151 58.35 -22.82 -10.08
N LEU E 152 57.61 -21.72 -9.89
CA LEU E 152 56.20 -21.80 -9.55
C LEU E 152 55.40 -22.08 -10.82
N GLN E 153 54.92 -23.31 -10.96
CA GLN E 153 54.10 -23.72 -12.09
C GLN E 153 52.64 -23.79 -11.67
N SER E 154 51.77 -23.11 -12.42
CA SER E 154 50.34 -23.11 -12.16
C SER E 154 49.59 -23.48 -13.42
N GLY E 155 48.38 -24.02 -13.24
CA GLY E 155 47.51 -24.43 -14.32
C GLY E 155 47.27 -25.91 -14.39
N ASN E 156 48.24 -26.73 -13.95
CA ASN E 156 48.08 -28.18 -13.94
C ASN E 156 47.67 -28.73 -12.59
N SER E 157 47.84 -27.96 -11.51
CA SER E 157 47.45 -28.41 -10.19
C SER E 157 45.95 -28.26 -9.99
N GLN E 158 45.34 -29.28 -9.38
CA GLN E 158 43.91 -29.27 -9.10
C GLN E 158 43.69 -29.73 -7.66
N GLU E 159 42.85 -29.00 -6.93
CA GLU E 159 42.60 -29.25 -5.53
C GLU E 159 41.23 -29.87 -5.32
N SER E 160 41.11 -30.66 -4.25
CA SER E 160 39.83 -31.28 -3.90
C SER E 160 39.78 -31.39 -2.37
N VAL E 161 39.14 -30.42 -1.75
CA VAL E 161 39.01 -30.37 -0.29
C VAL E 161 37.70 -31.04 0.10
N THR E 162 37.69 -31.69 1.26
CA THR E 162 36.51 -32.36 1.78
C THR E 162 35.82 -31.51 2.84
N GLU E 163 34.65 -31.99 3.28
CA GLU E 163 33.89 -31.31 4.31
C GLU E 163 34.50 -31.57 5.69
N GLN E 164 34.00 -30.84 6.68
CA GLN E 164 34.47 -31.00 8.04
C GLN E 164 33.97 -32.31 8.65
N ASP E 165 34.70 -32.80 9.64
CA ASP E 165 34.35 -34.04 10.32
C ASP E 165 33.20 -33.78 11.30
N SER E 166 32.46 -34.84 11.59
CA SER E 166 31.33 -34.72 12.53
C SER E 166 31.81 -34.57 13.96
N LYS E 167 32.89 -35.25 14.33
CA LYS E 167 33.42 -35.21 15.69
C LYS E 167 34.71 -34.41 15.81
N ASP E 168 35.44 -34.19 14.73
CA ASP E 168 36.72 -33.48 14.79
C ASP E 168 36.69 -32.12 14.10
N SER E 169 35.76 -31.91 13.15
CA SER E 169 35.59 -30.65 12.41
C SER E 169 36.86 -30.25 11.66
N THR E 170 37.59 -31.24 11.15
CA THR E 170 38.85 -31.03 10.46
C THR E 170 38.67 -31.16 8.96
N TYR E 171 39.46 -30.38 8.22
CA TYR E 171 39.47 -30.43 6.77
C TYR E 171 40.63 -31.29 6.27
N SER E 172 40.62 -31.57 4.97
CA SER E 172 41.66 -32.34 4.33
C SER E 172 41.76 -31.92 2.87
N LEU E 173 42.95 -31.53 2.45
CA LEU E 173 43.19 -31.05 1.10
C LEU E 173 44.03 -32.06 0.32
N SER E 174 43.80 -32.11 -0.99
CA SER E 174 44.55 -33.00 -1.88
C SER E 174 44.78 -32.26 -3.19
N SER E 175 46.03 -31.84 -3.41
CA SER E 175 46.41 -31.11 -4.62
C SER E 175 47.17 -32.07 -5.54
N THR E 176 46.52 -32.49 -6.62
CA THR E 176 47.10 -33.42 -7.57
C THR E 176 47.74 -32.66 -8.72
N LEU E 177 49.05 -32.79 -8.85
CA LEU E 177 49.81 -32.19 -9.95
C LEU E 177 50.16 -33.28 -10.94
N THR E 178 49.52 -33.26 -12.10
CA THR E 178 49.75 -34.28 -13.13
C THR E 178 50.90 -33.86 -14.05
N LEU E 179 51.68 -34.84 -14.47
CA LEU E 179 52.81 -34.63 -15.37
C LEU E 179 52.87 -35.81 -16.33
N SER E 180 53.94 -35.86 -17.12
CA SER E 180 54.21 -36.96 -18.04
C SER E 180 55.57 -37.59 -17.73
N LYS E 181 55.92 -38.61 -18.50
CA LYS E 181 57.19 -39.29 -18.29
C LYS E 181 58.36 -38.47 -18.83
N ALA E 182 58.15 -37.78 -19.96
CA ALA E 182 59.21 -36.99 -20.59
C ALA E 182 59.50 -35.68 -19.88
N ASP E 183 58.66 -35.26 -18.95
CA ASP E 183 58.86 -34.02 -18.21
C ASP E 183 59.72 -34.20 -16.96
N TYR E 184 60.20 -35.42 -16.71
CA TYR E 184 61.02 -35.70 -15.53
C TYR E 184 62.51 -35.49 -15.77
N GLU E 185 62.92 -35.26 -17.02
CA GLU E 185 64.33 -35.03 -17.31
C GLU E 185 64.77 -33.65 -16.84
N LYS E 186 63.93 -32.64 -17.05
CA LYS E 186 64.27 -31.28 -16.66
C LYS E 186 64.23 -31.10 -15.15
N HIS E 187 63.08 -31.39 -14.53
CA HIS E 187 62.86 -31.14 -13.12
C HIS E 187 63.35 -32.33 -12.31
N LYS E 188 64.39 -32.12 -11.50
CA LYS E 188 64.92 -33.19 -10.67
C LYS E 188 64.15 -33.31 -9.35
N VAL E 189 63.91 -32.19 -8.68
CA VAL E 189 63.26 -32.19 -7.37
C VAL E 189 61.98 -31.37 -7.46
N TYR E 190 60.99 -31.76 -6.66
CA TYR E 190 59.69 -31.11 -6.61
C TYR E 190 59.36 -30.75 -5.16
N ALA E 191 58.63 -29.65 -4.98
CA ALA E 191 58.29 -29.16 -3.65
C ALA E 191 56.87 -28.63 -3.64
N CYS E 192 56.06 -29.13 -2.71
CA CYS E 192 54.70 -28.64 -2.47
C CYS E 192 54.73 -27.78 -1.21
N GLU E 193 54.68 -26.47 -1.40
CA GLU E 193 54.75 -25.51 -0.30
C GLU E 193 53.36 -25.00 0.03
N VAL E 194 53.03 -24.95 1.33
CA VAL E 194 51.72 -24.53 1.80
C VAL E 194 51.89 -23.36 2.75
N THR E 195 50.97 -22.39 2.67
CA THR E 195 50.94 -21.23 3.55
C THR E 195 49.61 -21.26 4.31
N HIS E 196 49.65 -21.77 5.54
CA HIS E 196 48.46 -21.90 6.37
C HIS E 196 48.37 -20.71 7.32
N GLN E 197 47.15 -20.45 7.82
CA GLN E 197 46.92 -19.34 8.73
C GLN E 197 47.63 -19.55 10.06
N GLY E 198 47.61 -20.77 10.58
CA GLY E 198 48.27 -21.08 11.84
C GLY E 198 49.71 -21.54 11.71
N LEU E 199 50.21 -21.71 10.49
CA LEU E 199 51.58 -22.07 10.26
C LEU E 199 52.40 -20.79 10.07
N SER E 200 53.38 -20.58 10.96
CA SER E 200 54.14 -19.33 10.94
C SER E 200 55.13 -19.31 9.78
N SER E 201 55.93 -20.36 9.63
CA SER E 201 56.90 -20.44 8.56
C SER E 201 56.48 -21.51 7.55
N PRO E 202 56.40 -21.18 6.26
CA PRO E 202 56.00 -22.16 5.25
C PRO E 202 57.07 -23.24 5.06
N VAL E 203 56.71 -24.48 5.38
CA VAL E 203 57.61 -25.62 5.27
C VAL E 203 57.16 -26.49 4.10
N THR E 204 58.15 -27.02 3.37
CA THR E 204 57.88 -27.89 2.23
C THR E 204 58.73 -29.15 2.33
N LYS E 205 58.26 -30.19 1.65
CA LYS E 205 58.95 -31.47 1.61
C LYS E 205 59.36 -31.78 0.18
N SER E 206 60.63 -32.12 -0.02
CA SER E 206 61.20 -32.36 -1.34
C SER E 206 61.76 -33.77 -1.41
N PHE E 207 61.40 -34.50 -2.46
CA PHE E 207 61.87 -35.86 -2.68
C PHE E 207 62.68 -35.89 -3.97
N ASN E 208 63.94 -36.30 -3.87
CA ASN E 208 64.83 -36.36 -5.02
C ASN E 208 64.51 -37.58 -5.90
N ARG E 209 64.90 -37.47 -7.16
CA ARG E 209 64.62 -38.50 -8.16
C ARG E 209 65.58 -39.67 -7.98
N GLY E 210 65.07 -40.87 -8.25
CA GLY E 210 65.89 -42.07 -8.26
C GLY E 210 66.21 -42.63 -6.89
N GLU E 211 65.19 -43.05 -6.16
CA GLU E 211 65.38 -43.69 -4.87
C GLU E 211 64.63 -45.01 -4.80
N GLU F 1 0.99 -35.21 2.28
CA GLU F 1 1.36 -36.27 1.34
C GLU F 1 1.71 -35.72 -0.04
N VAL F 2 2.66 -34.78 -0.07
CA VAL F 2 3.15 -34.18 -1.30
C VAL F 2 4.59 -34.63 -1.52
N GLN F 3 4.84 -35.31 -2.63
CA GLN F 3 6.17 -35.73 -3.01
C GLN F 3 6.38 -35.44 -4.50
N LEU F 4 7.52 -34.85 -4.83
CA LEU F 4 7.86 -34.47 -6.19
C LEU F 4 8.91 -35.47 -6.71
N VAL F 5 8.44 -36.51 -7.36
CA VAL F 5 9.31 -37.58 -7.86
C VAL F 5 9.77 -37.22 -9.26
N GLU F 6 11.08 -37.10 -9.43
CA GLU F 6 11.66 -36.82 -10.73
C GLU F 6 12.01 -38.13 -11.44
N SER F 7 12.13 -38.05 -12.76
CA SER F 7 12.50 -39.20 -13.58
C SER F 7 13.15 -38.71 -14.86
N GLY F 8 13.71 -39.65 -15.62
CA GLY F 8 14.33 -39.35 -16.89
C GLY F 8 15.77 -38.90 -16.82
N GLY F 9 16.38 -38.90 -15.64
CA GLY F 9 17.76 -38.50 -15.50
C GLY F 9 18.73 -39.63 -15.82
N GLY F 10 20.00 -39.35 -15.56
CA GLY F 10 21.04 -40.33 -15.81
C GLY F 10 22.26 -39.74 -16.50
N LEU F 11 22.61 -40.30 -17.66
CA LEU F 11 23.73 -39.81 -18.45
C LEU F 11 23.28 -39.65 -19.90
N VAL F 12 23.73 -38.56 -20.54
CA VAL F 12 23.35 -38.25 -21.90
C VAL F 12 24.59 -37.92 -22.72
N GLN F 13 24.45 -38.06 -24.03
CA GLN F 13 25.45 -37.61 -24.99
C GLN F 13 25.27 -36.12 -25.26
N PRO F 14 26.36 -35.35 -25.34
CA PRO F 14 26.22 -33.93 -25.68
C PRO F 14 25.75 -33.74 -27.11
N GLY F 15 24.77 -32.84 -27.28
CA GLY F 15 24.08 -32.68 -28.55
C GLY F 15 22.82 -33.49 -28.69
N GLY F 16 22.33 -34.10 -27.61
CA GLY F 16 21.13 -34.92 -27.65
C GLY F 16 20.01 -34.27 -26.85
N SER F 17 18.77 -34.60 -27.21
CA SER F 17 17.59 -34.05 -26.56
C SER F 17 17.18 -34.93 -25.38
N LEU F 18 16.99 -34.29 -24.22
CA LEU F 18 16.54 -34.98 -23.01
C LEU F 18 15.26 -34.32 -22.52
N ARG F 19 14.38 -35.14 -21.94
CA ARG F 19 13.10 -34.67 -21.40
C ARG F 19 12.87 -35.34 -20.05
N LEU F 20 13.10 -34.60 -18.97
CA LEU F 20 12.85 -35.07 -17.62
C LEU F 20 11.51 -34.53 -17.12
N SER F 21 10.84 -35.33 -16.31
CA SER F 21 9.51 -35.02 -15.83
C SER F 21 9.51 -34.72 -14.34
N CYS F 22 8.35 -34.31 -13.84
CA CYS F 22 8.16 -34.03 -12.41
C CYS F 22 6.73 -34.38 -12.06
N ALA F 23 6.53 -35.58 -11.52
CA ALA F 23 5.20 -36.07 -11.17
C ALA F 23 4.71 -35.35 -9.92
N ALA F 24 3.95 -34.28 -10.11
CA ALA F 24 3.41 -33.50 -8.99
C ALA F 24 2.24 -34.25 -8.39
N SER F 25 2.48 -34.89 -7.24
CA SER F 25 1.44 -35.64 -6.53
C SER F 25 1.18 -34.97 -5.19
N GLY F 26 -0.08 -34.68 -4.91
CA GLY F 26 -0.49 -34.02 -3.69
C GLY F 26 -1.10 -32.65 -3.88
N PHE F 27 -0.91 -32.03 -5.04
CA PHE F 27 -1.52 -30.75 -5.35
C PHE F 27 -1.84 -30.73 -6.85
N ASN F 28 -2.31 -29.58 -7.33
CA ASN F 28 -2.71 -29.43 -8.72
C ASN F 28 -1.75 -28.50 -9.44
N ILE F 29 -1.35 -28.89 -10.66
CA ILE F 29 -0.33 -28.16 -11.40
C ILE F 29 -0.91 -26.97 -12.15
N TYR F 30 -2.23 -26.88 -12.28
CA TYR F 30 -2.84 -25.82 -13.09
C TYR F 30 -2.75 -24.46 -12.41
N TYR F 31 -2.81 -24.42 -11.08
CA TYR F 31 -2.79 -23.16 -10.36
C TYR F 31 -1.38 -22.69 -10.03
N TYR F 32 -0.49 -23.62 -9.67
CA TYR F 32 0.85 -23.28 -9.21
C TYR F 32 1.87 -23.48 -10.33
N SER F 33 2.88 -22.63 -10.34
CA SER F 33 3.91 -22.66 -11.36
C SER F 33 5.06 -23.57 -10.93
N ILE F 34 5.35 -24.57 -11.74
CA ILE F 34 6.50 -25.45 -11.50
C ILE F 34 7.76 -24.74 -11.96
N HIS F 35 8.71 -24.58 -11.05
CA HIS F 35 9.98 -23.90 -11.35
C HIS F 35 11.12 -24.90 -11.24
N TRP F 36 11.99 -24.90 -12.24
CA TRP F 36 13.20 -25.73 -12.24
C TRP F 36 14.40 -24.87 -11.85
N VAL F 37 15.32 -25.47 -11.08
CA VAL F 37 16.55 -24.80 -10.68
C VAL F 37 17.73 -25.69 -11.03
N ARG F 38 18.91 -25.08 -11.05
CA ARG F 38 20.15 -25.77 -11.36
C ARG F 38 21.09 -25.66 -10.16
N GLN F 39 21.62 -26.80 -9.72
CA GLN F 39 22.54 -26.86 -8.58
C GLN F 39 23.82 -27.55 -9.05
N ALA F 40 24.79 -26.74 -9.47
CA ALA F 40 26.08 -27.27 -9.89
C ALA F 40 26.86 -27.78 -8.67
N PRO F 41 27.71 -28.81 -8.86
CA PRO F 41 28.51 -29.31 -7.74
C PRO F 41 29.57 -28.30 -7.28
N GLY F 42 29.38 -27.75 -6.09
CA GLY F 42 30.22 -26.71 -5.54
C GLY F 42 29.62 -25.33 -5.60
N LYS F 43 28.76 -25.07 -6.58
CA LYS F 43 28.14 -23.77 -6.74
C LYS F 43 26.80 -23.75 -6.02
N GLY F 44 26.01 -22.69 -6.23
CA GLY F 44 24.72 -22.53 -5.61
C GLY F 44 23.57 -22.80 -6.57
N LEU F 45 22.38 -22.39 -6.15
CA LEU F 45 21.20 -22.56 -6.99
C LEU F 45 21.23 -21.60 -8.17
N GLU F 46 20.53 -21.98 -9.23
CA GLU F 46 20.46 -21.16 -10.44
C GLU F 46 19.15 -21.46 -11.15
N TRP F 47 18.31 -20.44 -11.30
CA TRP F 47 17.01 -20.60 -11.93
C TRP F 47 17.16 -20.75 -13.44
N VAL F 48 16.43 -21.71 -14.00
CA VAL F 48 16.56 -22.07 -15.42
C VAL F 48 15.24 -21.97 -16.17
N ALA F 49 14.13 -22.45 -15.60
CA ALA F 49 12.89 -22.56 -16.35
C ALA F 49 11.70 -22.28 -15.43
N SER F 50 10.55 -22.04 -16.07
CA SER F 50 9.30 -21.73 -15.40
C SER F 50 8.15 -21.88 -16.39
N ILE F 51 7.01 -22.34 -15.89
CA ILE F 51 5.77 -22.38 -16.67
C ILE F 51 4.59 -22.19 -15.72
N TYR F 52 3.65 -21.35 -16.11
CA TYR F 52 2.50 -21.01 -15.28
C TYR F 52 1.22 -21.34 -16.04
N PRO F 53 0.59 -22.49 -15.78
CA PRO F 53 -0.52 -22.95 -16.63
C PRO F 53 -1.83 -22.19 -16.44
N TYR F 54 -1.96 -21.37 -15.38
CA TYR F 54 -3.23 -20.70 -15.13
C TYR F 54 -3.48 -19.58 -16.13
N SER F 55 -2.47 -18.76 -16.40
CA SER F 55 -2.59 -17.72 -17.42
C SER F 55 -1.89 -18.11 -18.73
N GLY F 56 -1.15 -19.22 -18.76
CA GLY F 56 -0.44 -19.62 -19.96
C GLY F 56 0.77 -18.77 -20.29
N SER F 57 1.53 -18.37 -19.28
CA SER F 57 2.72 -17.54 -19.47
C SER F 57 3.94 -18.24 -18.91
N THR F 58 5.03 -18.22 -19.67
CA THR F 58 6.27 -18.85 -19.26
C THR F 58 7.33 -17.78 -18.94
N SER F 59 8.45 -18.25 -18.39
CA SER F 59 9.57 -17.38 -18.08
C SER F 59 10.86 -18.16 -18.27
N TYR F 60 11.93 -17.44 -18.59
CA TYR F 60 13.21 -18.06 -18.88
C TYR F 60 14.34 -17.17 -18.39
N ALA F 61 15.46 -17.80 -18.04
CA ALA F 61 16.66 -17.06 -17.67
C ALA F 61 17.34 -16.51 -18.93
N ASP F 62 18.29 -15.61 -18.72
CA ASP F 62 18.97 -14.96 -19.84
C ASP F 62 19.95 -15.90 -20.52
N SER F 63 20.51 -16.87 -19.80
CA SER F 63 21.51 -17.76 -20.36
C SER F 63 20.90 -18.94 -21.10
N VAL F 64 19.62 -19.26 -20.85
CA VAL F 64 18.98 -20.42 -21.46
C VAL F 64 17.73 -19.98 -22.22
N LYS F 65 17.73 -18.74 -22.70
CA LYS F 65 16.57 -18.18 -23.38
C LYS F 65 16.44 -18.78 -24.78
N GLY F 66 15.27 -19.37 -25.06
CA GLY F 66 14.98 -19.87 -26.38
C GLY F 66 15.64 -21.18 -26.76
N ARG F 67 16.16 -21.93 -25.79
CA ARG F 67 16.80 -23.20 -26.07
C ARG F 67 16.27 -24.37 -25.25
N PHE F 68 15.67 -24.14 -24.09
CA PHE F 68 15.14 -25.20 -23.23
C PHE F 68 13.63 -25.00 -23.13
N THR F 69 12.89 -25.68 -24.01
CA THR F 69 11.44 -25.53 -24.05
C THR F 69 10.78 -26.30 -22.90
N ILE F 70 9.96 -25.61 -22.13
CA ILE F 70 9.23 -26.19 -21.00
C ILE F 70 7.82 -26.55 -21.46
N SER F 71 7.27 -27.62 -20.87
CA SER F 71 5.91 -28.05 -21.16
C SER F 71 5.27 -28.57 -19.89
N ALA F 72 3.96 -28.34 -19.77
CA ALA F 72 3.19 -28.77 -18.61
C ALA F 72 1.94 -29.51 -19.08
N ASP F 73 1.69 -30.67 -18.49
CA ASP F 73 0.52 -31.49 -18.81
C ASP F 73 -0.39 -31.50 -17.59
N THR F 74 -1.53 -30.81 -17.70
CA THR F 74 -2.47 -30.72 -16.59
C THR F 74 -3.30 -31.98 -16.39
N SER F 75 -3.31 -32.89 -17.37
CA SER F 75 -4.07 -34.12 -17.23
C SER F 75 -3.36 -35.15 -16.35
N LYS F 76 -2.04 -35.17 -16.37
CA LYS F 76 -1.26 -36.09 -15.56
C LYS F 76 -0.46 -35.39 -14.48
N ASN F 77 -0.59 -34.06 -14.35
CA ASN F 77 0.11 -33.24 -13.35
C ASN F 77 1.63 -33.37 -13.45
N THR F 78 2.15 -33.34 -14.67
CA THR F 78 3.57 -33.45 -14.92
C THR F 78 4.10 -32.19 -15.59
N ALA F 79 5.41 -31.98 -15.48
CA ALA F 79 6.08 -30.83 -16.08
C ALA F 79 7.27 -31.34 -16.88
N TYR F 80 7.24 -31.11 -18.19
CA TYR F 80 8.21 -31.67 -19.12
C TYR F 80 9.22 -30.60 -19.50
N LEU F 81 10.48 -30.78 -19.09
CA LEU F 81 11.57 -29.89 -19.46
C LEU F 81 12.33 -30.54 -20.62
N GLN F 82 11.89 -30.24 -21.84
CA GLN F 82 12.55 -30.72 -23.05
C GLN F 82 13.74 -29.82 -23.34
N MET F 83 14.94 -30.30 -23.05
CA MET F 83 16.15 -29.54 -23.34
C MET F 83 16.68 -29.90 -24.73
N ASN F 84 17.22 -28.89 -25.42
CA ASN F 84 17.71 -29.04 -26.78
C ASN F 84 19.01 -28.27 -26.93
N SER F 85 19.96 -28.88 -27.66
CA SER F 85 21.29 -28.32 -27.96
C SER F 85 22.04 -27.95 -26.68
N LEU F 86 22.13 -28.92 -25.77
CA LEU F 86 22.79 -28.70 -24.48
C LEU F 86 24.30 -28.62 -24.65
N ARG F 87 24.93 -27.78 -23.84
CA ARG F 87 26.37 -27.60 -23.84
C ARG F 87 27.00 -28.47 -22.76
N ALA F 88 28.33 -28.44 -22.69
CA ALA F 88 29.06 -29.18 -21.67
C ALA F 88 28.99 -28.53 -20.30
N GLU F 89 28.61 -27.25 -20.23
CA GLU F 89 28.54 -26.56 -18.94
C GLU F 89 27.35 -27.05 -18.11
N ASP F 90 26.24 -27.38 -18.76
CA ASP F 90 25.02 -27.79 -18.06
C ASP F 90 25.18 -29.23 -17.58
N THR F 91 25.85 -29.37 -16.43
CA THR F 91 26.04 -30.65 -15.77
C THR F 91 25.79 -30.42 -14.28
N ALA F 92 24.60 -30.78 -13.81
CA ALA F 92 24.18 -30.46 -12.46
C ALA F 92 23.05 -31.40 -12.06
N VAL F 93 22.52 -31.17 -10.86
CA VAL F 93 21.33 -31.86 -10.37
C VAL F 93 20.15 -30.88 -10.49
N TYR F 94 19.03 -31.38 -11.00
CA TYR F 94 17.88 -30.53 -11.34
C TYR F 94 16.76 -30.81 -10.35
N TYR F 95 16.51 -29.86 -9.46
CA TYR F 95 15.43 -29.97 -8.48
C TYR F 95 14.13 -29.45 -9.07
N CYS F 96 13.02 -30.03 -8.61
CA CYS F 96 11.68 -29.59 -8.97
C CYS F 96 11.03 -28.96 -7.76
N ALA F 97 10.39 -27.80 -7.94
CA ALA F 97 9.83 -27.06 -6.84
C ALA F 97 8.57 -26.32 -7.28
N ARG F 98 7.53 -26.43 -6.47
CA ARG F 98 6.32 -25.65 -6.68
C ARG F 98 6.52 -24.22 -6.16
N TYR F 99 5.58 -23.35 -6.52
CA TYR F 99 5.70 -21.92 -6.25
C TYR F 99 4.33 -21.38 -5.85
N TYR F 100 4.29 -20.63 -4.75
CA TYR F 100 3.05 -20.11 -4.20
C TYR F 100 2.99 -18.59 -4.41
N PRO F 101 2.21 -18.10 -5.37
CA PRO F 101 2.16 -16.65 -5.65
C PRO F 101 1.02 -15.91 -4.96
N TYR F 102 0.28 -16.53 -4.05
CA TYR F 102 -0.94 -15.94 -3.53
C TYR F 102 -0.69 -15.13 -2.27
N PHE F 103 -1.67 -14.28 -1.93
CA PHE F 103 -1.63 -13.49 -0.70
C PHE F 103 -1.97 -14.39 0.48
N ILE F 104 -0.95 -14.76 1.27
CA ILE F 104 -1.24 -15.49 2.50
C ILE F 104 -1.74 -14.55 3.59
N SER F 105 -1.32 -13.29 3.57
CA SER F 105 -1.77 -12.28 4.52
C SER F 105 -2.25 -11.04 3.78
N TYR F 106 -2.86 -10.13 4.53
CA TYR F 106 -3.36 -8.89 3.93
C TYR F 106 -2.23 -7.98 3.49
N TYR F 107 -1.06 -8.03 4.15
CA TYR F 107 0.02 -7.11 3.87
C TYR F 107 1.20 -7.74 3.12
N SER F 108 1.32 -9.06 3.13
CA SER F 108 2.52 -9.73 2.61
C SER F 108 2.13 -10.60 1.43
N LYS F 109 2.62 -10.25 0.25
CA LYS F 109 2.45 -11.07 -0.95
C LYS F 109 3.51 -12.16 -0.91
N MET F 110 3.11 -13.38 -0.55
CA MET F 110 4.04 -14.50 -0.48
C MET F 110 4.45 -14.92 -1.89
N GLU F 111 5.76 -15.01 -2.11
CA GLU F 111 6.33 -15.33 -3.42
C GLU F 111 7.50 -16.29 -3.27
N ALA F 112 7.31 -17.34 -2.47
CA ALA F 112 8.39 -18.29 -2.18
C ALA F 112 8.09 -19.65 -2.81
N MET F 113 9.00 -20.59 -2.59
CA MET F 113 8.89 -21.96 -3.07
C MET F 113 8.74 -22.87 -1.85
N ASP F 114 7.57 -23.53 -1.74
CA ASP F 114 7.27 -24.28 -0.53
C ASP F 114 7.90 -25.67 -0.55
N TYR F 115 7.53 -26.50 -1.53
CA TYR F 115 7.85 -27.92 -1.51
C TYR F 115 8.89 -28.22 -2.59
N TRP F 116 9.90 -28.99 -2.22
CA TRP F 116 11.04 -29.29 -3.06
C TRP F 116 11.13 -30.79 -3.30
N GLY F 117 11.61 -31.15 -4.50
CA GLY F 117 11.80 -32.55 -4.84
C GLY F 117 13.19 -33.05 -4.48
N GLN F 118 13.40 -34.35 -4.76
CA GLN F 118 14.70 -34.96 -4.48
C GLN F 118 15.75 -34.60 -5.53
N GLY F 119 15.34 -34.45 -6.80
CA GLY F 119 16.26 -34.04 -7.83
C GLY F 119 17.07 -35.16 -8.44
N THR F 120 17.08 -35.25 -9.76
CA THR F 120 17.88 -36.25 -10.46
C THR F 120 19.15 -35.61 -11.01
N LEU F 121 20.20 -36.43 -11.15
CA LEU F 121 21.52 -35.97 -11.55
C LEU F 121 21.78 -36.33 -13.01
N VAL F 122 21.94 -35.31 -13.85
CA VAL F 122 22.31 -35.50 -15.25
C VAL F 122 23.80 -35.22 -15.40
N THR F 123 24.49 -36.06 -16.16
CA THR F 123 25.92 -35.94 -16.39
C THR F 123 26.17 -35.83 -17.90
N VAL F 124 26.82 -34.75 -18.31
CA VAL F 124 27.14 -34.50 -19.71
C VAL F 124 28.64 -34.66 -19.88
N SER F 125 29.04 -35.61 -20.73
CA SER F 125 30.45 -35.87 -20.99
C SER F 125 30.57 -36.55 -22.36
N SER F 126 31.57 -36.13 -23.13
CA SER F 126 31.81 -36.73 -24.43
C SER F 126 32.45 -38.11 -24.32
N ALA F 127 33.12 -38.41 -23.21
CA ALA F 127 33.77 -39.69 -23.03
C ALA F 127 32.76 -40.75 -22.62
N SER F 128 33.00 -41.98 -23.05
CA SER F 128 32.13 -43.11 -22.73
C SER F 128 32.54 -43.72 -21.40
N THR F 129 31.95 -44.86 -21.06
CA THR F 129 32.27 -45.53 -19.81
C THR F 129 33.65 -46.19 -19.92
N LYS F 130 34.51 -45.93 -18.94
CA LYS F 130 35.86 -46.45 -18.91
C LYS F 130 36.13 -47.06 -17.54
N GLY F 131 36.84 -48.19 -17.54
CA GLY F 131 37.18 -48.88 -16.32
C GLY F 131 38.14 -48.11 -15.44
N PRO F 132 37.96 -48.21 -14.13
CA PRO F 132 38.82 -47.46 -13.21
C PRO F 132 40.21 -48.09 -13.11
N SER F 133 41.21 -47.22 -12.97
CA SER F 133 42.58 -47.64 -12.75
C SER F 133 43.03 -47.12 -11.38
N VAL F 134 43.49 -48.04 -10.53
CA VAL F 134 43.94 -47.72 -9.19
C VAL F 134 45.45 -47.88 -9.14
N PHE F 135 46.13 -46.93 -8.52
CA PHE F 135 47.58 -46.97 -8.39
C PHE F 135 47.98 -46.93 -6.92
N PRO F 136 48.94 -47.76 -6.50
CA PRO F 136 49.33 -47.78 -5.08
C PRO F 136 50.18 -46.57 -4.72
N LEU F 137 49.66 -45.74 -3.82
CA LEU F 137 50.41 -44.57 -3.37
C LEU F 137 51.47 -45.01 -2.37
N ALA F 138 52.63 -44.38 -2.42
CA ALA F 138 53.79 -44.86 -1.67
C ALA F 138 54.14 -43.88 -0.56
N PRO F 139 54.16 -44.32 0.70
CA PRO F 139 54.63 -43.45 1.78
C PRO F 139 56.14 -43.29 1.77
N SER F 140 56.59 -42.11 2.16
CA SER F 140 58.02 -41.84 2.22
C SER F 140 58.69 -42.61 3.33
N SER F 141 59.93 -43.05 3.09
CA SER F 141 60.66 -43.80 4.10
C SER F 141 61.10 -42.90 5.26
N LYS F 142 61.51 -41.67 4.96
CA LYS F 142 61.88 -40.72 5.99
C LYS F 142 60.63 -40.16 6.67
N SER F 143 60.78 -39.87 7.96
CA SER F 143 59.68 -39.34 8.76
C SER F 143 60.25 -38.60 9.95
N THR F 144 59.44 -37.70 10.51
CA THR F 144 59.82 -36.97 11.71
C THR F 144 59.73 -37.86 12.94
N SER F 145 60.37 -37.43 14.01
CA SER F 145 60.36 -38.17 15.26
C SER F 145 59.01 -38.03 15.94
N GLY F 146 58.37 -39.16 16.24
CA GLY F 146 57.07 -39.16 16.87
C GLY F 146 55.95 -38.65 15.99
N GLY F 147 56.00 -38.92 14.70
CA GLY F 147 55.00 -38.46 13.76
C GLY F 147 54.38 -39.60 13.00
N THR F 148 53.06 -39.55 12.85
CA THR F 148 52.34 -40.58 12.10
C THR F 148 52.56 -40.42 10.60
N ALA F 149 52.46 -41.53 9.88
CA ALA F 149 52.61 -41.56 8.43
C ALA F 149 51.26 -41.92 7.79
N ALA F 150 50.77 -41.04 6.92
CA ALA F 150 49.50 -41.27 6.26
C ALA F 150 49.67 -42.13 5.02
N LEU F 151 48.71 -43.03 4.80
CA LEU F 151 48.69 -43.89 3.63
C LEU F 151 47.36 -43.74 2.91
N GLY F 152 47.40 -43.85 1.58
CA GLY F 152 46.21 -43.70 0.77
C GLY F 152 46.33 -44.49 -0.52
N CYS F 153 45.28 -44.40 -1.33
CA CYS F 153 45.24 -45.03 -2.64
C CYS F 153 44.70 -44.01 -3.65
N LEU F 154 45.28 -44.04 -4.86
CA LEU F 154 44.95 -43.08 -5.90
C LEU F 154 44.16 -43.78 -7.01
N VAL F 155 43.01 -43.21 -7.37
CA VAL F 155 42.16 -43.71 -8.43
C VAL F 155 42.02 -42.63 -9.48
N LYS F 156 42.28 -42.97 -10.74
CA LYS F 156 42.30 -41.98 -11.82
C LYS F 156 41.67 -42.61 -13.05
N ASP F 157 41.10 -41.75 -13.90
CA ASP F 157 40.55 -42.09 -15.23
C ASP F 157 39.41 -43.10 -15.12
N TYR F 158 38.39 -42.76 -14.33
CA TYR F 158 37.24 -43.61 -14.10
C TYR F 158 35.95 -42.91 -14.51
N PHE F 159 34.88 -43.71 -14.59
CA PHE F 159 33.53 -43.25 -14.85
C PHE F 159 32.62 -44.28 -14.20
N PRO F 160 31.48 -43.86 -13.60
CA PRO F 160 30.92 -42.54 -13.35
C PRO F 160 31.30 -41.91 -12.01
N GLU F 161 30.49 -40.93 -11.59
CA GLU F 161 30.73 -40.21 -10.34
C GLU F 161 30.62 -41.04 -9.06
N PRO F 162 29.59 -41.87 -8.81
CA PRO F 162 29.56 -42.58 -7.51
C PRO F 162 30.60 -43.68 -7.42
N VAL F 163 31.36 -43.67 -6.32
CA VAL F 163 32.44 -44.62 -6.06
C VAL F 163 32.29 -45.11 -4.63
N THR F 164 32.42 -46.42 -4.43
CA THR F 164 32.42 -47.01 -3.09
C THR F 164 33.78 -47.67 -2.88
N VAL F 165 34.46 -47.28 -1.81
CA VAL F 165 35.80 -47.79 -1.51
C VAL F 165 35.77 -48.48 -0.16
N SER F 166 36.67 -49.46 0.00
CA SER F 166 36.76 -50.22 1.23
C SER F 166 38.22 -50.60 1.47
N TRP F 167 38.52 -50.98 2.71
CA TRP F 167 39.85 -51.40 3.10
C TRP F 167 39.80 -52.79 3.71
N ASN F 168 40.95 -53.43 3.81
CA ASN F 168 41.05 -54.82 4.23
C ASN F 168 41.40 -54.94 5.71
N SER F 169 41.59 -53.82 6.42
CA SER F 169 41.88 -53.89 7.84
C SER F 169 40.63 -54.22 8.65
N GLY F 170 39.50 -53.60 8.31
CA GLY F 170 38.26 -53.88 8.99
C GLY F 170 37.11 -53.15 8.33
N ALA F 171 35.89 -53.53 8.72
CA ALA F 171 34.71 -52.81 8.27
C ALA F 171 34.65 -51.42 8.88
N LEU F 172 34.96 -51.30 10.17
CA LEU F 172 35.10 -50.00 10.81
C LEU F 172 36.46 -49.40 10.47
N THR F 173 36.52 -48.07 10.49
CA THR F 173 37.75 -47.36 10.16
C THR F 173 37.90 -46.14 11.06
N SER F 174 39.14 -45.71 11.23
CA SER F 174 39.47 -44.53 12.02
C SER F 174 40.47 -43.69 11.26
N GLY F 175 40.29 -42.36 11.32
CA GLY F 175 41.16 -41.46 10.60
C GLY F 175 40.97 -41.48 9.10
N VAL F 176 39.78 -41.85 8.63
CA VAL F 176 39.52 -41.91 7.20
C VAL F 176 39.31 -40.49 6.66
N HIS F 177 39.74 -40.27 5.42
CA HIS F 177 39.60 -38.97 4.75
C HIS F 177 39.25 -39.25 3.29
N THR F 178 37.95 -39.26 3.00
CA THR F 178 37.46 -39.48 1.63
C THR F 178 37.28 -38.14 0.94
N PHE F 179 38.02 -37.93 -0.16
CA PHE F 179 37.97 -36.67 -0.87
C PHE F 179 36.86 -36.67 -1.92
N PRO F 180 36.28 -35.51 -2.22
CA PRO F 180 35.33 -35.44 -3.34
C PRO F 180 36.05 -35.58 -4.68
N ALA F 181 35.29 -36.02 -5.68
CA ALA F 181 35.84 -36.21 -7.01
C ALA F 181 36.04 -34.87 -7.70
N VAL F 182 37.13 -34.76 -8.46
CA VAL F 182 37.47 -33.55 -9.20
C VAL F 182 37.43 -33.87 -10.69
N LEU F 183 36.91 -32.92 -11.47
CA LEU F 183 36.82 -33.06 -12.92
C LEU F 183 38.04 -32.40 -13.55
N GLN F 184 38.95 -33.20 -14.09
CA GLN F 184 40.14 -32.66 -14.73
C GLN F 184 39.82 -32.22 -16.15
N SER F 185 40.85 -31.74 -16.85
CA SER F 185 40.68 -31.14 -18.18
C SER F 185 40.40 -32.16 -19.27
N SER F 186 40.63 -33.45 -19.02
CA SER F 186 40.39 -34.48 -20.02
C SER F 186 39.00 -35.10 -19.92
N GLY F 187 38.05 -34.39 -19.31
CA GLY F 187 36.67 -34.83 -19.24
C GLY F 187 36.35 -35.92 -18.23
N LEU F 188 37.34 -36.70 -17.79
CA LEU F 188 37.09 -37.80 -16.88
C LEU F 188 37.22 -37.30 -15.43
N TYR F 189 37.26 -38.24 -14.48
CA TYR F 189 37.25 -37.91 -13.06
C TYR F 189 38.52 -38.41 -12.39
N SER F 190 38.83 -37.82 -11.23
CA SER F 190 39.95 -38.22 -10.41
C SER F 190 39.48 -38.38 -8.96
N LEU F 191 40.23 -39.15 -8.19
CA LEU F 191 39.84 -39.45 -6.81
C LEU F 191 41.05 -39.77 -5.96
N SER F 192 41.07 -39.21 -4.75
CA SER F 192 42.04 -39.58 -3.73
C SER F 192 41.29 -40.00 -2.46
N SER F 193 41.92 -40.89 -1.68
CA SER F 193 41.31 -41.37 -0.45
C SER F 193 42.44 -41.83 0.48
N VAL F 194 42.74 -41.03 1.49
CA VAL F 194 43.81 -41.34 2.42
C VAL F 194 43.23 -41.71 3.78
N VAL F 195 44.02 -42.46 4.55
CA VAL F 195 43.65 -42.90 5.90
C VAL F 195 44.76 -42.44 6.84
N THR F 196 44.38 -41.94 8.02
CA THR F 196 45.33 -41.51 9.03
C THR F 196 45.53 -42.64 10.04
N VAL F 197 46.75 -43.14 10.12
CA VAL F 197 47.08 -44.29 10.97
C VAL F 197 48.37 -44.01 11.72
N PRO F 198 48.54 -44.64 12.89
CA PRO F 198 49.81 -44.51 13.61
C PRO F 198 50.96 -45.20 12.87
N SER F 199 52.15 -44.61 13.02
CA SER F 199 53.33 -45.11 12.32
C SER F 199 53.82 -46.43 12.88
N SER F 200 53.67 -46.65 14.19
CA SER F 200 54.14 -47.89 14.81
C SER F 200 53.34 -49.10 14.36
N SER F 201 52.04 -48.92 14.09
CA SER F 201 51.21 -50.02 13.64
C SER F 201 51.52 -50.46 12.21
N LEU F 202 52.18 -49.59 11.43
CA LEU F 202 52.43 -49.87 10.01
C LEU F 202 53.36 -51.06 9.80
N GLY F 203 54.26 -51.33 10.75
CA GLY F 203 55.12 -52.49 10.64
C GLY F 203 54.37 -53.81 10.76
N THR F 204 53.41 -53.88 11.68
CA THR F 204 52.65 -55.10 11.88
C THR F 204 51.47 -55.19 10.92
N GLN F 205 50.70 -54.12 10.79
CA GLN F 205 49.45 -54.16 10.03
C GLN F 205 49.72 -54.07 8.54
N THR F 206 48.80 -54.68 7.77
CA THR F 206 48.83 -54.65 6.32
C THR F 206 47.50 -54.09 5.81
N TYR F 207 47.57 -53.27 4.76
CA TYR F 207 46.39 -52.62 4.21
C TYR F 207 46.25 -52.94 2.73
N ILE F 208 45.00 -53.14 2.28
CA ILE F 208 44.68 -53.40 0.88
C ILE F 208 43.40 -52.62 0.58
N CYS F 209 43.47 -51.70 -0.39
CA CYS F 209 42.31 -50.94 -0.79
C CYS F 209 41.40 -51.76 -1.71
N ASN F 210 40.10 -51.63 -1.51
CA ASN F 210 39.09 -52.35 -2.28
C ASN F 210 38.30 -51.33 -3.10
N VAL F 211 38.50 -51.33 -4.41
CA VAL F 211 37.86 -50.40 -5.32
C VAL F 211 36.62 -51.07 -5.89
N ASN F 212 35.45 -50.57 -5.53
CA ASN F 212 34.17 -51.13 -5.96
C ASN F 212 33.46 -50.13 -6.85
N HIS F 213 33.16 -50.56 -8.08
CA HIS F 213 32.37 -49.77 -9.04
C HIS F 213 31.22 -50.65 -9.53
N LYS F 214 30.01 -50.33 -9.09
CA LYS F 214 28.86 -51.15 -9.45
C LYS F 214 28.42 -51.01 -10.91
N PRO F 215 28.26 -49.81 -11.51
CA PRO F 215 27.88 -49.78 -12.93
C PRO F 215 29.02 -50.03 -13.90
N SER F 216 30.23 -50.33 -13.42
CA SER F 216 31.34 -50.68 -14.30
C SER F 216 31.81 -52.13 -14.13
N ASN F 217 31.30 -52.83 -13.10
CA ASN F 217 31.59 -54.25 -12.82
C ASN F 217 33.10 -54.49 -12.65
N THR F 218 33.77 -53.54 -12.00
CA THR F 218 35.21 -53.62 -11.74
C THR F 218 35.42 -53.63 -10.23
N LYS F 219 35.84 -54.78 -9.70
CA LYS F 219 36.16 -54.93 -8.28
C LYS F 219 37.61 -55.39 -8.20
N VAL F 220 38.55 -54.45 -8.22
CA VAL F 220 39.97 -54.73 -8.20
C VAL F 220 40.53 -54.28 -6.85
N ASP F 221 41.52 -55.02 -6.36
CA ASP F 221 42.20 -54.70 -5.11
C ASP F 221 43.65 -54.33 -5.38
N LYS F 222 44.20 -53.49 -4.51
CA LYS F 222 45.58 -53.01 -4.66
C LYS F 222 46.24 -52.98 -3.29
N LYS F 223 47.30 -53.77 -3.13
CA LYS F 223 48.02 -53.84 -1.86
C LYS F 223 49.06 -52.74 -1.78
N VAL F 224 48.92 -51.85 -0.81
CA VAL F 224 49.88 -50.78 -0.59
C VAL F 224 51.11 -51.36 0.11
N GLU F 225 52.30 -50.94 -0.33
CA GLU F 225 53.55 -51.39 0.24
C GLU F 225 54.52 -50.22 0.34
N PRO F 226 55.11 -49.98 1.52
CA PRO F 226 56.10 -48.91 1.66
C PRO F 226 57.40 -49.24 0.93
N LYS F 227 57.69 -48.52 -0.16
CA LYS F 227 58.87 -48.76 -0.96
C LYS F 227 59.40 -47.43 -1.47
N SER F 228 60.71 -47.22 -1.33
CA SER F 228 61.34 -45.99 -1.80
C SER F 228 61.63 -46.05 -3.30
N GLN G 1 57.61 -0.09 0.35
CA GLN G 1 58.13 -0.13 1.71
C GLN G 1 57.00 0.00 2.73
N VAL G 2 56.98 -0.90 3.70
CA VAL G 2 55.96 -0.91 4.74
C VAL G 2 56.63 -0.67 6.09
N GLN G 3 55.86 -0.11 7.02
CA GLN G 3 56.32 0.18 8.36
C GLN G 3 55.56 -0.69 9.36
N LEU G 4 56.25 -1.16 10.39
CA LEU G 4 55.64 -2.02 11.40
C LEU G 4 56.29 -1.74 12.74
N GLN G 5 55.47 -1.56 13.78
CA GLN G 5 55.97 -1.21 15.10
C GLN G 5 54.99 -1.71 16.15
N GLU G 6 55.51 -2.36 17.19
CA GLU G 6 54.72 -2.80 18.32
C GLU G 6 54.88 -1.84 19.49
N SER G 7 54.02 -2.03 20.50
CA SER G 7 54.09 -1.24 21.71
C SER G 7 53.50 -2.06 22.86
N GLY G 8 53.86 -1.65 24.09
CA GLY G 8 53.38 -2.34 25.27
C GLY G 8 54.22 -3.55 25.60
N GLY G 9 53.87 -4.17 26.73
CA GLY G 9 54.57 -5.37 27.17
C GLY G 9 55.79 -5.04 28.01
N GLY G 10 56.08 -5.94 28.95
CA GLY G 10 57.23 -5.76 29.82
C GLY G 10 57.21 -6.76 30.96
N LEU G 11 57.88 -6.39 32.04
CA LEU G 11 57.98 -7.24 33.23
C LEU G 11 56.70 -7.11 34.03
N VAL G 12 55.77 -8.03 33.78
CA VAL G 12 54.47 -8.03 34.44
C VAL G 12 54.35 -9.29 35.30
N GLN G 13 53.41 -9.25 36.25
CA GLN G 13 53.17 -10.38 37.11
C GLN G 13 52.33 -11.43 36.39
N PRO G 14 52.57 -12.72 36.64
CA PRO G 14 51.75 -13.75 36.00
C PRO G 14 50.36 -13.83 36.61
N GLY G 15 49.38 -14.15 35.78
CA GLY G 15 48.00 -14.22 36.20
C GLY G 15 47.23 -12.93 36.08
N GLY G 16 47.91 -11.80 35.86
CA GLY G 16 47.24 -10.52 35.73
C GLY G 16 46.75 -10.24 34.32
N SER G 17 46.84 -8.99 33.89
CA SER G 17 46.38 -8.58 32.56
C SER G 17 47.43 -7.69 31.92
N LEU G 18 47.52 -7.78 30.60
CA LEU G 18 48.47 -6.98 29.83
C LEU G 18 47.93 -6.82 28.41
N ARG G 19 48.06 -5.62 27.87
CA ARG G 19 47.58 -5.30 26.53
C ARG G 19 48.74 -5.02 25.59
N LEU G 20 48.61 -5.48 24.35
CA LEU G 20 49.59 -5.23 23.31
C LEU G 20 48.93 -4.55 22.12
N SER G 21 49.75 -3.84 21.34
CA SER G 21 49.25 -3.11 20.19
C SER G 21 50.19 -3.32 19.00
N CYS G 22 49.64 -3.18 17.81
CA CYS G 22 50.39 -3.33 16.57
C CYS G 22 49.70 -2.49 15.50
N ALA G 23 50.49 -1.80 14.68
CA ALA G 23 49.94 -0.86 13.72
C ALA G 23 50.82 -0.79 12.49
N ALA G 24 50.22 -0.36 11.38
CA ALA G 24 50.93 -0.16 10.12
C ALA G 24 50.24 0.96 9.36
N SER G 25 50.93 1.48 8.35
CA SER G 25 50.42 2.60 7.57
C SER G 25 50.95 2.51 6.15
N GLY G 26 50.58 3.49 5.33
CA GLY G 26 51.01 3.56 3.96
C GLY G 26 50.18 2.75 2.97
N ARG G 27 49.16 2.04 3.45
CA ARG G 27 48.36 1.18 2.59
C ARG G 27 47.00 0.97 3.24
N THR G 28 46.10 0.34 2.48
CA THR G 28 44.74 0.10 2.95
C THR G 28 44.75 -0.98 4.02
N ILE G 29 44.07 -0.73 5.14
CA ILE G 29 44.11 -1.62 6.30
C ILE G 29 42.84 -2.45 6.44
N SER G 30 41.74 -2.07 5.78
CA SER G 30 40.48 -2.78 5.95
C SER G 30 40.44 -4.11 5.19
N ARG G 31 41.16 -4.20 4.08
CA ARG G 31 41.12 -5.39 3.23
C ARG G 31 42.20 -6.41 3.58
N TYR G 32 42.95 -6.21 4.66
CA TYR G 32 43.96 -7.16 5.09
C TYR G 32 43.71 -7.56 6.55
N ALA G 33 44.27 -8.72 6.90
CA ALA G 33 44.08 -9.32 8.21
C ALA G 33 45.37 -9.30 9.01
N MET G 34 45.23 -9.17 10.34
CA MET G 34 46.34 -9.14 11.27
C MET G 34 46.36 -10.44 12.08
N SER G 35 47.54 -10.79 12.58
CA SER G 35 47.69 -12.03 13.35
C SER G 35 48.80 -11.84 14.39
N TRP G 36 48.82 -12.76 15.35
CA TRP G 36 49.79 -12.76 16.44
C TRP G 36 50.47 -14.12 16.50
N PHE G 37 51.77 -14.11 16.83
CA PHE G 37 52.55 -15.34 16.93
C PHE G 37 53.36 -15.35 18.22
N ARG G 38 53.78 -16.55 18.61
CA ARG G 38 54.62 -16.76 19.77
C ARG G 38 55.79 -17.66 19.40
N GLN G 39 56.99 -17.30 19.88
CA GLN G 39 58.20 -18.09 19.65
C GLN G 39 58.86 -18.33 21.02
N ALA G 40 58.71 -19.53 21.55
CA ALA G 40 59.27 -19.87 22.85
C ALA G 40 60.77 -20.14 22.73
N PRO G 41 61.54 -19.80 23.77
CA PRO G 41 62.97 -20.15 23.77
C PRO G 41 63.17 -21.66 23.87
N GLY G 42 63.92 -22.21 22.92
CA GLY G 42 64.11 -23.64 22.84
C GLY G 42 63.01 -24.39 22.12
N LYS G 43 62.01 -23.69 21.58
CA LYS G 43 60.91 -24.29 20.84
C LYS G 43 60.69 -23.54 19.55
N GLU G 44 59.87 -24.11 18.68
CA GLU G 44 59.55 -23.51 17.40
C GLU G 44 58.47 -22.44 17.56
N ARG G 45 58.14 -21.78 16.46
CA ARG G 45 57.12 -20.74 16.47
C ARG G 45 55.72 -21.35 16.57
N GLU G 46 54.84 -20.65 17.28
CA GLU G 46 53.49 -21.13 17.54
C GLU G 46 52.50 -20.02 17.23
N PHE G 47 51.27 -20.42 16.87
CA PHE G 47 50.22 -19.48 16.50
C PHE G 47 49.42 -19.07 17.73
N VAL G 48 48.97 -17.81 17.74
CA VAL G 48 48.25 -17.27 18.89
C VAL G 48 46.82 -16.91 18.51
N ALA G 49 46.67 -15.95 17.59
CA ALA G 49 45.35 -15.40 17.30
C ALA G 49 45.37 -14.75 15.92
N VAL G 50 44.17 -14.54 15.37
CA VAL G 50 44.00 -13.86 14.09
C VAL G 50 42.69 -13.09 14.15
N ALA G 51 42.63 -11.99 13.40
CA ALA G 51 41.43 -11.17 13.28
C ALA G 51 41.13 -10.94 11.81
N ARG G 52 39.85 -11.05 11.45
CA ARG G 52 39.45 -10.96 10.04
C ARG G 52 39.33 -9.50 9.63
N ARG G 53 38.74 -9.27 8.45
CA ARG G 53 38.70 -7.92 7.88
C ARG G 53 37.70 -7.03 8.61
N SER G 54 36.43 -7.44 8.64
CA SER G 54 35.36 -6.64 9.22
C SER G 54 34.74 -7.32 10.44
N GLY G 55 35.51 -8.14 11.15
CA GLY G 55 35.01 -8.78 12.35
C GLY G 55 34.25 -10.06 12.11
N ASP G 56 34.56 -10.79 11.03
CA ASP G 56 33.83 -12.01 10.73
C ASP G 56 34.17 -13.14 11.69
N GLY G 57 35.46 -13.29 12.03
CA GLY G 57 35.88 -14.38 12.87
C GLY G 57 37.03 -14.06 13.80
N ALA G 58 36.95 -14.54 15.03
CA ALA G 58 38.04 -14.44 16.00
C ALA G 58 38.50 -15.86 16.34
N PHE G 59 39.65 -16.26 15.80
CA PHE G 59 40.15 -17.61 15.95
C PHE G 59 41.37 -17.61 16.85
N TYR G 60 41.52 -18.68 17.63
CA TYR G 60 42.60 -18.81 18.59
C TYR G 60 43.19 -20.22 18.47
N ALA G 61 44.21 -20.49 19.28
CA ALA G 61 44.84 -21.80 19.29
C ALA G 61 44.18 -22.67 20.37
N ASP G 62 44.73 -23.86 20.59
CA ASP G 62 44.13 -24.80 21.53
C ASP G 62 44.36 -24.35 22.98
N SER G 63 45.53 -23.78 23.27
CA SER G 63 45.87 -23.39 24.63
C SER G 63 45.45 -21.98 25.00
N VAL G 64 45.16 -21.12 24.01
CA VAL G 64 44.83 -19.73 24.26
C VAL G 64 43.42 -19.39 23.80
N GLN G 65 42.54 -20.40 23.71
CA GLN G 65 41.17 -20.18 23.24
C GLN G 65 40.35 -19.42 24.28
N GLY G 66 40.43 -19.83 25.54
CA GLY G 66 39.63 -19.21 26.58
C GLY G 66 40.40 -18.28 27.50
N ARG G 67 41.56 -17.80 27.07
CA ARG G 67 42.36 -16.90 27.89
C ARG G 67 42.70 -15.58 27.22
N PHE G 68 42.98 -15.59 25.92
CA PHE G 68 43.36 -14.37 25.21
C PHE G 68 42.18 -13.83 24.41
N THR G 69 42.19 -12.50 24.23
CA THR G 69 41.13 -11.81 23.49
C THR G 69 41.77 -10.81 22.55
N VAL G 70 41.57 -10.98 21.25
CA VAL G 70 42.15 -10.10 20.24
C VAL G 70 41.06 -9.19 19.70
N SER G 71 41.45 -7.95 19.36
CA SER G 71 40.53 -6.99 18.80
C SER G 71 41.30 -6.09 17.83
N ARG G 72 40.55 -5.33 17.04
CA ARG G 72 41.14 -4.42 16.07
C ARG G 72 40.33 -3.14 16.02
N ASP G 73 40.98 -2.06 15.58
CA ASP G 73 40.37 -0.75 15.48
C ASP G 73 40.57 -0.20 14.06
N ASP G 74 39.55 0.49 13.56
CA ASP G 74 39.59 1.04 12.21
C ASP G 74 39.95 2.53 12.20
N ALA G 75 39.69 3.25 13.28
CA ALA G 75 39.96 4.69 13.30
C ALA G 75 41.42 4.99 13.62
N LYS G 76 42.00 4.31 14.59
CA LYS G 76 43.39 4.53 14.97
C LYS G 76 44.36 3.61 14.24
N ASN G 77 43.86 2.71 13.39
CA ASN G 77 44.64 1.77 12.58
C ASN G 77 45.50 0.85 13.45
N THR G 78 45.01 0.51 14.64
CA THR G 78 45.73 -0.35 15.57
C THR G 78 44.89 -1.59 15.88
N VAL G 79 45.56 -2.61 16.42
CA VAL G 79 44.91 -3.79 16.94
C VAL G 79 45.23 -3.89 18.43
N TYR G 80 44.46 -4.74 19.12
CA TYR G 80 44.63 -4.90 20.56
C TYR G 80 44.52 -6.37 20.94
N LEU G 81 45.32 -6.78 21.93
CA LEU G 81 45.31 -8.15 22.43
C LEU G 81 45.13 -8.10 23.94
N GLN G 82 43.95 -8.47 24.41
CA GLN G 82 43.64 -8.50 25.84
C GLN G 82 44.05 -9.85 26.39
N MET G 83 45.20 -9.89 27.05
CA MET G 83 45.73 -11.13 27.63
C MET G 83 45.22 -11.28 29.06
N ASN G 84 44.47 -12.35 29.31
CA ASN G 84 43.93 -12.63 30.63
C ASN G 84 44.35 -14.02 31.07
N SER G 85 44.55 -14.17 32.39
CA SER G 85 44.94 -15.41 33.05
C SER G 85 46.26 -15.96 32.50
N LEU G 86 47.31 -15.15 32.65
CA LEU G 86 48.61 -15.50 32.12
C LEU G 86 49.27 -16.58 32.96
N LYS G 87 50.20 -17.31 32.34
CA LYS G 87 50.92 -18.38 32.99
C LYS G 87 52.41 -18.05 33.07
N PRO G 88 53.11 -18.51 34.11
CA PRO G 88 54.56 -18.27 34.19
C PRO G 88 55.37 -19.03 33.15
N GLU G 89 54.83 -20.12 32.60
CA GLU G 89 55.56 -20.92 31.62
C GLU G 89 55.36 -20.44 30.19
N ASP G 90 54.48 -19.45 29.97
CA ASP G 90 54.21 -18.93 28.63
C ASP G 90 55.01 -17.69 28.31
N THR G 91 56.12 -17.45 29.01
CA THR G 91 56.96 -16.30 28.74
C THR G 91 57.78 -16.53 27.47
N ALA G 92 57.60 -15.63 26.49
CA ALA G 92 58.26 -15.74 25.20
C ALA G 92 58.19 -14.38 24.51
N VAL G 93 58.84 -14.29 23.35
CA VAL G 93 58.77 -13.11 22.50
C VAL G 93 57.52 -13.19 21.64
N TYR G 94 56.77 -12.09 21.57
CA TYR G 94 55.51 -12.02 20.84
C TYR G 94 55.70 -11.19 19.58
N TYR G 95 55.22 -11.70 18.45
CA TYR G 95 55.41 -11.06 17.16
C TYR G 95 54.08 -10.63 16.56
N CYS G 96 54.16 -9.63 15.70
CA CYS G 96 53.06 -9.20 14.85
C CYS G 96 53.40 -9.52 13.40
N ALA G 97 52.36 -9.68 12.58
CA ALA G 97 52.54 -10.15 11.21
C ALA G 97 51.68 -9.34 10.26
N ILE G 98 52.10 -9.33 9.00
CA ILE G 98 51.43 -8.60 7.93
C ILE G 98 51.11 -9.59 6.82
N ASP G 99 49.83 -9.74 6.49
CA ASP G 99 49.40 -10.61 5.40
C ASP G 99 49.44 -9.83 4.09
N SER G 100 50.14 -10.38 3.10
CA SER G 100 50.33 -9.72 1.82
C SER G 100 49.44 -10.29 0.71
N ASP G 101 48.44 -11.08 1.06
CA ASP G 101 47.53 -11.65 0.08
C ASP G 101 46.37 -10.67 -0.15
N THR G 102 46.19 -10.25 -1.39
CA THR G 102 45.21 -9.22 -1.74
C THR G 102 44.01 -9.87 -2.40
N PHE G 103 42.81 -9.47 -1.96
CA PHE G 103 41.50 -9.97 -2.41
C PHE G 103 41.32 -11.47 -2.16
N TYR G 104 42.05 -12.05 -1.20
CA TYR G 104 41.89 -13.45 -0.86
C TYR G 104 42.08 -13.63 0.65
N SER G 105 41.47 -14.68 1.19
CA SER G 105 41.55 -14.98 2.61
C SER G 105 42.80 -15.79 2.97
N GLY G 106 43.69 -16.05 2.02
CA GLY G 106 44.92 -16.75 2.33
C GLY G 106 45.87 -15.91 3.16
N SER G 107 46.73 -16.59 3.90
CA SER G 107 47.64 -15.95 4.84
C SER G 107 49.08 -16.18 4.40
N TYR G 108 49.81 -15.09 4.21
CA TYR G 108 51.26 -15.12 4.00
C TYR G 108 51.89 -14.42 5.19
N ASP G 109 52.51 -15.19 6.08
CA ASP G 109 52.93 -14.71 7.39
C ASP G 109 54.40 -14.30 7.35
N TYR G 110 54.68 -13.09 7.82
CA TYR G 110 56.05 -12.59 7.95
C TYR G 110 56.08 -11.61 9.11
N TRP G 111 57.07 -11.76 9.99
CA TRP G 111 57.17 -10.96 11.20
C TRP G 111 58.24 -9.88 11.01
N GLY G 112 57.82 -8.62 11.10
CA GLY G 112 58.73 -7.50 10.97
C GLY G 112 59.48 -7.18 12.24
N GLN G 113 58.77 -7.11 13.36
CA GLN G 113 59.35 -6.71 14.63
C GLN G 113 58.51 -7.30 15.76
N GLY G 114 59.17 -7.65 16.85
CA GLY G 114 58.48 -8.23 17.99
C GLY G 114 59.15 -7.82 19.29
N THR G 115 58.32 -7.64 20.31
CA THR G 115 58.78 -7.23 21.64
C THR G 115 58.86 -8.41 22.58
N GLN G 116 59.68 -8.26 23.62
CA GLN G 116 59.97 -9.32 24.58
C GLN G 116 59.04 -9.14 25.79
N VAL G 117 58.01 -9.98 25.87
CA VAL G 117 57.08 -9.98 27.00
C VAL G 117 57.55 -11.09 27.94
N THR G 118 58.19 -10.69 29.04
CA THR G 118 58.74 -11.63 30.03
C THR G 118 57.98 -11.45 31.34
N VAL G 119 57.21 -12.48 31.71
CA VAL G 119 56.47 -12.45 32.96
C VAL G 119 57.38 -12.92 34.09
N SER G 120 56.98 -12.61 35.32
CA SER G 120 57.74 -12.99 36.50
C SER G 120 57.15 -14.25 37.14
#